data_2MBB
#
_entry.id   2MBB
#
loop_
_entity.id
_entity.type
_entity.pdbx_description
1 polymer 'Immunoglobulin G-binding protein G/DNA polymerase iota fusion protein'
2 polymer Polyubiquitin-B
#
loop_
_entity_poly.entity_id
_entity_poly.type
_entity_poly.pdbx_seq_one_letter_code
_entity_poly.pdbx_strand_id
1 'polypeptide(L)'
;MQYKLILNGKTLKGETTTEAVDAATAEKVFKQYANDNGVDGEWTYDDATKTFTVTEGSNEFPLCSLPEGVDQEVFKQLPV
DIQEEILSGKSREKFQGKLEHHHHHH
;
A
2 'polypeptide(L)' SHMQIFVKTLTGKTITLEVEPSDTIENVKAKIQDKEGIPPDQQRLIFAGKQLEDGRTLSDYNIQKESTLHLVLRLRGG B
#
# COMPACT_ATOMS: atom_id res chain seq x y z
N PRO A 62 2.66 -18.85 4.28
CA PRO A 62 1.69 -19.53 3.41
C PRO A 62 1.35 -18.70 2.17
N LEU A 63 2.22 -18.77 1.17
CA LEU A 63 2.00 -18.03 -0.08
C LEU A 63 1.63 -18.98 -1.21
N CYS A 64 0.71 -19.90 -0.94
CA CYS A 64 0.27 -20.86 -1.93
C CYS A 64 -0.96 -20.34 -2.69
N SER A 65 -1.69 -19.43 -2.05
CA SER A 65 -2.88 -18.86 -2.67
C SER A 65 -2.76 -17.35 -2.79
N LEU A 66 -2.28 -16.89 -3.94
CA LEU A 66 -2.11 -15.46 -4.19
C LEU A 66 -3.11 -14.96 -5.23
N PRO A 67 -3.45 -13.67 -5.16
CA PRO A 67 -4.39 -13.04 -6.10
C PRO A 67 -3.80 -12.91 -7.51
N GLU A 68 -4.64 -12.47 -8.44
CA GLU A 68 -4.21 -12.29 -9.82
C GLU A 68 -3.22 -11.13 -9.95
N GLY A 69 -2.25 -11.28 -10.85
CA GLY A 69 -1.26 -10.25 -11.05
C GLY A 69 -0.51 -9.91 -9.77
N VAL A 70 -0.53 -10.84 -8.81
CA VAL A 70 0.16 -10.63 -7.55
C VAL A 70 1.67 -10.64 -7.73
N ASP A 71 2.37 -9.81 -6.94
CA ASP A 71 3.81 -9.73 -7.02
C ASP A 71 4.46 -10.45 -5.85
N GLN A 72 5.08 -11.60 -6.14
CA GLN A 72 5.73 -12.40 -5.09
C GLN A 72 6.68 -11.54 -4.28
N GLU A 73 7.55 -10.79 -4.96
CA GLU A 73 8.51 -9.92 -4.29
C GLU A 73 7.81 -9.00 -3.30
N VAL A 74 6.72 -8.39 -3.74
CA VAL A 74 5.96 -7.48 -2.89
C VAL A 74 5.26 -8.23 -1.77
N PHE A 75 4.85 -9.46 -2.05
CA PHE A 75 4.16 -10.28 -1.07
C PHE A 75 5.10 -10.66 0.08
N LYS A 76 6.22 -11.28 -0.26
CA LYS A 76 7.21 -11.69 0.73
C LYS A 76 7.85 -10.47 1.40
N GLN A 77 7.65 -9.30 0.80
CA GLN A 77 8.20 -8.07 1.33
C GLN A 77 7.25 -7.43 2.33
N LEU A 78 5.96 -7.68 2.16
CA LEU A 78 4.94 -7.14 3.05
C LEU A 78 4.93 -7.87 4.38
N PRO A 79 4.38 -7.22 5.42
CA PRO A 79 4.29 -7.80 6.76
C PRO A 79 3.29 -8.94 6.84
N VAL A 80 3.37 -9.71 7.91
CA VAL A 80 2.46 -10.85 8.10
C VAL A 80 1.00 -10.39 8.13
N ASP A 81 0.79 -9.17 8.58
CA ASP A 81 -0.56 -8.61 8.67
C ASP A 81 -1.19 -8.51 7.27
N ILE A 82 -0.40 -8.07 6.31
CA ILE A 82 -0.87 -7.93 4.93
C ILE A 82 -0.90 -9.29 4.22
N GLN A 83 0.00 -10.17 4.62
CA GLN A 83 0.08 -11.50 4.02
C GLN A 83 -1.13 -12.34 4.41
N GLU A 84 -1.71 -12.03 5.56
CA GLU A 84 -2.88 -12.77 6.04
C GLU A 84 -4.17 -12.15 5.51
N GLU A 85 -4.11 -10.86 5.20
CA GLU A 85 -5.29 -10.15 4.68
C GLU A 85 -5.58 -10.57 3.24
N ILE A 86 -4.53 -10.74 2.45
CA ILE A 86 -4.67 -11.13 1.05
C ILE A 86 -4.96 -12.63 0.94
N LEU A 87 -4.42 -13.40 1.89
CA LEU A 87 -4.61 -14.85 1.88
C LEU A 87 -6.05 -15.20 2.24
N SER A 88 -6.66 -14.40 3.10
CA SER A 88 -8.03 -14.63 3.53
C SER A 88 -9.00 -14.47 2.36
N GLY A 89 -8.55 -13.75 1.33
CA GLY A 89 -9.40 -13.53 0.16
C GLY A 89 -10.31 -12.32 0.32
N LYS A 90 -9.90 -11.39 1.18
CA LYS A 90 -10.69 -10.19 1.41
C LYS A 90 -9.96 -8.95 0.89
N SER A 91 -10.57 -7.79 1.08
CA SER A 91 -9.98 -6.53 0.62
C SER A 91 -9.67 -6.60 -0.87
N ARG A 92 -10.71 -6.61 -1.69
CA ARG A 92 -10.53 -6.68 -3.13
C ARG A 92 -11.41 -5.64 -3.84
N GLU A 93 -10.81 -4.50 -4.17
CA GLU A 93 -11.54 -3.43 -4.84
C GLU A 93 -11.05 -3.26 -6.27
N LYS A 94 -9.74 -3.28 -6.46
CA LYS A 94 -9.15 -3.13 -7.78
C LYS A 94 -9.74 -4.14 -8.76
N PHE A 95 -9.54 -5.43 -8.46
CA PHE A 95 -10.06 -6.50 -9.31
C PHE A 95 -11.09 -7.33 -8.56
N GLN A 96 -11.71 -8.27 -9.28
CA GLN A 96 -12.72 -9.14 -8.69
C GLN A 96 -12.13 -10.50 -8.33
N GLY A 97 -12.36 -10.92 -7.09
CA GLY A 97 -11.84 -12.21 -6.65
C GLY A 97 -12.21 -13.34 -7.59
N LYS A 98 -11.37 -14.37 -7.62
CA LYS A 98 -11.62 -15.52 -8.49
C LYS A 98 -12.13 -16.70 -7.67
N LEU A 99 -13.41 -16.64 -7.29
CA LEU A 99 -14.04 -17.71 -6.51
C LEU A 99 -14.52 -18.83 -7.43
N MET B 3 10.99 15.32 -1.62
CA MET B 3 11.49 13.97 -1.88
C MET B 3 10.41 13.10 -2.52
N GLN B 4 10.81 12.33 -3.52
CA GLN B 4 9.88 11.46 -4.22
C GLN B 4 9.96 10.03 -3.69
N ILE B 5 8.82 9.42 -3.45
CA ILE B 5 8.75 8.06 -2.93
C ILE B 5 8.06 7.13 -3.92
N PHE B 6 8.47 5.86 -3.91
CA PHE B 6 7.90 4.87 -4.81
C PHE B 6 6.95 3.94 -4.06
N VAL B 7 5.72 3.85 -4.52
CA VAL B 7 4.72 3.00 -3.89
C VAL B 7 4.44 1.75 -4.73
N LYS B 8 4.92 0.61 -4.25
CA LYS B 8 4.73 -0.65 -4.96
C LYS B 8 3.54 -1.41 -4.40
N THR B 9 2.47 -1.50 -5.19
CA THR B 9 1.27 -2.21 -4.78
C THR B 9 1.47 -3.72 -4.79
N LEU B 10 0.48 -4.45 -4.30
CA LEU B 10 0.56 -5.91 -4.26
C LEU B 10 0.76 -6.48 -5.65
N THR B 11 0.36 -5.72 -6.67
CA THR B 11 0.50 -6.16 -8.05
C THR B 11 1.83 -5.72 -8.63
N GLY B 12 2.73 -5.26 -7.77
CA GLY B 12 4.03 -4.81 -8.22
C GLY B 12 3.96 -3.52 -9.03
N LYS B 13 2.99 -2.68 -8.69
CA LYS B 13 2.82 -1.41 -9.40
C LYS B 13 3.47 -0.27 -8.63
N THR B 14 4.58 0.24 -9.17
CA THR B 14 5.30 1.34 -8.53
C THR B 14 4.67 2.68 -8.88
N ILE B 15 4.48 3.52 -7.86
CA ILE B 15 3.88 4.83 -8.06
C ILE B 15 4.74 5.92 -7.41
N THR B 16 5.29 6.81 -8.23
CA THR B 16 6.13 7.89 -7.73
C THR B 16 5.27 9.05 -7.23
N LEU B 17 5.50 9.45 -5.99
CA LEU B 17 4.76 10.55 -5.38
C LEU B 17 5.70 11.59 -4.80
N GLU B 18 5.42 12.87 -5.08
CA GLU B 18 6.24 13.96 -4.58
C GLU B 18 5.74 14.44 -3.22
N VAL B 19 6.44 14.05 -2.16
CA VAL B 19 6.06 14.44 -0.80
C VAL B 19 7.26 14.96 -0.03
N GLU B 20 7.02 15.36 1.22
CA GLU B 20 8.09 15.88 2.07
C GLU B 20 8.06 15.23 3.45
N PRO B 21 9.19 15.32 4.16
CA PRO B 21 9.32 14.73 5.50
C PRO B 21 8.50 15.48 6.54
N SER B 22 7.97 16.64 6.15
CA SER B 22 7.16 17.45 7.05
C SER B 22 5.67 17.22 6.80
N ASP B 23 5.34 16.79 5.58
CA ASP B 23 3.96 16.53 5.21
C ASP B 23 3.38 15.39 6.05
N THR B 24 2.09 15.12 5.87
CA THR B 24 1.42 14.06 6.61
C THR B 24 1.04 12.91 5.68
N ILE B 25 0.86 11.72 6.25
CA ILE B 25 0.50 10.55 5.47
C ILE B 25 -0.74 10.82 4.62
N GLU B 26 -1.64 11.64 5.14
CA GLU B 26 -2.87 11.98 4.42
C GLU B 26 -2.54 12.56 3.05
N ASN B 27 -1.45 13.32 2.98
CA ASN B 27 -1.02 13.94 1.73
C ASN B 27 -0.48 12.90 0.77
N VAL B 28 0.28 11.95 1.29
CA VAL B 28 0.86 10.89 0.48
C VAL B 28 -0.22 9.99 -0.11
N LYS B 29 -1.22 9.65 0.69
CA LYS B 29 -2.32 8.81 0.25
C LYS B 29 -3.12 9.49 -0.85
N ALA B 30 -3.37 10.78 -0.68
CA ALA B 30 -4.13 11.55 -1.67
C ALA B 30 -3.48 11.44 -3.06
N LYS B 31 -2.16 11.53 -3.10
CA LYS B 31 -1.42 11.43 -4.36
C LYS B 31 -1.75 10.13 -5.08
N ILE B 32 -1.65 9.02 -4.36
CA ILE B 32 -1.93 7.70 -4.93
C ILE B 32 -3.31 7.68 -5.58
N GLN B 33 -4.23 8.46 -5.03
CA GLN B 33 -5.59 8.52 -5.57
C GLN B 33 -5.59 9.08 -6.99
N ASP B 34 -4.85 10.15 -7.20
CA ASP B 34 -4.77 10.78 -8.52
C ASP B 34 -3.85 9.98 -9.44
N LYS B 35 -3.23 8.94 -8.90
CA LYS B 35 -2.33 8.09 -9.67
C LYS B 35 -3.04 6.82 -10.13
N GLU B 36 -3.57 6.07 -9.17
CA GLU B 36 -4.28 4.84 -9.47
C GLU B 36 -5.79 5.05 -9.45
N GLY B 37 -6.28 5.69 -8.40
CA GLY B 37 -7.70 5.95 -8.27
C GLY B 37 -8.34 5.18 -7.13
N ILE B 38 -7.57 4.97 -6.07
CA ILE B 38 -8.06 4.24 -4.91
C ILE B 38 -8.35 5.19 -3.75
N PRO B 39 -9.56 5.05 -3.16
CA PRO B 39 -9.99 5.88 -2.04
C PRO B 39 -9.22 5.57 -0.76
N PRO B 40 -9.31 6.49 0.21
CA PRO B 40 -8.64 6.33 1.51
C PRO B 40 -9.25 5.23 2.35
N ASP B 41 -10.38 4.69 1.89
CA ASP B 41 -11.07 3.62 2.61
C ASP B 41 -10.49 2.25 2.23
N GLN B 42 -9.99 2.14 1.01
CA GLN B 42 -9.41 0.89 0.54
C GLN B 42 -7.91 1.05 0.32
N GLN B 43 -7.40 2.24 0.56
CA GLN B 43 -5.97 2.52 0.39
C GLN B 43 -5.22 2.31 1.69
N ARG B 44 -4.14 1.52 1.64
CA ARG B 44 -3.34 1.25 2.81
C ARG B 44 -1.85 1.40 2.50
N LEU B 45 -1.11 1.95 3.45
CA LEU B 45 0.33 2.15 3.28
C LEU B 45 1.12 1.20 4.16
N ILE B 46 2.32 0.84 3.71
CA ILE B 46 3.18 -0.07 4.45
C ILE B 46 4.63 0.41 4.45
N PHE B 47 5.15 0.71 5.62
CA PHE B 47 6.53 1.17 5.75
C PHE B 47 7.15 0.71 7.07
N ALA B 48 8.44 0.37 7.04
CA ALA B 48 9.14 -0.08 8.23
C ALA B 48 8.58 -1.41 8.72
N GLY B 49 7.80 -2.07 7.87
CA GLY B 49 7.22 -3.35 8.24
C GLY B 49 5.87 -3.20 8.93
N LYS B 50 5.39 -1.96 9.02
CA LYS B 50 4.11 -1.69 9.67
C LYS B 50 3.30 -0.70 8.84
N GLN B 51 1.99 -0.70 9.06
CA GLN B 51 1.09 0.19 8.33
C GLN B 51 1.13 1.60 8.93
N LEU B 52 0.99 2.60 8.07
CA LEU B 52 1.02 3.99 8.51
C LEU B 52 -0.40 4.52 8.71
N GLU B 53 -0.52 5.64 9.43
CA GLU B 53 -1.81 6.24 9.69
C GLU B 53 -1.87 7.66 9.13
N ASP B 54 -3.09 8.13 8.88
CA ASP B 54 -3.29 9.47 8.33
C ASP B 54 -3.11 10.53 9.42
N GLY B 55 -3.10 10.09 10.67
CA GLY B 55 -2.92 11.00 11.79
C GLY B 55 -1.48 11.10 12.26
N ARG B 56 -0.55 11.09 11.31
CA ARG B 56 0.87 11.16 11.63
C ARG B 56 1.65 11.79 10.49
N THR B 57 2.91 12.11 10.74
CA THR B 57 3.77 12.72 9.73
C THR B 57 4.72 11.71 9.13
N LEU B 58 5.14 11.95 7.89
CA LEU B 58 6.06 11.05 7.19
C LEU B 58 7.34 10.86 8.00
N SER B 59 7.90 11.96 8.48
CA SER B 59 9.13 11.91 9.26
C SER B 59 8.95 11.04 10.51
N ASP B 60 7.71 10.92 10.96
CA ASP B 60 7.40 10.12 12.14
C ASP B 60 7.72 8.64 11.90
N TYR B 61 7.56 8.21 10.65
CA TYR B 61 7.83 6.82 10.28
C TYR B 61 9.21 6.68 9.66
N ASN B 62 10.02 7.73 9.77
CA ASN B 62 11.36 7.73 9.21
C ASN B 62 11.33 7.62 7.69
N ILE B 63 10.29 8.17 7.08
CA ILE B 63 10.13 8.12 5.63
C ILE B 63 11.18 8.99 4.95
N GLN B 64 12.28 8.37 4.53
CA GLN B 64 13.36 9.08 3.86
C GLN B 64 13.06 9.22 2.37
N LYS B 65 13.99 9.85 1.64
CA LYS B 65 13.84 10.03 0.21
C LYS B 65 13.84 8.70 -0.53
N GLU B 66 13.13 8.65 -1.66
CA GLU B 66 13.06 7.43 -2.46
C GLU B 66 12.58 6.26 -1.60
N SER B 67 11.81 6.56 -0.56
CA SER B 67 11.29 5.54 0.34
C SER B 67 10.49 4.50 -0.44
N THR B 68 10.73 3.23 -0.14
CA THR B 68 10.02 2.14 -0.80
C THR B 68 8.71 1.82 -0.10
N LEU B 69 7.65 2.52 -0.47
CA LEU B 69 6.34 2.31 0.15
C LEU B 69 5.60 1.17 -0.56
N HIS B 70 4.64 0.58 0.14
CA HIS B 70 3.84 -0.51 -0.40
C HIS B 70 2.36 -0.26 -0.21
N LEU B 71 1.63 -0.15 -1.32
CA LEU B 71 0.19 0.09 -1.28
C LEU B 71 -0.57 -1.23 -1.18
N VAL B 72 -1.48 -1.30 -0.20
CA VAL B 72 -2.29 -2.50 -0.01
C VAL B 72 -3.77 -2.16 0.02
N LEU B 73 -4.59 -3.11 -0.44
CA LEU B 73 -6.04 -2.91 -0.48
C LEU B 73 -6.65 -3.19 0.88
N ARG B 74 -7.43 -2.24 1.38
CA ARG B 74 -8.09 -2.38 2.67
C ARG B 74 -9.41 -3.11 2.54
N LEU B 75 -9.98 -3.52 3.67
CA LEU B 75 -11.25 -4.24 3.67
C LEU B 75 -12.29 -3.51 2.83
N ARG B 76 -12.83 -4.21 1.84
CA ARG B 76 -13.84 -3.63 0.96
C ARG B 76 -15.11 -4.48 0.94
N GLY B 77 -16.24 -3.84 0.63
CA GLY B 77 -17.51 -4.56 0.60
C GLY B 77 -17.44 -5.80 -0.27
N GLY B 78 -17.06 -5.63 -1.52
CA GLY B 78 -16.97 -6.76 -2.43
C GLY B 78 -15.54 -7.18 -2.70
N PRO A 62 7.52 -19.93 -3.09
CA PRO A 62 6.14 -19.69 -3.49
C PRO A 62 5.17 -19.75 -2.31
N LEU A 63 4.18 -18.86 -2.32
CA LEU A 63 3.19 -18.81 -1.25
C LEU A 63 2.14 -19.90 -1.44
N CYS A 64 1.19 -19.96 -0.49
CA CYS A 64 0.13 -20.95 -0.55
C CYS A 64 -0.92 -20.56 -1.60
N SER A 65 -1.52 -19.39 -1.42
CA SER A 65 -2.53 -18.91 -2.35
C SER A 65 -2.45 -17.39 -2.50
N LEU A 66 -2.00 -16.95 -3.68
CA LEU A 66 -1.87 -15.52 -3.97
C LEU A 66 -2.89 -15.08 -5.00
N PRO A 67 -3.28 -13.80 -4.94
CA PRO A 67 -4.24 -13.22 -5.88
C PRO A 67 -3.68 -13.09 -7.29
N GLU A 68 -4.54 -12.68 -8.22
CA GLU A 68 -4.13 -12.51 -9.61
C GLU A 68 -3.19 -11.32 -9.76
N GLY A 69 -2.23 -11.44 -10.67
CA GLY A 69 -1.27 -10.37 -10.90
C GLY A 69 -0.52 -9.99 -9.64
N VAL A 70 -0.49 -10.90 -8.67
CA VAL A 70 0.20 -10.66 -7.41
C VAL A 70 1.72 -10.65 -7.61
N ASP A 71 2.40 -9.79 -6.85
CA ASP A 71 3.85 -9.69 -6.94
C ASP A 71 4.52 -10.41 -5.78
N GLN A 72 5.12 -11.56 -6.06
CA GLN A 72 5.80 -12.34 -5.04
C GLN A 72 6.77 -11.47 -4.24
N GLU A 73 7.65 -10.78 -4.96
CA GLU A 73 8.63 -9.90 -4.32
C GLU A 73 7.97 -8.95 -3.34
N VAL A 74 6.77 -8.47 -3.70
CA VAL A 74 6.03 -7.55 -2.85
C VAL A 74 5.37 -8.29 -1.69
N PHE A 75 4.95 -9.52 -1.94
CA PHE A 75 4.30 -10.33 -0.92
C PHE A 75 5.26 -10.63 0.23
N LYS A 76 6.40 -11.22 -0.09
CA LYS A 76 7.41 -11.56 0.91
C LYS A 76 8.00 -10.30 1.52
N GLN A 77 7.76 -9.16 0.88
CA GLN A 77 8.27 -7.88 1.37
C GLN A 77 7.28 -7.22 2.32
N LEU A 78 6.03 -7.66 2.27
CA LEU A 78 4.99 -7.12 3.13
C LEU A 78 4.94 -7.86 4.47
N PRO A 79 4.38 -7.19 5.48
CA PRO A 79 4.26 -7.76 6.83
C PRO A 79 3.25 -8.89 6.89
N VAL A 80 3.28 -9.66 7.96
CA VAL A 80 2.35 -10.78 8.14
C VAL A 80 0.91 -10.29 8.15
N ASP A 81 0.70 -9.04 8.57
CA ASP A 81 -0.63 -8.46 8.62
C ASP A 81 -1.26 -8.44 7.23
N ILE A 82 -0.47 -8.05 6.24
CA ILE A 82 -0.96 -7.99 4.86
C ILE A 82 -0.98 -9.36 4.22
N GLN A 83 -0.09 -10.24 4.67
CA GLN A 83 -0.01 -11.59 4.14
C GLN A 83 -1.23 -12.41 4.55
N GLU A 84 -1.86 -12.01 5.66
CA GLU A 84 -3.03 -12.71 6.16
C GLU A 84 -4.31 -12.10 5.61
N GLU A 85 -4.25 -10.81 5.27
CA GLU A 85 -5.40 -10.10 4.72
C GLU A 85 -5.67 -10.52 3.28
N ILE A 86 -4.60 -10.73 2.52
CA ILE A 86 -4.71 -11.13 1.13
C ILE A 86 -5.04 -12.63 1.01
N LEU A 87 -4.37 -13.44 1.82
CA LEU A 87 -4.59 -14.88 1.82
C LEU A 87 -6.06 -15.20 2.07
N SER A 88 -6.71 -14.39 2.91
CA SER A 88 -8.11 -14.59 3.23
C SER A 88 -9.00 -14.41 2.00
N GLY A 89 -8.47 -13.67 1.02
CA GLY A 89 -9.22 -13.43 -0.19
C GLY A 89 -10.12 -12.21 -0.08
N LYS A 90 -9.88 -11.39 0.94
CA LYS A 90 -10.68 -10.18 1.15
C LYS A 90 -9.96 -8.96 0.60
N SER A 91 -10.56 -7.79 0.79
CA SER A 91 -9.98 -6.54 0.32
C SER A 91 -9.63 -6.64 -1.17
N ARG A 92 -10.65 -6.69 -2.02
CA ARG A 92 -10.44 -6.80 -3.46
C ARG A 92 -11.29 -5.76 -4.19
N GLU A 93 -10.93 -4.49 -4.04
CA GLU A 93 -11.66 -3.40 -4.71
C GLU A 93 -10.93 -2.95 -5.96
N LYS A 94 -9.60 -2.97 -5.91
CA LYS A 94 -8.79 -2.55 -7.05
C LYS A 94 -9.23 -3.29 -8.32
N PHE A 95 -9.33 -4.60 -8.24
CA PHE A 95 -9.73 -5.42 -9.38
C PHE A 95 -10.81 -6.42 -8.97
N GLN A 96 -11.34 -7.13 -9.97
CA GLN A 96 -12.37 -8.13 -9.71
C GLN A 96 -11.89 -9.52 -10.10
N GLY A 97 -12.52 -10.54 -9.52
CA GLY A 97 -12.13 -11.91 -9.82
C GLY A 97 -12.10 -12.20 -11.30
N LYS A 98 -10.89 -12.29 -11.85
CA LYS A 98 -10.72 -12.56 -13.28
C LYS A 98 -10.87 -14.05 -13.58
N LEU A 99 -12.08 -14.44 -13.97
CA LEU A 99 -12.36 -15.84 -14.28
C LEU A 99 -13.58 -15.95 -15.21
N MET B 3 10.97 15.33 -1.75
CA MET B 3 11.48 13.99 -2.00
C MET B 3 10.40 13.11 -2.63
N GLN B 4 10.80 12.36 -3.65
CA GLN B 4 9.86 11.47 -4.35
C GLN B 4 9.93 10.06 -3.78
N ILE B 5 8.77 9.46 -3.54
CA ILE B 5 8.70 8.11 -3.00
C ILE B 5 8.02 7.16 -3.98
N PHE B 6 8.42 5.90 -3.97
CA PHE B 6 7.85 4.90 -4.85
C PHE B 6 6.91 3.97 -4.08
N VAL B 7 5.67 3.87 -4.55
CA VAL B 7 4.68 3.02 -3.92
C VAL B 7 4.40 1.77 -4.76
N LYS B 8 4.87 0.63 -4.29
CA LYS B 8 4.67 -0.63 -4.99
C LYS B 8 3.49 -1.40 -4.41
N THR B 9 2.40 -1.47 -5.17
CA THR B 9 1.20 -2.18 -4.73
C THR B 9 1.43 -3.69 -4.73
N LEU B 10 0.44 -4.43 -4.24
CA LEU B 10 0.52 -5.89 -4.19
C LEU B 10 0.73 -6.47 -5.59
N THR B 11 0.28 -5.73 -6.60
CA THR B 11 0.42 -6.17 -7.98
C THR B 11 1.76 -5.72 -8.58
N GLY B 12 2.64 -5.22 -7.72
CA GLY B 12 3.94 -4.76 -8.17
C GLY B 12 3.85 -3.48 -8.99
N LYS B 13 2.86 -2.65 -8.68
CA LYS B 13 2.66 -1.40 -9.38
C LYS B 13 3.34 -0.25 -8.64
N THR B 14 4.42 0.26 -9.20
CA THR B 14 5.16 1.36 -8.59
C THR B 14 4.52 2.70 -8.93
N ILE B 15 4.33 3.53 -7.91
CA ILE B 15 3.73 4.85 -8.09
C ILE B 15 4.58 5.94 -7.45
N THR B 16 5.18 6.78 -8.28
CA THR B 16 6.02 7.87 -7.81
C THR B 16 5.17 9.03 -7.29
N LEU B 17 5.47 9.48 -6.08
CA LEU B 17 4.73 10.59 -5.48
C LEU B 17 5.69 11.61 -4.87
N GLU B 18 5.44 12.88 -5.15
CA GLU B 18 6.27 13.96 -4.63
C GLU B 18 5.77 14.45 -3.28
N VAL B 19 6.45 14.03 -2.21
CA VAL B 19 6.07 14.43 -0.86
C VAL B 19 7.27 14.94 -0.08
N GLU B 20 7.04 15.32 1.18
CA GLU B 20 8.10 15.83 2.03
C GLU B 20 8.08 15.15 3.39
N PRO B 21 9.21 15.22 4.12
CA PRO B 21 9.34 14.61 5.44
C PRO B 21 8.52 15.35 6.50
N SER B 22 8.03 16.53 6.14
CA SER B 22 7.23 17.34 7.06
C SER B 22 5.74 17.14 6.80
N ASP B 23 5.40 16.74 5.57
CA ASP B 23 4.02 16.51 5.19
C ASP B 23 3.41 15.39 6.03
N THR B 24 2.11 15.17 5.85
CA THR B 24 1.40 14.12 6.59
C THR B 24 0.99 12.98 5.68
N ILE B 25 0.78 11.80 6.26
CA ILE B 25 0.39 10.63 5.51
C ILE B 25 -0.85 10.91 4.66
N GLU B 26 -1.67 11.85 5.12
CA GLU B 26 -2.89 12.21 4.41
C GLU B 26 -2.56 12.81 3.04
N ASN B 27 -1.41 13.46 2.95
CA ASN B 27 -0.97 14.08 1.70
C ASN B 27 -0.42 13.04 0.74
N VAL B 28 0.29 12.05 1.29
CA VAL B 28 0.88 10.99 0.47
C VAL B 28 -0.20 10.10 -0.13
N LYS B 29 -1.13 9.65 0.72
CA LYS B 29 -2.22 8.79 0.27
C LYS B 29 -3.07 9.50 -0.77
N ALA B 30 -3.22 10.81 -0.62
CA ALA B 30 -4.02 11.60 -1.55
C ALA B 30 -3.44 11.53 -2.96
N LYS B 31 -2.12 11.63 -3.07
CA LYS B 31 -1.45 11.58 -4.36
C LYS B 31 -1.77 10.28 -5.08
N ILE B 32 -1.68 9.16 -4.37
CA ILE B 32 -1.97 7.85 -4.94
C ILE B 32 -3.35 7.84 -5.60
N GLN B 33 -4.29 8.53 -4.99
CA GLN B 33 -5.66 8.59 -5.51
C GLN B 33 -5.67 9.17 -6.91
N ASP B 34 -4.92 10.24 -7.12
CA ASP B 34 -4.85 10.89 -8.43
C ASP B 34 -3.95 10.09 -9.38
N LYS B 35 -3.32 9.04 -8.85
CA LYS B 35 -2.45 8.20 -9.65
C LYS B 35 -3.17 6.95 -10.12
N GLU B 36 -3.71 6.19 -9.18
CA GLU B 36 -4.43 4.97 -9.50
C GLU B 36 -5.94 5.19 -9.43
N GLY B 37 -6.40 5.81 -8.36
CA GLY B 37 -7.81 6.08 -8.19
C GLY B 37 -8.41 5.30 -7.03
N ILE B 38 -7.58 4.97 -6.05
CA ILE B 38 -8.05 4.23 -4.88
C ILE B 38 -8.33 5.16 -3.71
N PRO B 39 -9.52 5.03 -3.12
CA PRO B 39 -9.95 5.85 -1.98
C PRO B 39 -9.17 5.52 -0.71
N PRO B 40 -9.25 6.42 0.28
CA PRO B 40 -8.55 6.24 1.56
C PRO B 40 -9.17 5.13 2.40
N ASP B 41 -10.30 4.61 1.94
CA ASP B 41 -11.00 3.54 2.65
C ASP B 41 -10.43 2.17 2.26
N GLN B 42 -9.93 2.08 1.03
CA GLN B 42 -9.36 0.84 0.53
C GLN B 42 -7.86 0.97 0.32
N GLN B 43 -7.35 2.18 0.51
CA GLN B 43 -5.92 2.44 0.34
C GLN B 43 -5.17 2.21 1.65
N ARG B 44 -4.08 1.43 1.58
CA ARG B 44 -3.27 1.14 2.76
C ARG B 44 -1.79 1.32 2.46
N LEU B 45 -1.06 1.85 3.43
CA LEU B 45 0.37 2.08 3.27
C LEU B 45 1.18 1.13 4.14
N ILE B 46 2.37 0.78 3.69
CA ILE B 46 3.24 -0.13 4.44
C ILE B 46 4.68 0.37 4.45
N PHE B 47 5.19 0.65 5.65
CA PHE B 47 6.55 1.14 5.80
C PHE B 47 7.15 0.68 7.13
N ALA B 48 8.44 0.36 7.11
CA ALA B 48 9.13 -0.09 8.31
C ALA B 48 8.57 -1.42 8.80
N GLY B 49 7.81 -2.10 7.94
CA GLY B 49 7.22 -3.37 8.29
C GLY B 49 5.93 -3.21 9.07
N LYS B 50 5.33 -2.03 8.99
CA LYS B 50 4.08 -1.76 9.69
C LYS B 50 3.17 -0.88 8.84
N GLN B 51 1.93 -0.70 9.30
CA GLN B 51 0.96 0.11 8.59
C GLN B 51 1.00 1.56 9.08
N LEU B 52 0.89 2.50 8.14
CA LEU B 52 0.93 3.91 8.47
C LEU B 52 -0.49 4.47 8.64
N GLU B 53 -0.62 5.48 9.48
CA GLU B 53 -1.91 6.11 9.74
C GLU B 53 -1.99 7.49 9.12
N ASP B 54 -3.21 7.94 8.82
CA ASP B 54 -3.42 9.26 8.22
C ASP B 54 -3.31 10.36 9.27
N GLY B 55 -3.13 9.95 10.52
CA GLY B 55 -3.01 10.92 11.61
C GLY B 55 -1.59 11.04 12.12
N ARG B 56 -0.63 11.02 11.20
CA ARG B 56 0.77 11.12 11.56
C ARG B 56 1.59 11.73 10.41
N THR B 57 2.84 12.07 10.71
CA THR B 57 3.72 12.66 9.71
C THR B 57 4.67 11.63 9.12
N LEU B 58 5.09 11.84 7.88
CA LEU B 58 6.00 10.92 7.22
C LEU B 58 7.28 10.73 8.03
N SER B 59 7.81 11.83 8.54
CA SER B 59 9.04 11.79 9.33
C SER B 59 8.87 10.86 10.53
N ASP B 60 7.62 10.66 10.95
CA ASP B 60 7.33 9.80 12.09
C ASP B 60 7.68 8.34 11.77
N TYR B 61 7.51 7.96 10.51
CA TYR B 61 7.81 6.60 10.08
C TYR B 61 9.20 6.51 9.46
N ASN B 62 9.98 7.59 9.61
CA ASN B 62 11.33 7.63 9.07
C ASN B 62 11.32 7.51 7.55
N ILE B 63 10.30 8.09 6.93
CA ILE B 63 10.17 8.05 5.48
C ILE B 63 11.26 8.87 4.80
N GLN B 64 12.33 8.21 4.39
CA GLN B 64 13.44 8.88 3.73
C GLN B 64 13.18 9.02 2.24
N LYS B 65 13.98 9.83 1.57
CA LYS B 65 13.85 10.05 0.13
C LYS B 65 13.85 8.72 -0.62
N GLU B 66 13.13 8.68 -1.74
CA GLU B 66 13.06 7.47 -2.55
C GLU B 66 12.58 6.28 -1.71
N SER B 67 11.82 6.57 -0.65
CA SER B 67 11.32 5.53 0.23
C SER B 67 10.50 4.50 -0.56
N THR B 68 10.74 3.23 -0.28
CA THR B 68 10.04 2.15 -0.95
C THR B 68 8.75 1.79 -0.22
N LEU B 69 7.68 2.51 -0.52
CA LEU B 69 6.38 2.27 0.12
C LEU B 69 5.63 1.15 -0.60
N HIS B 70 4.68 0.55 0.10
CA HIS B 70 3.88 -0.54 -0.47
C HIS B 70 2.39 -0.27 -0.28
N LEU B 71 1.63 -0.38 -1.36
CA LEU B 71 0.19 -0.15 -1.31
C LEU B 71 -0.57 -1.47 -1.15
N VAL B 72 -1.54 -1.48 -0.26
CA VAL B 72 -2.35 -2.68 -0.02
C VAL B 72 -3.83 -2.34 0.04
N LEU B 73 -4.65 -3.21 -0.54
CA LEU B 73 -6.10 -3.02 -0.55
C LEU B 73 -6.70 -3.31 0.81
N ARG B 74 -7.51 -2.39 1.32
CA ARG B 74 -8.15 -2.55 2.61
C ARG B 74 -9.51 -3.23 2.46
N LEU B 75 -10.05 -3.71 3.58
CA LEU B 75 -11.34 -4.38 3.57
C LEU B 75 -12.40 -3.53 2.86
N ARG B 76 -13.04 -4.11 1.85
CA ARG B 76 -14.07 -3.41 1.09
C ARG B 76 -15.46 -3.73 1.63
N GLY B 77 -16.30 -2.70 1.75
CA GLY B 77 -17.65 -2.90 2.26
C GLY B 77 -18.14 -1.70 3.05
N GLY B 78 -17.21 -0.85 3.48
CA GLY B 78 -17.58 0.32 4.24
C GLY B 78 -16.73 0.49 5.49
N PRO A 62 2.74 -18.85 4.36
CA PRO A 62 1.78 -19.58 3.52
C PRO A 62 1.35 -18.75 2.31
N LEU A 63 2.18 -18.75 1.26
CA LEU A 63 1.88 -18.01 0.05
C LEU A 63 1.47 -18.94 -1.07
N CYS A 64 0.56 -19.86 -0.77
CA CYS A 64 0.09 -20.83 -1.76
C CYS A 64 -1.12 -20.28 -2.52
N SER A 65 -1.86 -19.39 -1.86
CA SER A 65 -3.04 -18.80 -2.47
C SER A 65 -2.89 -17.29 -2.61
N LEU A 66 -2.42 -16.85 -3.77
CA LEU A 66 -2.22 -15.42 -4.03
C LEU A 66 -3.23 -14.92 -5.05
N PRO A 67 -3.54 -13.61 -4.99
CA PRO A 67 -4.48 -12.97 -5.92
C PRO A 67 -3.91 -12.87 -7.33
N GLU A 68 -4.75 -12.42 -8.26
CA GLU A 68 -4.33 -12.27 -9.65
C GLU A 68 -3.33 -11.12 -9.81
N GLY A 69 -2.39 -11.29 -10.71
CA GLY A 69 -1.39 -10.27 -10.95
C GLY A 69 -0.61 -9.92 -9.69
N VAL A 70 -0.62 -10.84 -8.72
CA VAL A 70 0.09 -10.62 -7.46
C VAL A 70 1.59 -10.64 -7.68
N ASP A 71 2.30 -9.80 -6.92
CA ASP A 71 3.76 -9.73 -7.03
C ASP A 71 4.42 -10.45 -5.84
N GLN A 72 5.03 -11.59 -6.12
CA GLN A 72 5.70 -12.37 -5.09
C GLN A 72 6.66 -11.50 -4.29
N GLU A 73 7.54 -10.79 -5.00
CA GLU A 73 8.51 -9.92 -4.36
C GLU A 73 7.84 -8.98 -3.37
N VAL A 74 6.73 -8.38 -3.79
CA VAL A 74 5.99 -7.45 -2.95
C VAL A 74 5.29 -8.19 -1.81
N PHE A 75 4.87 -9.42 -2.08
CA PHE A 75 4.20 -10.23 -1.07
C PHE A 75 5.15 -10.60 0.07
N LYS A 76 6.26 -11.22 -0.29
CA LYS A 76 7.27 -11.64 0.70
C LYS A 76 7.92 -10.41 1.34
N GLN A 77 7.71 -9.24 0.74
CA GLN A 77 8.28 -8.00 1.26
C GLN A 77 7.34 -7.36 2.27
N LEU A 78 6.05 -7.63 2.13
CA LEU A 78 5.05 -7.07 3.02
C LEU A 78 5.03 -7.82 4.36
N PRO A 79 4.50 -7.16 5.40
CA PRO A 79 4.40 -7.75 6.73
C PRO A 79 3.38 -8.88 6.80
N VAL A 80 3.45 -9.66 7.88
CA VAL A 80 2.52 -10.78 8.07
C VAL A 80 1.08 -10.29 8.10
N ASP A 81 0.89 -9.07 8.58
CA ASP A 81 -0.46 -8.49 8.67
C ASP A 81 -1.08 -8.36 7.28
N ILE A 82 -0.27 -7.94 6.31
CA ILE A 82 -0.74 -7.77 4.94
C ILE A 82 -0.82 -9.12 4.21
N GLN A 83 0.02 -10.06 4.63
CA GLN A 83 0.04 -11.38 4.03
C GLN A 83 -1.22 -12.16 4.38
N GLU A 84 -1.60 -12.13 5.65
CA GLU A 84 -2.79 -12.83 6.11
C GLU A 84 -4.06 -12.18 5.57
N GLU A 85 -3.99 -10.87 5.35
CA GLU A 85 -5.13 -10.12 4.85
C GLU A 85 -5.45 -10.53 3.41
N ILE A 86 -4.41 -10.68 2.60
CA ILE A 86 -4.58 -11.06 1.20
C ILE A 86 -4.84 -12.56 1.07
N LEU A 87 -4.29 -13.33 2.00
CA LEU A 87 -4.47 -14.78 1.99
C LEU A 87 -5.91 -15.15 2.35
N SER A 88 -6.50 -14.38 3.25
CA SER A 88 -7.86 -14.63 3.69
C SER A 88 -8.85 -14.42 2.54
N GLY A 89 -8.43 -13.67 1.53
CA GLY A 89 -9.27 -13.40 0.39
C GLY A 89 -10.18 -12.22 0.62
N LYS A 90 -9.71 -11.24 1.38
CA LYS A 90 -10.49 -10.04 1.67
C LYS A 90 -9.84 -8.81 1.06
N SER A 91 -10.48 -7.66 1.25
CA SER A 91 -9.96 -6.40 0.71
C SER A 91 -9.53 -6.57 -0.74
N ARG A 92 -10.48 -6.84 -1.61
CA ARG A 92 -10.20 -7.02 -3.03
C ARG A 92 -11.28 -6.37 -3.89
N GLU A 93 -11.15 -5.06 -4.11
CA GLU A 93 -12.12 -4.33 -4.91
C GLU A 93 -11.46 -3.75 -6.16
N LYS A 94 -10.15 -3.56 -6.09
CA LYS A 94 -9.39 -3.01 -7.21
C LYS A 94 -9.69 -3.78 -8.49
N PHE A 95 -9.63 -5.11 -8.41
CA PHE A 95 -9.89 -5.96 -9.57
C PHE A 95 -10.94 -7.01 -9.23
N GLN A 96 -11.35 -7.77 -10.24
CA GLN A 96 -12.36 -8.82 -10.06
C GLN A 96 -11.85 -9.90 -9.10
N GLY A 97 -12.65 -10.19 -8.08
CA GLY A 97 -12.27 -11.20 -7.11
C GLY A 97 -12.03 -12.56 -7.75
N LYS A 98 -11.67 -13.55 -6.93
CA LYS A 98 -11.42 -14.89 -7.42
C LYS A 98 -12.40 -15.88 -6.80
N LEU A 99 -13.54 -16.06 -7.46
CA LEU A 99 -14.56 -16.99 -6.97
C LEU A 99 -15.47 -17.44 -8.11
N MET B 3 11.05 15.32 -1.52
CA MET B 3 11.56 13.98 -1.76
C MET B 3 10.50 13.10 -2.42
N GLN B 4 10.92 12.33 -3.42
CA GLN B 4 10.00 11.45 -4.15
C GLN B 4 10.03 10.04 -3.56
N ILE B 5 8.86 9.44 -3.43
CA ILE B 5 8.74 8.09 -2.88
C ILE B 5 8.09 7.15 -3.88
N PHE B 6 8.51 5.88 -3.85
CA PHE B 6 7.96 4.87 -4.75
C PHE B 6 7.01 3.94 -4.01
N VAL B 7 5.77 3.87 -4.49
CA VAL B 7 4.76 3.02 -3.87
C VAL B 7 4.48 1.80 -4.73
N LYS B 8 4.95 0.63 -4.26
CA LYS B 8 4.76 -0.61 -4.98
C LYS B 8 3.56 -1.38 -4.43
N THR B 9 2.49 -1.44 -5.22
CA THR B 9 1.28 -2.14 -4.82
C THR B 9 1.49 -3.65 -4.82
N LEU B 10 0.50 -4.39 -4.32
CA LEU B 10 0.57 -5.84 -4.27
C LEU B 10 0.76 -6.42 -5.67
N THR B 11 0.34 -5.67 -6.69
CA THR B 11 0.46 -6.11 -8.06
C THR B 11 1.80 -5.68 -8.66
N GLY B 12 2.69 -5.20 -7.81
CA GLY B 12 4.00 -4.76 -8.27
C GLY B 12 3.93 -3.49 -9.09
N LYS B 13 3.02 -2.60 -8.71
CA LYS B 13 2.86 -1.33 -9.43
C LYS B 13 3.51 -0.19 -8.65
N THR B 14 4.62 0.31 -9.17
CA THR B 14 5.35 1.41 -8.54
C THR B 14 4.71 2.76 -8.87
N ILE B 15 4.51 3.58 -7.85
CA ILE B 15 3.92 4.90 -8.05
C ILE B 15 4.76 5.99 -7.40
N THR B 16 5.39 6.82 -8.23
CA THR B 16 6.23 7.90 -7.73
C THR B 16 5.40 9.07 -7.25
N LEU B 17 5.66 9.51 -6.02
CA LEU B 17 4.92 10.63 -5.43
C LEU B 17 5.88 11.62 -4.78
N GLU B 18 5.66 12.90 -5.06
CA GLU B 18 6.51 13.96 -4.49
C GLU B 18 5.97 14.43 -3.15
N VAL B 19 6.59 13.97 -2.07
CA VAL B 19 6.17 14.34 -0.72
C VAL B 19 7.35 14.87 0.09
N GLU B 20 7.09 15.23 1.34
CA GLU B 20 8.13 15.75 2.22
C GLU B 20 8.05 15.10 3.60
N PRO B 21 9.16 15.18 4.36
CA PRO B 21 9.24 14.60 5.70
C PRO B 21 8.39 15.36 6.71
N SER B 22 7.90 16.52 6.30
CA SER B 22 7.06 17.35 7.17
C SER B 22 5.58 17.12 6.89
N ASP B 23 5.28 16.71 5.66
CA ASP B 23 3.91 16.46 5.25
C ASP B 23 3.31 15.31 6.05
N THR B 24 2.01 15.08 5.87
CA THR B 24 1.32 14.00 6.58
C THR B 24 0.91 12.90 5.62
N ILE B 25 0.72 11.70 6.17
CA ILE B 25 0.32 10.55 5.36
C ILE B 25 -0.90 10.87 4.51
N GLU B 26 -1.76 11.73 5.03
CA GLU B 26 -2.98 12.13 4.32
C GLU B 26 -2.63 12.77 2.98
N ASN B 27 -1.50 13.47 2.92
CA ASN B 27 -1.06 14.12 1.70
C ASN B 27 -0.49 13.12 0.72
N VAL B 28 0.23 12.13 1.24
CA VAL B 28 0.83 11.10 0.40
C VAL B 28 -0.22 10.22 -0.25
N LYS B 29 -1.17 9.75 0.57
CA LYS B 29 -2.24 8.89 0.09
C LYS B 29 -3.06 9.61 -0.98
N ALA B 30 -3.25 10.91 -0.80
CA ALA B 30 -4.01 11.71 -1.75
C ALA B 30 -3.44 11.59 -3.16
N LYS B 31 -2.13 11.78 -3.28
CA LYS B 31 -1.47 11.68 -4.57
C LYS B 31 -1.71 10.33 -5.21
N ILE B 32 -1.63 9.27 -4.41
CA ILE B 32 -1.85 7.92 -4.92
C ILE B 32 -3.21 7.80 -5.60
N GLN B 33 -4.20 8.53 -5.08
CA GLN B 33 -5.54 8.51 -5.65
C GLN B 33 -5.54 9.01 -7.09
N ASP B 34 -4.88 10.14 -7.31
CA ASP B 34 -4.80 10.73 -8.65
C ASP B 34 -3.89 9.90 -9.55
N LYS B 35 -3.21 8.93 -8.96
CA LYS B 35 -2.31 8.06 -9.71
C LYS B 35 -3.01 6.78 -10.13
N GLU B 36 -3.55 6.05 -9.15
CA GLU B 36 -4.25 4.80 -9.43
C GLU B 36 -5.77 5.02 -9.41
N GLY B 37 -6.25 5.67 -8.37
CA GLY B 37 -7.69 5.93 -8.26
C GLY B 37 -8.32 5.18 -7.11
N ILE B 38 -7.56 5.00 -6.03
CA ILE B 38 -8.05 4.29 -4.85
C ILE B 38 -8.35 5.27 -3.71
N PRO B 39 -9.54 5.14 -3.12
CA PRO B 39 -9.97 5.99 -2.00
C PRO B 39 -9.20 5.71 -0.72
N PRO B 40 -9.26 6.64 0.23
CA PRO B 40 -8.58 6.51 1.52
C PRO B 40 -9.20 5.43 2.40
N ASP B 41 -10.33 4.90 1.96
CA ASP B 41 -11.03 3.85 2.70
C ASP B 41 -10.47 2.48 2.37
N GLN B 42 -9.99 2.33 1.14
CA GLN B 42 -9.43 1.06 0.69
C GLN B 42 -7.92 1.18 0.45
N GLN B 43 -7.39 2.39 0.64
CA GLN B 43 -5.97 2.64 0.44
C GLN B 43 -5.20 2.45 1.75
N ARG B 44 -4.16 1.62 1.69
CA ARG B 44 -3.34 1.36 2.88
C ARG B 44 -1.86 1.43 2.53
N LEU B 45 -1.09 2.10 3.39
CA LEU B 45 0.34 2.25 3.18
C LEU B 45 1.12 1.26 4.05
N ILE B 46 2.34 0.95 3.62
CA ILE B 46 3.19 0.02 4.36
C ILE B 46 4.65 0.49 4.34
N PHE B 47 5.18 0.78 5.53
CA PHE B 47 6.56 1.23 5.65
C PHE B 47 7.18 0.74 6.96
N ALA B 48 8.47 0.44 6.91
CA ALA B 48 9.18 -0.05 8.09
C ALA B 48 8.64 -1.40 8.55
N GLY B 49 7.86 -2.05 7.69
CA GLY B 49 7.29 -3.34 8.02
C GLY B 49 6.00 -3.21 8.80
N LYS B 50 5.42 -2.01 8.79
CA LYS B 50 4.17 -1.77 9.50
C LYS B 50 3.17 -1.01 8.63
N GLN B 51 2.03 -0.66 9.20
CA GLN B 51 1.00 0.07 8.47
C GLN B 51 0.93 1.53 8.93
N LEU B 52 0.99 2.45 7.98
CA LEU B 52 0.94 3.87 8.29
C LEU B 52 -0.50 4.34 8.41
N GLU B 53 -0.72 5.40 9.20
CA GLU B 53 -2.05 5.95 9.39
C GLU B 53 -2.16 7.35 8.81
N ASP B 54 -3.39 7.82 8.61
CA ASP B 54 -3.62 9.14 8.07
C ASP B 54 -3.52 10.21 9.15
N GLY B 55 -3.24 9.78 10.38
CA GLY B 55 -3.12 10.71 11.49
C GLY B 55 -1.70 10.79 12.01
N ARG B 56 -0.73 10.78 11.10
CA ARG B 56 0.68 10.87 11.48
C ARG B 56 1.50 11.50 10.36
N THR B 57 2.72 11.91 10.69
CA THR B 57 3.61 12.54 9.73
C THR B 57 4.58 11.52 9.13
N LEU B 58 4.99 11.76 7.89
CA LEU B 58 5.90 10.86 7.20
C LEU B 58 7.18 10.65 8.03
N SER B 59 7.76 11.75 8.49
CA SER B 59 8.98 11.67 9.29
C SER B 59 8.79 10.76 10.50
N ASP B 60 7.55 10.62 10.94
CA ASP B 60 7.23 9.77 12.08
C ASP B 60 7.50 8.31 11.75
N TYR B 61 7.38 7.95 10.48
CA TYR B 61 7.60 6.59 10.04
C TYR B 61 9.00 6.42 9.46
N ASN B 62 9.84 7.42 9.68
CA ASN B 62 11.21 7.38 9.18
C ASN B 62 11.24 7.36 7.65
N ILE B 63 10.24 7.99 7.04
CA ILE B 63 10.16 8.04 5.59
C ILE B 63 11.26 8.91 5.00
N GLN B 64 12.24 8.25 4.38
CA GLN B 64 13.36 8.96 3.77
C GLN B 64 13.18 9.08 2.26
N LYS B 65 14.01 9.90 1.63
CA LYS B 65 13.95 10.10 0.19
C LYS B 65 13.96 8.76 -0.54
N GLU B 66 13.18 8.67 -1.62
CA GLU B 66 13.11 7.45 -2.41
C GLU B 66 12.63 6.28 -1.55
N SER B 67 11.83 6.59 -0.53
CA SER B 67 11.32 5.56 0.38
C SER B 67 10.50 4.52 -0.40
N THR B 68 10.79 3.25 -0.15
CA THR B 68 10.09 2.16 -0.81
C THR B 68 8.81 1.79 -0.08
N LEU B 69 7.71 2.48 -0.42
CA LEU B 69 6.43 2.23 0.21
C LEU B 69 5.65 1.15 -0.53
N HIS B 70 4.69 0.53 0.15
CA HIS B 70 3.88 -0.52 -0.45
C HIS B 70 2.39 -0.23 -0.26
N LEU B 71 1.65 -0.15 -1.36
CA LEU B 71 0.22 0.11 -1.32
C LEU B 71 -0.57 -1.18 -1.22
N VAL B 72 -1.37 -1.31 -0.16
CA VAL B 72 -2.19 -2.49 0.04
C VAL B 72 -3.67 -2.14 0.09
N LEU B 73 -4.50 -3.06 -0.39
CA LEU B 73 -5.95 -2.84 -0.41
C LEU B 73 -6.55 -3.10 0.97
N ARG B 74 -7.39 -2.17 1.43
CA ARG B 74 -8.02 -2.29 2.73
C ARG B 74 -9.38 -3.00 2.61
N LEU B 75 -9.88 -3.47 3.74
CA LEU B 75 -11.17 -4.17 3.77
C LEU B 75 -12.24 -3.36 3.05
N ARG B 76 -12.94 -4.01 2.12
CA ARG B 76 -13.99 -3.35 1.36
C ARG B 76 -15.37 -3.70 1.91
N GLY B 77 -16.18 -2.68 2.17
CA GLY B 77 -17.51 -2.89 2.71
C GLY B 77 -18.55 -3.08 1.62
N GLY B 78 -18.25 -3.94 0.65
CA GLY B 78 -19.18 -4.18 -0.44
C GLY B 78 -18.48 -4.62 -1.71
N PRO A 62 3.01 -18.55 4.53
CA PRO A 62 2.03 -19.25 3.69
C PRO A 62 1.72 -18.48 2.41
N LEU A 63 2.58 -18.64 1.41
CA LEU A 63 2.39 -17.96 0.13
C LEU A 63 2.04 -18.96 -0.96
N CYS A 64 1.09 -19.84 -0.67
CA CYS A 64 0.66 -20.84 -1.63
C CYS A 64 -0.57 -20.38 -2.40
N SER A 65 -1.31 -19.44 -1.81
CA SER A 65 -2.51 -18.91 -2.43
C SER A 65 -2.42 -17.39 -2.60
N LEU A 66 -1.96 -16.96 -3.76
CA LEU A 66 -1.81 -15.54 -4.05
C LEU A 66 -2.83 -15.09 -5.10
N PRO A 67 -3.19 -13.80 -5.06
CA PRO A 67 -4.16 -13.22 -6.00
C PRO A 67 -3.59 -13.10 -7.41
N GLU A 68 -4.42 -12.68 -8.35
CA GLU A 68 -4.00 -12.53 -9.74
C GLU A 68 -3.03 -11.36 -9.89
N GLY A 69 -2.07 -11.51 -10.79
CA GLY A 69 -1.10 -10.46 -11.02
C GLY A 69 -0.35 -10.08 -9.76
N VAL A 70 -0.35 -10.98 -8.79
CA VAL A 70 0.33 -10.73 -7.52
C VAL A 70 1.85 -10.71 -7.71
N ASP A 71 2.52 -9.86 -6.94
CA ASP A 71 3.97 -9.74 -7.03
C ASP A 71 4.63 -10.42 -5.83
N GLN A 72 5.26 -11.56 -6.08
CA GLN A 72 5.94 -12.30 -5.02
C GLN A 72 6.88 -11.41 -4.24
N GLU A 73 7.74 -10.70 -4.97
CA GLU A 73 8.71 -9.80 -4.34
C GLU A 73 8.02 -8.85 -3.36
N VAL A 74 6.84 -8.37 -3.75
CA VAL A 74 6.07 -7.44 -2.93
C VAL A 74 5.39 -8.19 -1.79
N PHE A 75 4.99 -9.43 -2.04
CA PHE A 75 4.31 -10.25 -1.04
C PHE A 75 5.27 -10.59 0.10
N LYS A 76 6.40 -11.20 -0.24
CA LYS A 76 7.39 -11.60 0.75
C LYS A 76 8.00 -10.36 1.42
N GLN A 77 7.78 -9.20 0.82
CA GLN A 77 8.30 -7.95 1.36
C GLN A 77 7.32 -7.33 2.34
N LEU A 78 6.04 -7.65 2.17
CA LEU A 78 5.00 -7.11 3.04
C LEU A 78 4.97 -7.85 4.37
N PRO A 79 4.41 -7.19 5.40
CA PRO A 79 4.32 -7.77 6.75
C PRO A 79 3.32 -8.92 6.81
N VAL A 80 3.39 -9.70 7.90
CA VAL A 80 2.48 -10.82 8.08
C VAL A 80 1.03 -10.37 8.11
N ASP A 81 0.81 -9.14 8.52
CA ASP A 81 -0.54 -8.58 8.60
C ASP A 81 -1.16 -8.47 7.21
N ILE A 82 -0.37 -8.03 6.24
CA ILE A 82 -0.84 -7.88 4.87
C ILE A 82 -0.89 -9.23 4.16
N GLN A 83 0.00 -10.14 4.56
CA GLN A 83 0.07 -11.46 3.96
C GLN A 83 -1.14 -12.30 4.34
N GLU A 84 -1.74 -11.97 5.49
CA GLU A 84 -2.91 -12.69 5.97
C GLU A 84 -4.19 -12.06 5.45
N GLU A 85 -4.11 -10.76 5.13
CA GLU A 85 -5.27 -10.04 4.62
C GLU A 85 -5.60 -10.45 3.19
N ILE A 86 -4.56 -10.66 2.39
CA ILE A 86 -4.74 -11.07 1.00
C ILE A 86 -5.05 -12.56 0.90
N LEU A 87 -4.46 -13.35 1.79
CA LEU A 87 -4.69 -14.78 1.80
C LEU A 87 -6.13 -15.11 2.20
N SER A 88 -6.71 -14.28 3.04
CA SER A 88 -8.08 -14.47 3.51
C SER A 88 -9.07 -14.25 2.36
N GLY A 89 -8.60 -13.59 1.30
CA GLY A 89 -9.47 -13.33 0.16
C GLY A 89 -10.37 -12.14 0.38
N LYS A 90 -9.85 -11.11 1.04
CA LYS A 90 -10.63 -9.91 1.31
C LYS A 90 -9.97 -8.69 0.68
N SER A 91 -10.54 -7.51 0.92
CA SER A 91 -10.02 -6.27 0.38
C SER A 91 -9.71 -6.42 -1.11
N ARG A 92 -10.75 -6.61 -1.90
CA ARG A 92 -10.60 -6.78 -3.35
C ARG A 92 -11.70 -6.05 -4.11
N GLU A 93 -11.52 -4.74 -4.28
CA GLU A 93 -12.52 -3.92 -4.98
C GLU A 93 -12.01 -3.52 -6.36
N LYS A 94 -10.69 -3.57 -6.53
CA LYS A 94 -10.07 -3.21 -7.80
C LYS A 94 -10.42 -4.23 -8.89
N PHE A 95 -10.09 -5.50 -8.64
CA PHE A 95 -10.36 -6.56 -9.59
C PHE A 95 -11.27 -7.62 -8.98
N GLN A 96 -11.69 -8.59 -9.79
CA GLN A 96 -12.57 -9.65 -9.33
C GLN A 96 -11.76 -10.73 -8.60
N GLY A 97 -11.96 -10.83 -7.29
CA GLY A 97 -11.25 -11.83 -6.51
C GLY A 97 -11.45 -13.24 -7.04
N LYS A 98 -10.67 -14.18 -6.54
CA LYS A 98 -10.76 -15.57 -6.96
C LYS A 98 -11.47 -16.41 -5.90
N LEU A 99 -12.42 -17.22 -6.35
CA LEU A 99 -13.17 -18.09 -5.44
C LEU A 99 -13.18 -19.53 -5.93
N MET B 3 11.08 15.27 -1.54
CA MET B 3 11.57 13.92 -1.78
C MET B 3 10.49 13.06 -2.44
N GLN B 4 10.89 12.26 -3.43
CA GLN B 4 9.96 11.40 -4.14
C GLN B 4 10.01 9.97 -3.60
N ILE B 5 8.84 9.38 -3.37
CA ILE B 5 8.75 8.03 -2.85
C ILE B 5 8.06 7.10 -3.85
N PHE B 6 8.44 5.83 -3.83
CA PHE B 6 7.86 4.84 -4.73
C PHE B 6 6.91 3.92 -3.98
N VAL B 7 5.69 3.77 -4.49
CA VAL B 7 4.69 2.91 -3.87
C VAL B 7 4.42 1.68 -4.72
N LYS B 8 4.90 0.53 -4.25
CA LYS B 8 4.71 -0.73 -4.97
C LYS B 8 3.52 -1.50 -4.42
N THR B 9 2.46 -1.59 -5.21
CA THR B 9 1.25 -2.30 -4.80
C THR B 9 1.47 -3.80 -4.80
N LEU B 10 0.47 -4.54 -4.33
CA LEU B 10 0.55 -6.00 -4.27
C LEU B 10 0.76 -6.58 -5.67
N THR B 11 0.33 -5.84 -6.69
CA THR B 11 0.48 -6.29 -8.07
C THR B 11 1.82 -5.85 -8.64
N GLY B 12 2.68 -5.31 -7.79
CA GLY B 12 3.99 -4.86 -8.24
C GLY B 12 3.92 -3.58 -9.04
N LYS B 13 2.95 -2.73 -8.71
CA LYS B 13 2.78 -1.45 -9.40
C LYS B 13 3.44 -0.31 -8.63
N THR B 14 4.54 0.19 -9.16
CA THR B 14 5.27 1.28 -8.53
C THR B 14 4.63 2.64 -8.86
N ILE B 15 4.44 3.46 -7.84
CA ILE B 15 3.85 4.78 -8.01
C ILE B 15 4.71 5.86 -7.36
N THR B 16 5.31 6.71 -8.18
CA THR B 16 6.16 7.78 -7.68
C THR B 16 5.31 8.96 -7.19
N LEU B 17 5.58 9.40 -5.96
CA LEU B 17 4.84 10.52 -5.38
C LEU B 17 5.80 11.55 -4.79
N GLU B 18 5.54 12.82 -5.07
CA GLU B 18 6.37 13.90 -4.56
C GLU B 18 5.86 14.41 -3.22
N VAL B 19 6.52 14.03 -2.14
CA VAL B 19 6.13 14.45 -0.81
C VAL B 19 7.33 14.98 -0.02
N GLU B 20 7.07 15.39 1.23
CA GLU B 20 8.13 15.92 2.08
C GLU B 20 8.10 15.24 3.45
N PRO B 21 9.22 15.33 4.18
CA PRO B 21 9.35 14.75 5.52
C PRO B 21 8.50 15.48 6.55
N SER B 22 7.99 16.65 6.17
CA SER B 22 7.16 17.45 7.07
C SER B 22 5.68 17.16 6.84
N ASP B 23 5.34 16.80 5.62
CA ASP B 23 3.96 16.50 5.26
C ASP B 23 3.42 15.34 6.10
N THR B 24 2.14 15.04 5.92
CA THR B 24 1.50 13.96 6.66
C THR B 24 1.06 12.84 5.73
N ILE B 25 0.90 11.64 6.29
CA ILE B 25 0.48 10.49 5.49
C ILE B 25 -0.76 10.80 4.67
N GLU B 26 -1.55 11.76 5.14
CA GLU B 26 -2.76 12.16 4.45
C GLU B 26 -2.44 12.74 3.08
N ASN B 27 -1.33 13.45 2.98
CA ASN B 27 -0.90 14.07 1.73
C ASN B 27 -0.39 13.02 0.76
N VAL B 28 0.32 12.03 1.30
CA VAL B 28 0.87 10.95 0.47
C VAL B 28 -0.23 10.06 -0.08
N LYS B 29 -1.24 9.80 0.74
CA LYS B 29 -2.36 8.96 0.33
C LYS B 29 -3.15 9.63 -0.80
N ALA B 30 -3.33 10.93 -0.69
CA ALA B 30 -4.07 11.68 -1.69
C ALA B 30 -3.43 11.56 -3.06
N LYS B 31 -2.10 11.62 -3.10
CA LYS B 31 -1.36 11.51 -4.35
C LYS B 31 -1.69 10.21 -5.06
N ILE B 32 -1.62 9.10 -4.33
CA ILE B 32 -1.92 7.79 -4.90
C ILE B 32 -3.29 7.78 -5.57
N GLN B 33 -4.23 8.55 -5.02
CA GLN B 33 -5.56 8.64 -5.56
C GLN B 33 -5.54 9.15 -7.00
N ASP B 34 -4.82 10.25 -7.21
CA ASP B 34 -4.71 10.84 -8.54
C ASP B 34 -3.83 9.99 -9.45
N LYS B 35 -3.22 8.97 -8.88
CA LYS B 35 -2.34 8.07 -9.63
C LYS B 35 -3.10 6.83 -10.08
N GLU B 36 -3.72 6.13 -9.13
CA GLU B 36 -4.49 4.93 -9.42
C GLU B 36 -5.98 5.21 -9.38
N GLY B 37 -6.43 5.85 -8.30
CA GLY B 37 -7.84 6.16 -8.14
C GLY B 37 -8.48 5.40 -7.00
N ILE B 38 -7.68 5.10 -5.98
CA ILE B 38 -8.18 4.37 -4.82
C ILE B 38 -8.41 5.30 -3.64
N PRO B 39 -9.61 5.20 -3.03
CA PRO B 39 -9.98 6.03 -1.88
C PRO B 39 -9.19 5.67 -0.62
N PRO B 40 -9.22 6.57 0.37
CA PRO B 40 -8.52 6.37 1.64
C PRO B 40 -9.16 5.27 2.49
N ASP B 41 -10.31 4.79 2.04
CA ASP B 41 -11.03 3.74 2.77
C ASP B 41 -10.53 2.35 2.35
N GLN B 42 -10.08 2.24 1.10
CA GLN B 42 -9.57 0.98 0.58
C GLN B 42 -8.07 1.06 0.32
N GLN B 43 -7.49 2.24 0.57
CA GLN B 43 -6.07 2.44 0.37
C GLN B 43 -5.29 2.27 1.67
N ARG B 44 -4.21 1.49 1.60
CA ARG B 44 -3.38 1.24 2.78
C ARG B 44 -1.90 1.40 2.45
N LEU B 45 -1.13 1.86 3.42
CA LEU B 45 0.30 2.07 3.23
C LEU B 45 1.11 1.13 4.12
N ILE B 46 2.30 0.76 3.67
CA ILE B 46 3.16 -0.13 4.43
C ILE B 46 4.62 0.36 4.40
N PHE B 47 5.13 0.73 5.57
CA PHE B 47 6.50 1.21 5.67
C PHE B 47 7.13 0.79 7.00
N ALA B 48 8.42 0.48 6.97
CA ALA B 48 9.14 0.07 8.17
C ALA B 48 8.62 -1.28 8.68
N GLY B 49 7.85 -1.96 7.85
CA GLY B 49 7.30 -3.25 8.23
C GLY B 49 5.96 -3.13 8.91
N LYS B 50 5.43 -1.91 8.97
CA LYS B 50 4.14 -1.67 9.62
C LYS B 50 3.30 -0.71 8.78
N GLN B 51 2.01 -0.68 9.07
CA GLN B 51 1.09 0.20 8.34
C GLN B 51 1.13 1.62 8.90
N LEU B 52 0.96 2.60 8.01
CA LEU B 52 0.99 4.00 8.41
C LEU B 52 -0.43 4.54 8.59
N GLU B 53 -0.56 5.57 9.42
CA GLU B 53 -1.87 6.18 9.68
C GLU B 53 -1.92 7.59 9.10
N ASP B 54 -3.14 8.04 8.81
CA ASP B 54 -3.34 9.37 8.26
C ASP B 54 -3.21 10.45 9.33
N GLY B 55 -3.06 10.01 10.58
CA GLY B 55 -2.93 10.94 11.68
C GLY B 55 -1.50 11.04 12.19
N ARG B 56 -0.55 11.04 11.27
CA ARG B 56 0.86 11.13 11.64
C ARG B 56 1.67 11.78 10.51
N THR B 57 2.92 12.11 10.81
CA THR B 57 3.81 12.73 9.83
C THR B 57 4.76 11.72 9.22
N LEU B 58 5.14 11.94 7.97
CA LEU B 58 6.06 11.04 7.27
C LEU B 58 7.34 10.85 8.06
N SER B 59 7.92 11.96 8.51
CA SER B 59 9.16 11.92 9.29
C SER B 59 8.99 11.06 10.53
N ASP B 60 7.76 10.94 11.00
CA ASP B 60 7.47 10.12 12.18
C ASP B 60 7.76 8.65 11.92
N TYR B 61 7.59 8.23 10.67
CA TYR B 61 7.83 6.85 10.29
C TYR B 61 9.21 6.69 9.66
N ASN B 62 10.03 7.73 9.76
CA ASN B 62 11.37 7.71 9.20
C ASN B 62 11.32 7.58 7.67
N ILE B 63 10.28 8.16 7.07
CA ILE B 63 10.12 8.11 5.63
C ILE B 63 11.18 8.94 4.92
N GLN B 64 12.26 8.29 4.50
CA GLN B 64 13.35 8.97 3.81
C GLN B 64 13.08 9.06 2.31
N LYS B 65 13.90 9.82 1.61
CA LYS B 65 13.76 10.00 0.17
C LYS B 65 13.77 8.64 -0.54
N GLU B 66 13.10 8.57 -1.69
CA GLU B 66 13.03 7.34 -2.46
C GLU B 66 12.54 6.18 -1.60
N SER B 67 11.74 6.51 -0.58
CA SER B 67 11.20 5.50 0.32
C SER B 67 10.41 4.45 -0.45
N THR B 68 10.67 3.19 -0.14
CA THR B 68 9.98 2.09 -0.81
C THR B 68 8.71 1.71 -0.07
N LEU B 69 7.61 2.40 -0.38
CA LEU B 69 6.32 2.13 0.25
C LEU B 69 5.55 1.07 -0.52
N HIS B 70 4.59 0.44 0.16
CA HIS B 70 3.77 -0.60 -0.46
C HIS B 70 2.29 -0.30 -0.27
N LEU B 71 1.56 -0.22 -1.38
CA LEU B 71 0.13 0.05 -1.35
C LEU B 71 -0.66 -1.24 -1.26
N VAL B 72 -1.48 -1.36 -0.21
CA VAL B 72 -2.30 -2.55 -0.02
C VAL B 72 -3.79 -2.19 0.00
N LEU B 73 -4.62 -3.11 -0.47
CA LEU B 73 -6.05 -2.89 -0.51
C LEU B 73 -6.67 -3.15 0.86
N ARG B 74 -7.57 -2.25 1.28
CA ARG B 74 -8.24 -2.38 2.57
C ARG B 74 -9.61 -3.03 2.41
N LEU B 75 -10.19 -3.45 3.52
CA LEU B 75 -11.50 -4.10 3.51
C LEU B 75 -12.52 -3.25 2.76
N ARG B 76 -13.23 -3.87 1.83
CA ARG B 76 -14.24 -3.18 1.03
C ARG B 76 -15.62 -3.33 1.65
N GLY B 77 -16.05 -2.31 2.41
CA GLY B 77 -17.35 -2.36 3.03
C GLY B 77 -17.85 -0.99 3.43
N GLY B 78 -17.35 0.05 2.76
CA GLY B 78 -17.76 1.40 3.06
C GLY B 78 -17.05 2.43 2.20
N PRO A 62 3.10 -18.53 4.67
CA PRO A 62 2.15 -19.26 3.83
C PRO A 62 1.80 -18.48 2.57
N LEU A 63 2.66 -18.57 1.56
CA LEU A 63 2.43 -17.87 0.29
C LEU A 63 2.08 -18.86 -0.81
N CYS A 64 1.18 -19.79 -0.50
CA CYS A 64 0.76 -20.80 -1.47
C CYS A 64 -0.50 -20.35 -2.21
N SER A 65 -1.25 -19.44 -1.58
CA SER A 65 -2.48 -18.93 -2.18
C SER A 65 -2.42 -17.42 -2.33
N LEU A 66 -2.00 -16.97 -3.51
CA LEU A 66 -1.89 -15.55 -3.80
C LEU A 66 -2.93 -15.12 -4.84
N PRO A 67 -3.32 -13.83 -4.79
CA PRO A 67 -4.30 -13.28 -5.71
C PRO A 67 -3.76 -13.15 -7.13
N GLU A 68 -4.63 -12.76 -8.07
CA GLU A 68 -4.24 -12.61 -9.45
C GLU A 68 -3.30 -11.41 -9.63
N GLY A 69 -2.36 -11.53 -10.57
CA GLY A 69 -1.42 -10.45 -10.81
C GLY A 69 -0.65 -10.06 -9.56
N VAL A 70 -0.60 -10.97 -8.59
CA VAL A 70 0.11 -10.71 -7.34
C VAL A 70 1.62 -10.71 -7.56
N ASP A 71 2.32 -9.86 -6.82
CA ASP A 71 3.76 -9.76 -6.94
C ASP A 71 4.46 -10.44 -5.75
N GLN A 72 5.08 -11.57 -6.01
CA GLN A 72 5.77 -12.32 -4.96
C GLN A 72 6.73 -11.42 -4.18
N GLU A 73 7.59 -10.72 -4.92
CA GLU A 73 8.55 -9.82 -4.30
C GLU A 73 7.87 -8.86 -3.33
N VAL A 74 6.69 -8.38 -3.72
CA VAL A 74 5.94 -7.45 -2.88
C VAL A 74 5.25 -8.18 -1.73
N PHE A 75 4.85 -9.43 -1.98
CA PHE A 75 4.19 -10.23 -0.97
C PHE A 75 5.15 -10.58 0.16
N LYS A 76 6.27 -11.20 -0.18
CA LYS A 76 7.28 -11.57 0.80
C LYS A 76 7.88 -10.35 1.47
N GLN A 77 7.67 -9.18 0.86
CA GLN A 77 8.19 -7.94 1.40
C GLN A 77 7.20 -7.30 2.38
N LEU A 78 5.93 -7.59 2.19
CA LEU A 78 4.89 -7.05 3.06
C LEU A 78 4.86 -7.78 4.39
N PRO A 79 4.30 -7.13 5.42
CA PRO A 79 4.20 -7.70 6.76
C PRO A 79 3.21 -8.86 6.83
N VAL A 80 3.28 -9.62 7.92
CA VAL A 80 2.38 -10.76 8.10
C VAL A 80 0.92 -10.32 8.15
N ASP A 81 0.70 -9.10 8.62
CA ASP A 81 -0.64 -8.55 8.71
C ASP A 81 -1.29 -8.42 7.32
N ILE A 82 -0.48 -8.01 6.35
CA ILE A 82 -0.97 -7.86 4.98
C ILE A 82 -1.05 -9.20 4.26
N GLN A 83 -0.18 -10.13 4.66
CA GLN A 83 -0.16 -11.46 4.06
C GLN A 83 -1.42 -12.25 4.43
N GLU A 84 -1.75 -12.25 5.72
CA GLU A 84 -2.93 -12.97 6.20
C GLU A 84 -4.20 -12.34 5.65
N GLU A 85 -4.18 -11.02 5.44
CA GLU A 85 -5.33 -10.30 4.93
C GLU A 85 -5.59 -10.67 3.47
N ILE A 86 -4.52 -10.75 2.69
CA ILE A 86 -4.64 -11.09 1.28
C ILE A 86 -4.83 -12.60 1.09
N LEU A 87 -4.30 -13.38 2.02
CA LEU A 87 -4.42 -14.83 1.97
C LEU A 87 -5.89 -15.26 2.04
N SER A 88 -6.66 -14.57 2.87
CA SER A 88 -8.07 -14.87 3.03
C SER A 88 -8.84 -14.60 1.74
N GLY A 89 -8.30 -13.70 0.92
CA GLY A 89 -8.95 -13.36 -0.33
C GLY A 89 -9.68 -12.03 -0.27
N LYS A 90 -9.81 -11.49 0.94
CA LYS A 90 -10.50 -10.22 1.13
C LYS A 90 -9.67 -9.07 0.56
N SER A 91 -10.17 -7.85 0.74
CA SER A 91 -9.48 -6.66 0.23
C SER A 91 -9.21 -6.79 -1.26
N ARG A 92 -10.26 -6.72 -2.06
CA ARG A 92 -10.13 -6.83 -3.50
C ARG A 92 -11.05 -5.83 -4.21
N GLU A 93 -10.71 -4.55 -4.10
CA GLU A 93 -11.51 -3.50 -4.72
C GLU A 93 -10.91 -3.08 -6.06
N LYS A 94 -9.58 -3.13 -6.15
CA LYS A 94 -8.88 -2.76 -7.37
C LYS A 94 -9.47 -3.48 -8.57
N PHE A 95 -9.56 -4.79 -8.49
CA PHE A 95 -10.11 -5.60 -9.58
C PHE A 95 -11.17 -6.57 -9.05
N GLN A 96 -11.83 -7.27 -9.98
CA GLN A 96 -12.87 -8.22 -9.61
C GLN A 96 -12.35 -9.64 -9.70
N GLY A 97 -12.67 -10.45 -8.69
CA GLY A 97 -12.23 -11.83 -8.67
C GLY A 97 -12.54 -12.56 -9.97
N LYS A 98 -11.50 -12.80 -10.76
CA LYS A 98 -11.66 -13.48 -12.05
C LYS A 98 -11.12 -14.91 -11.96
N LEU A 99 -11.88 -15.80 -11.34
CA LEU A 99 -11.48 -17.19 -11.20
C LEU A 99 -12.43 -18.11 -11.97
N MET B 3 11.01 15.36 -1.71
CA MET B 3 11.52 14.01 -1.97
C MET B 3 10.46 13.14 -2.60
N GLN B 4 10.85 12.38 -3.63
CA GLN B 4 9.93 11.50 -4.33
C GLN B 4 9.98 10.09 -3.76
N ILE B 5 8.81 9.51 -3.52
CA ILE B 5 8.72 8.16 -2.97
C ILE B 5 8.05 7.21 -3.96
N PHE B 6 8.46 5.95 -3.92
CA PHE B 6 7.90 4.93 -4.81
C PHE B 6 6.93 4.02 -4.06
N VAL B 7 5.72 3.89 -4.59
CA VAL B 7 4.70 3.05 -3.96
C VAL B 7 4.43 1.81 -4.81
N LYS B 8 4.88 0.66 -4.32
CA LYS B 8 4.69 -0.60 -5.02
C LYS B 8 3.48 -1.36 -4.46
N THR B 9 2.43 -1.45 -5.26
CA THR B 9 1.21 -2.15 -4.84
C THR B 9 1.42 -3.66 -4.84
N LEU B 10 0.41 -4.39 -4.38
CA LEU B 10 0.48 -5.84 -4.32
C LEU B 10 0.72 -6.43 -5.70
N THR B 11 0.33 -5.69 -6.73
CA THR B 11 0.50 -6.13 -8.11
C THR B 11 1.84 -5.70 -8.68
N GLY B 12 2.69 -5.14 -7.81
CA GLY B 12 4.00 -4.69 -8.24
C GLY B 12 3.94 -3.41 -9.04
N LYS B 13 2.92 -2.60 -8.78
CA LYS B 13 2.74 -1.33 -9.48
C LYS B 13 3.41 -0.19 -8.72
N THR B 14 4.51 0.32 -9.28
CA THR B 14 5.24 1.40 -8.65
C THR B 14 4.61 2.76 -8.98
N ILE B 15 4.42 3.58 -7.95
CA ILE B 15 3.83 4.90 -8.14
C ILE B 15 4.67 5.98 -7.47
N THR B 16 5.29 6.83 -8.30
CA THR B 16 6.12 7.91 -7.79
C THR B 16 5.28 9.06 -7.27
N LEU B 17 5.54 9.49 -6.05
CA LEU B 17 4.81 10.59 -5.44
C LEU B 17 5.76 11.63 -4.85
N GLU B 18 5.49 12.90 -5.12
CA GLU B 18 6.32 13.98 -4.61
C GLU B 18 5.82 14.47 -3.26
N VAL B 19 6.50 14.06 -2.20
CA VAL B 19 6.13 14.45 -0.84
C VAL B 19 7.34 14.94 -0.06
N GLU B 20 7.11 15.32 1.20
CA GLU B 20 8.18 15.82 2.04
C GLU B 20 8.15 15.13 3.41
N PRO B 21 9.29 15.18 4.12
CA PRO B 21 9.42 14.57 5.44
C PRO B 21 8.60 15.30 6.51
N SER B 22 8.08 16.46 6.15
CA SER B 22 7.28 17.26 7.08
C SER B 22 5.80 17.08 6.81
N ASP B 23 5.47 16.69 5.59
CA ASP B 23 4.07 16.47 5.20
C ASP B 23 3.45 15.36 6.05
N THR B 24 2.15 15.13 5.86
CA THR B 24 1.44 14.10 6.60
C THR B 24 1.05 12.94 5.68
N ILE B 25 0.87 11.77 6.28
CA ILE B 25 0.49 10.59 5.51
C ILE B 25 -0.73 10.85 4.65
N GLU B 26 -1.59 11.74 5.12
CA GLU B 26 -2.82 12.10 4.40
C GLU B 26 -2.48 12.69 3.03
N ASN B 27 -1.37 13.42 2.96
CA ASN B 27 -0.94 14.04 1.72
C ASN B 27 -0.40 13.00 0.75
N VAL B 28 0.31 12.02 1.29
CA VAL B 28 0.89 10.95 0.47
C VAL B 28 -0.20 10.04 -0.08
N LYS B 29 -1.16 9.69 0.75
CA LYS B 29 -2.27 8.84 0.34
C LYS B 29 -3.11 9.49 -0.74
N ALA B 30 -3.32 10.81 -0.60
CA ALA B 30 -4.11 11.56 -1.56
C ALA B 30 -3.51 11.46 -2.97
N LYS B 31 -2.18 11.55 -3.04
CA LYS B 31 -1.48 11.46 -4.32
C LYS B 31 -1.81 10.15 -5.03
N ILE B 32 -1.68 9.04 -4.31
CA ILE B 32 -1.97 7.73 -4.87
C ILE B 32 -3.36 7.68 -5.50
N GLN B 33 -4.28 8.44 -4.92
CA GLN B 33 -5.66 8.49 -5.42
C GLN B 33 -5.69 9.03 -6.85
N ASP B 34 -4.98 10.13 -7.08
CA ASP B 34 -4.94 10.74 -8.40
C ASP B 34 -4.02 9.95 -9.34
N LYS B 35 -3.38 8.93 -8.79
CA LYS B 35 -2.47 8.09 -9.57
C LYS B 35 -3.18 6.83 -10.05
N GLU B 36 -3.83 6.14 -9.12
CA GLU B 36 -4.55 4.91 -9.45
C GLU B 36 -6.06 5.13 -9.41
N GLY B 37 -6.53 5.78 -8.36
CA GLY B 37 -7.96 6.05 -8.23
C GLY B 37 -8.59 5.30 -7.07
N ILE B 38 -7.79 5.04 -6.04
CA ILE B 38 -8.29 4.32 -4.86
C ILE B 38 -8.53 5.28 -3.71
N PRO B 39 -9.72 5.14 -3.07
CA PRO B 39 -10.10 5.99 -1.94
C PRO B 39 -9.29 5.69 -0.69
N PRO B 40 -9.34 6.59 0.30
CA PRO B 40 -8.62 6.45 1.56
C PRO B 40 -9.18 5.34 2.43
N ASP B 41 -10.30 4.77 2.00
CA ASP B 41 -10.95 3.68 2.75
C ASP B 41 -10.42 2.33 2.28
N GLN B 42 -9.90 2.28 1.06
CA GLN B 42 -9.37 1.04 0.51
C GLN B 42 -7.86 1.13 0.32
N GLN B 43 -7.31 2.33 0.52
CA GLN B 43 -5.88 2.55 0.37
C GLN B 43 -5.15 2.31 1.68
N ARG B 44 -4.09 1.50 1.62
CA ARG B 44 -3.30 1.18 2.79
C ARG B 44 -1.81 1.32 2.52
N LEU B 45 -1.10 2.00 3.41
CA LEU B 45 0.34 2.20 3.25
C LEU B 45 1.12 1.25 4.14
N ILE B 46 2.31 0.87 3.69
CA ILE B 46 3.16 -0.04 4.45
C ILE B 46 4.61 0.43 4.45
N PHE B 47 5.15 0.70 5.63
CA PHE B 47 6.52 1.16 5.76
C PHE B 47 7.14 0.67 7.07
N ALA B 48 8.41 0.31 7.03
CA ALA B 48 9.12 -0.17 8.20
C ALA B 48 8.52 -1.49 8.70
N GLY B 49 7.72 -2.13 7.85
CA GLY B 49 7.10 -3.39 8.22
C GLY B 49 5.79 -3.20 8.95
N LYS B 50 5.28 -1.98 8.93
CA LYS B 50 4.02 -1.66 9.59
C LYS B 50 3.16 -0.74 8.73
N GLN B 51 1.90 -0.58 9.12
CA GLN B 51 0.97 0.27 8.39
C GLN B 51 1.01 1.70 8.92
N LEU B 52 0.88 2.67 8.02
CA LEU B 52 0.90 4.08 8.41
C LEU B 52 -0.51 4.64 8.49
N GLU B 53 -0.71 5.60 9.40
CA GLU B 53 -2.01 6.22 9.57
C GLU B 53 -2.02 7.64 9.04
N ASP B 54 -3.20 8.15 8.71
CA ASP B 54 -3.34 9.50 8.19
C ASP B 54 -3.16 10.53 9.29
N GLY B 55 -3.25 10.08 10.54
CA GLY B 55 -3.08 10.99 11.67
C GLY B 55 -1.65 11.05 12.16
N ARG B 56 -0.70 11.02 11.22
CA ARG B 56 0.72 11.06 11.57
C ARG B 56 1.53 11.68 10.44
N THR B 57 2.79 11.99 10.73
CA THR B 57 3.67 12.58 9.74
C THR B 57 4.61 11.53 9.14
N LEU B 58 5.07 11.78 7.92
CA LEU B 58 5.97 10.86 7.23
C LEU B 58 7.24 10.63 8.05
N SER B 59 7.84 11.72 8.51
CA SER B 59 9.06 11.63 9.31
C SER B 59 8.86 10.72 10.51
N ASP B 60 7.62 10.63 10.98
CA ASP B 60 7.29 9.78 12.12
C ASP B 60 7.67 8.33 11.85
N TYR B 61 7.52 7.90 10.60
CA TYR B 61 7.84 6.54 10.21
C TYR B 61 9.23 6.46 9.58
N ASN B 62 9.98 7.54 9.69
CA ASN B 62 11.33 7.60 9.13
C ASN B 62 11.30 7.45 7.62
N ILE B 63 10.33 8.10 6.98
CA ILE B 63 10.19 8.03 5.53
C ILE B 63 11.28 8.85 4.84
N GLN B 64 12.35 8.17 4.45
CA GLN B 64 13.47 8.84 3.78
C GLN B 64 13.20 8.96 2.29
N LYS B 65 14.01 9.77 1.62
CA LYS B 65 13.87 9.98 0.18
C LYS B 65 13.89 8.65 -0.58
N GLU B 66 13.14 8.58 -1.67
CA GLU B 66 13.08 7.36 -2.47
C GLU B 66 12.59 6.19 -1.64
N SER B 67 11.82 6.48 -0.60
CA SER B 67 11.28 5.45 0.28
C SER B 67 10.45 4.44 -0.51
N THR B 68 10.68 3.16 -0.25
CA THR B 68 9.96 2.10 -0.92
C THR B 68 8.67 1.76 -0.20
N LEU B 69 7.60 2.49 -0.50
CA LEU B 69 6.31 2.27 0.13
C LEU B 69 5.54 1.16 -0.59
N HIS B 70 4.57 0.58 0.11
CA HIS B 70 3.76 -0.50 -0.46
C HIS B 70 2.28 -0.21 -0.27
N LEU B 71 1.56 -0.10 -1.38
CA LEU B 71 0.13 0.18 -1.34
C LEU B 71 -0.67 -1.12 -1.30
N VAL B 72 -1.40 -1.34 -0.20
CA VAL B 72 -2.21 -2.54 -0.03
C VAL B 72 -3.68 -2.20 -0.03
N LEU B 73 -4.50 -3.11 -0.54
CA LEU B 73 -5.95 -2.92 -0.58
C LEU B 73 -6.58 -3.21 0.78
N ARG B 74 -7.42 -2.28 1.24
CA ARG B 74 -8.10 -2.44 2.52
C ARG B 74 -9.46 -3.10 2.34
N LEU B 75 -10.02 -3.61 3.44
CA LEU B 75 -11.32 -4.26 3.41
C LEU B 75 -12.35 -3.41 2.68
N ARG B 76 -12.92 -3.96 1.62
CA ARG B 76 -13.92 -3.24 0.83
C ARG B 76 -15.34 -3.69 1.21
N GLY B 77 -16.12 -2.77 1.74
CA GLY B 77 -17.49 -3.09 2.13
C GLY B 77 -18.51 -2.41 1.26
N GLY B 78 -18.15 -1.27 0.68
CA GLY B 78 -19.06 -0.55 -0.19
C GLY B 78 -19.63 0.69 0.49
N PRO A 62 1.34 -19.89 4.50
CA PRO A 62 2.41 -19.39 3.64
C PRO A 62 1.88 -18.66 2.42
N LEU A 63 2.78 -18.34 1.49
CA LEU A 63 2.40 -17.64 0.26
C LEU A 63 2.11 -18.63 -0.86
N CYS A 64 1.31 -19.65 -0.54
CA CYS A 64 0.94 -20.66 -1.52
C CYS A 64 -0.32 -20.25 -2.29
N SER A 65 -1.13 -19.40 -1.67
CA SER A 65 -2.36 -18.93 -2.29
C SER A 65 -2.34 -17.41 -2.46
N LEU A 66 -1.91 -16.95 -3.63
CA LEU A 66 -1.84 -15.53 -3.92
C LEU A 66 -2.89 -15.14 -4.96
N PRO A 67 -3.33 -13.86 -4.90
CA PRO A 67 -4.33 -13.33 -5.84
C PRO A 67 -3.78 -13.18 -7.26
N GLU A 68 -4.65 -12.80 -8.18
CA GLU A 68 -4.25 -12.63 -9.58
C GLU A 68 -3.33 -11.42 -9.72
N GLY A 69 -2.39 -11.51 -10.67
CA GLY A 69 -1.47 -10.43 -10.91
C GLY A 69 -0.70 -10.04 -9.65
N VAL A 70 -0.64 -10.96 -8.69
CA VAL A 70 0.07 -10.71 -7.45
C VAL A 70 1.58 -10.71 -7.65
N ASP A 71 2.28 -9.87 -6.90
CA ASP A 71 3.73 -9.78 -7.00
C ASP A 71 4.40 -10.46 -5.82
N GLN A 72 4.98 -11.63 -6.09
CA GLN A 72 5.65 -12.41 -5.05
C GLN A 72 6.63 -11.53 -4.27
N GLU A 73 7.52 -10.86 -5.00
CA GLU A 73 8.52 -9.99 -4.38
C GLU A 73 7.85 -9.02 -3.41
N VAL A 74 6.68 -8.51 -3.77
CA VAL A 74 5.94 -7.59 -2.93
C VAL A 74 5.26 -8.30 -1.78
N PHE A 75 4.83 -9.54 -2.03
CA PHE A 75 4.16 -10.34 -1.01
C PHE A 75 5.11 -10.67 0.14
N LYS A 76 6.24 -11.30 -0.20
CA LYS A 76 7.22 -11.68 0.79
C LYS A 76 7.86 -10.45 1.42
N GLN A 77 7.65 -9.30 0.80
CA GLN A 77 8.20 -8.03 1.30
C GLN A 77 7.24 -7.38 2.29
N LEU A 78 5.96 -7.68 2.15
CA LEU A 78 4.94 -7.12 3.03
C LEU A 78 4.92 -7.84 4.37
N PRO A 79 4.38 -7.17 5.40
CA PRO A 79 4.29 -7.72 6.75
C PRO A 79 3.28 -8.87 6.84
N VAL A 80 3.34 -9.63 7.93
CA VAL A 80 2.44 -10.75 8.14
C VAL A 80 0.98 -10.29 8.15
N ASP A 81 0.77 -9.07 8.63
CA ASP A 81 -0.58 -8.50 8.69
C ASP A 81 -1.21 -8.43 7.31
N ILE A 82 -0.42 -8.02 6.32
CA ILE A 82 -0.91 -7.91 4.95
C ILE A 82 -0.94 -9.27 4.28
N GLN A 83 -0.05 -10.17 4.70
CA GLN A 83 0.02 -11.50 4.13
C GLN A 83 -1.20 -12.33 4.53
N GLU A 84 -1.76 -12.00 5.68
CA GLU A 84 -2.94 -12.72 6.19
C GLU A 84 -4.22 -12.11 5.64
N GLU A 85 -4.17 -10.82 5.31
CA GLU A 85 -5.33 -10.12 4.77
C GLU A 85 -5.60 -10.54 3.32
N ILE A 86 -4.53 -10.69 2.56
CA ILE A 86 -4.64 -11.08 1.16
C ILE A 86 -4.91 -12.58 1.03
N LEU A 87 -4.37 -13.35 1.97
CA LEU A 87 -4.54 -14.80 1.97
C LEU A 87 -6.02 -15.17 2.11
N SER A 88 -6.73 -14.42 2.95
CA SER A 88 -8.15 -14.68 3.18
C SER A 88 -8.96 -14.43 1.91
N GLY A 89 -8.41 -13.61 1.02
CA GLY A 89 -9.10 -13.30 -0.22
C GLY A 89 -9.91 -12.02 -0.14
N LYS A 90 -9.91 -11.40 1.04
CA LYS A 90 -10.65 -10.16 1.25
C LYS A 90 -9.89 -8.97 0.66
N SER A 91 -10.44 -7.77 0.85
CA SER A 91 -9.82 -6.56 0.34
C SER A 91 -9.54 -6.68 -1.16
N ARG A 92 -10.61 -6.67 -1.95
CA ARG A 92 -10.48 -6.78 -3.40
C ARG A 92 -11.32 -5.72 -4.11
N GLU A 93 -10.80 -4.50 -4.14
CA GLU A 93 -11.50 -3.39 -4.78
C GLU A 93 -10.70 -2.84 -5.95
N LYS A 94 -9.38 -2.90 -5.84
CA LYS A 94 -8.49 -2.41 -6.88
C LYS A 94 -8.87 -2.99 -8.23
N PHE A 95 -9.16 -4.29 -8.25
CA PHE A 95 -9.54 -4.99 -9.48
C PHE A 95 -10.71 -5.92 -9.24
N GLN A 96 -11.21 -6.51 -10.31
CA GLN A 96 -12.34 -7.44 -10.22
C GLN A 96 -11.92 -8.86 -10.58
N GLY A 97 -12.71 -9.84 -10.15
CA GLY A 97 -12.39 -11.23 -10.43
C GLY A 97 -12.12 -11.47 -11.90
N LYS A 98 -10.87 -11.82 -12.22
CA LYS A 98 -10.48 -12.07 -13.61
C LYS A 98 -11.38 -13.15 -14.23
N LEU A 99 -11.83 -12.90 -15.46
CA LEU A 99 -12.69 -13.83 -16.17
C LEU A 99 -12.71 -13.53 -17.66
N MET B 3 11.08 15.25 -1.61
CA MET B 3 11.56 13.90 -1.84
C MET B 3 10.47 13.03 -2.47
N GLN B 4 10.86 12.28 -3.50
CA GLN B 4 9.91 11.40 -4.19
C GLN B 4 9.99 9.98 -3.65
N ILE B 5 8.82 9.37 -3.43
CA ILE B 5 8.77 8.01 -2.92
C ILE B 5 8.08 7.07 -3.91
N PHE B 6 8.50 5.81 -3.91
CA PHE B 6 7.94 4.82 -4.81
C PHE B 6 7.00 3.87 -4.06
N VAL B 7 5.74 3.83 -4.48
CA VAL B 7 4.74 2.96 -3.86
C VAL B 7 4.47 1.73 -4.70
N LYS B 8 4.93 0.57 -4.23
CA LYS B 8 4.73 -0.68 -4.94
C LYS B 8 3.51 -1.43 -4.41
N THR B 9 2.47 -1.52 -5.23
CA THR B 9 1.25 -2.20 -4.84
C THR B 9 1.44 -3.71 -4.84
N LEU B 10 0.43 -4.44 -4.36
CA LEU B 10 0.49 -5.90 -4.31
C LEU B 10 0.69 -6.48 -5.70
N THR B 11 0.28 -5.72 -6.72
CA THR B 11 0.41 -6.16 -8.10
C THR B 11 1.75 -5.73 -8.69
N GLY B 12 2.65 -5.28 -7.83
CA GLY B 12 3.96 -4.84 -8.28
C GLY B 12 3.90 -3.58 -9.12
N LYS B 13 3.06 -2.64 -8.70
CA LYS B 13 2.91 -1.38 -9.42
C LYS B 13 3.54 -0.24 -8.64
N THR B 14 4.63 0.30 -9.17
CA THR B 14 5.33 1.41 -8.52
C THR B 14 4.67 2.74 -8.85
N ILE B 15 4.48 3.57 -7.83
CA ILE B 15 3.86 4.88 -8.01
C ILE B 15 4.70 5.98 -7.37
N THR B 16 5.28 6.84 -8.20
CA THR B 16 6.10 7.94 -7.71
C THR B 16 5.24 9.09 -7.20
N LEU B 17 5.51 9.52 -5.97
CA LEU B 17 4.76 10.62 -5.37
C LEU B 17 5.70 11.66 -4.77
N GLU B 18 5.42 12.93 -5.03
CA GLU B 18 6.24 14.02 -4.51
C GLU B 18 5.74 14.49 -3.15
N VAL B 19 6.45 14.09 -2.09
CA VAL B 19 6.08 14.47 -0.74
C VAL B 19 7.29 14.94 0.05
N GLU B 20 7.05 15.43 1.27
CA GLU B 20 8.12 15.92 2.13
C GLU B 20 8.09 15.23 3.48
N PRO B 21 9.22 15.29 4.20
CA PRO B 21 9.36 14.68 5.52
C PRO B 21 8.53 15.39 6.58
N SER B 22 7.98 16.54 6.21
CA SER B 22 7.16 17.33 7.13
C SER B 22 5.68 17.12 6.85
N ASP B 23 5.36 16.73 5.63
CA ASP B 23 3.97 16.51 5.23
C ASP B 23 3.36 15.38 6.05
N THR B 24 2.06 15.15 5.84
CA THR B 24 1.35 14.09 6.56
C THR B 24 0.96 12.96 5.64
N ILE B 25 0.79 11.77 6.20
CA ILE B 25 0.41 10.59 5.41
C ILE B 25 -0.82 10.88 4.55
N GLU B 26 -1.72 11.69 5.08
CA GLU B 26 -2.93 12.06 4.35
C GLU B 26 -2.60 12.66 2.99
N ASN B 27 -1.50 13.40 2.94
CA ASN B 27 -1.06 14.03 1.69
C ASN B 27 -0.51 13.00 0.71
N VAL B 28 0.22 12.03 1.25
CA VAL B 28 0.80 10.97 0.42
C VAL B 28 -0.27 10.07 -0.16
N LYS B 29 -1.26 9.70 0.66
CA LYS B 29 -2.35 8.85 0.23
C LYS B 29 -3.16 9.52 -0.88
N ALA B 30 -3.41 10.82 -0.72
CA ALA B 30 -4.17 11.58 -1.70
C ALA B 30 -3.55 11.46 -3.09
N LYS B 31 -2.23 11.53 -3.14
CA LYS B 31 -1.52 11.43 -4.41
C LYS B 31 -1.81 10.11 -5.10
N ILE B 32 -1.72 9.02 -4.35
CA ILE B 32 -1.98 7.69 -4.89
C ILE B 32 -3.37 7.63 -5.52
N GLN B 33 -4.31 8.40 -4.98
CA GLN B 33 -5.66 8.43 -5.48
C GLN B 33 -5.70 8.92 -6.92
N ASP B 34 -5.02 10.03 -7.18
CA ASP B 34 -4.98 10.61 -8.52
C ASP B 34 -4.05 9.80 -9.43
N LYS B 35 -3.38 8.80 -8.85
CA LYS B 35 -2.47 7.96 -9.60
C LYS B 35 -3.16 6.66 -10.04
N GLU B 36 -3.78 5.98 -9.08
CA GLU B 36 -4.48 4.73 -9.37
C GLU B 36 -5.99 4.94 -9.35
N GLY B 37 -6.48 5.61 -8.32
CA GLY B 37 -7.90 5.86 -8.21
C GLY B 37 -8.53 5.15 -7.02
N ILE B 38 -7.72 4.90 -5.99
CA ILE B 38 -8.21 4.21 -4.80
C ILE B 38 -8.48 5.20 -3.67
N PRO B 39 -9.65 5.07 -3.04
CA PRO B 39 -10.05 5.94 -1.93
C PRO B 39 -9.23 5.70 -0.66
N PRO B 40 -9.32 6.64 0.29
CA PRO B 40 -8.59 6.55 1.55
C PRO B 40 -9.13 5.45 2.46
N ASP B 41 -10.24 4.84 2.04
CA ASP B 41 -10.86 3.77 2.81
C ASP B 41 -10.36 2.41 2.36
N GLN B 42 -9.83 2.36 1.14
CA GLN B 42 -9.32 1.11 0.58
C GLN B 42 -7.80 1.19 0.39
N GLN B 43 -7.24 2.38 0.59
CA GLN B 43 -5.81 2.58 0.43
C GLN B 43 -5.08 2.29 1.74
N ARG B 44 -4.02 1.49 1.66
CA ARG B 44 -3.24 1.13 2.83
C ARG B 44 -1.74 1.26 2.55
N LEU B 45 -1.05 1.98 3.42
CA LEU B 45 0.38 2.18 3.27
C LEU B 45 1.17 1.21 4.15
N ILE B 46 2.36 0.85 3.71
CA ILE B 46 3.21 -0.07 4.46
C ILE B 46 4.66 0.40 4.46
N PHE B 47 5.16 0.75 5.63
CA PHE B 47 6.54 1.21 5.77
C PHE B 47 7.16 0.71 7.08
N ALA B 48 8.44 0.38 7.03
CA ALA B 48 9.15 -0.12 8.20
C ALA B 48 8.58 -1.45 8.66
N GLY B 49 7.80 -2.09 7.80
CA GLY B 49 7.20 -3.36 8.14
C GLY B 49 5.87 -3.21 8.86
N LYS B 50 5.38 -1.99 8.93
CA LYS B 50 4.11 -1.70 9.59
C LYS B 50 3.23 -0.81 8.74
N GLN B 51 1.97 -0.68 9.13
CA GLN B 51 1.02 0.16 8.39
C GLN B 51 1.06 1.60 8.90
N LEU B 52 0.91 2.54 7.98
CA LEU B 52 0.92 3.96 8.33
C LEU B 52 -0.51 4.50 8.46
N GLU B 53 -0.67 5.51 9.30
CA GLU B 53 -1.98 6.11 9.53
C GLU B 53 -2.03 7.53 8.94
N ASP B 54 -3.24 8.03 8.73
CA ASP B 54 -3.43 9.36 8.18
C ASP B 54 -3.28 10.42 9.26
N GLY B 55 -3.22 9.98 10.51
CA GLY B 55 -3.08 10.90 11.63
C GLY B 55 -1.65 10.99 12.13
N ARG B 56 -0.70 10.99 11.21
CA ARG B 56 0.72 11.06 11.57
C ARG B 56 1.52 11.70 10.44
N THR B 57 2.78 12.01 10.74
CA THR B 57 3.66 12.63 9.75
C THR B 57 4.62 11.60 9.15
N LEU B 58 5.04 11.84 7.91
CA LEU B 58 5.96 10.93 7.23
C LEU B 58 7.23 10.73 8.04
N SER B 59 7.77 11.83 8.54
CA SER B 59 9.01 11.78 9.34
C SER B 59 8.84 10.84 10.53
N ASP B 60 7.60 10.63 10.94
CA ASP B 60 7.31 9.75 12.08
C ASP B 60 7.63 8.30 11.73
N TYR B 61 7.49 7.96 10.46
CA TYR B 61 7.76 6.60 9.99
C TYR B 61 9.15 6.50 9.38
N ASN B 62 9.95 7.57 9.55
CA ASN B 62 11.31 7.60 9.02
C ASN B 62 11.29 7.52 7.50
N ILE B 63 10.27 8.12 6.89
CA ILE B 63 10.15 8.12 5.44
C ILE B 63 11.23 8.98 4.80
N GLN B 64 12.27 8.34 4.29
CA GLN B 64 13.37 9.05 3.64
C GLN B 64 13.16 9.11 2.13
N LYS B 65 14.01 9.90 1.46
CA LYS B 65 13.92 10.04 0.01
C LYS B 65 13.90 8.68 -0.67
N GLU B 66 13.14 8.58 -1.76
CA GLU B 66 13.03 7.33 -2.51
C GLU B 66 12.53 6.21 -1.61
N SER B 67 11.75 6.56 -0.60
CA SER B 67 11.20 5.59 0.33
C SER B 67 10.39 4.52 -0.41
N THR B 68 10.74 3.26 -0.19
CA THR B 68 10.06 2.16 -0.83
C THR B 68 8.75 1.81 -0.11
N LEU B 69 7.69 2.52 -0.46
CA LEU B 69 6.38 2.29 0.16
C LEU B 69 5.64 1.16 -0.54
N HIS B 70 4.68 0.57 0.17
CA HIS B 70 3.89 -0.53 -0.38
C HIS B 70 2.39 -0.27 -0.20
N LEU B 71 1.68 -0.20 -1.31
CA LEU B 71 0.24 0.04 -1.27
C LEU B 71 -0.54 -1.27 -1.19
N VAL B 72 -1.44 -1.37 -0.21
CA VAL B 72 -2.24 -2.57 -0.03
C VAL B 72 -3.73 -2.24 -0.01
N LEU B 73 -4.54 -3.14 -0.56
CA LEU B 73 -5.98 -2.94 -0.60
C LEU B 73 -6.61 -3.20 0.76
N ARG B 74 -7.49 -2.30 1.18
CA ARG B 74 -8.17 -2.44 2.47
C ARG B 74 -9.54 -3.08 2.30
N LEU B 75 -10.10 -3.57 3.40
CA LEU B 75 -11.41 -4.22 3.37
C LEU B 75 -12.43 -3.34 2.66
N ARG B 76 -13.11 -3.92 1.67
CA ARG B 76 -14.11 -3.18 0.91
C ARG B 76 -15.52 -3.53 1.38
N GLY B 77 -16.37 -2.52 1.49
CA GLY B 77 -17.74 -2.74 1.93
C GLY B 77 -18.62 -3.27 0.82
N GLY B 78 -18.23 -4.41 0.25
CA GLY B 78 -19.02 -5.00 -0.81
C GLY B 78 -20.27 -5.69 -0.31
N PRO A 62 3.11 -19.54 4.33
CA PRO A 62 1.66 -19.43 4.28
C PRO A 62 1.16 -18.93 2.92
N LEU A 63 2.09 -18.48 2.09
CA LEU A 63 1.75 -17.99 0.76
C LEU A 63 1.33 -19.13 -0.16
N CYS A 64 0.07 -19.54 -0.04
CA CYS A 64 -0.45 -20.62 -0.87
C CYS A 64 -1.56 -20.12 -1.79
N SER A 65 -2.17 -19.00 -1.42
CA SER A 65 -3.25 -18.41 -2.22
C SER A 65 -3.02 -16.91 -2.40
N LEU A 66 -2.52 -16.54 -3.57
CA LEU A 66 -2.27 -15.14 -3.88
C LEU A 66 -3.24 -14.63 -4.95
N PRO A 67 -3.49 -13.31 -4.92
CA PRO A 67 -4.40 -12.67 -5.88
C PRO A 67 -3.82 -12.63 -7.29
N GLU A 68 -4.62 -12.16 -8.24
CA GLU A 68 -4.20 -12.07 -9.63
C GLU A 68 -3.13 -10.98 -9.80
N GLY A 69 -2.18 -11.23 -10.69
CA GLY A 69 -1.12 -10.28 -10.93
C GLY A 69 -0.36 -9.92 -9.67
N VAL A 70 -0.45 -10.78 -8.66
CA VAL A 70 0.23 -10.55 -7.40
C VAL A 70 1.75 -10.60 -7.57
N ASP A 71 2.45 -9.76 -6.83
CA ASP A 71 3.91 -9.72 -6.89
C ASP A 71 4.53 -10.40 -5.68
N GLN A 72 5.13 -11.57 -5.91
CA GLN A 72 5.76 -12.32 -4.84
C GLN A 72 6.72 -11.44 -4.05
N GLU A 73 7.64 -10.80 -4.76
CA GLU A 73 8.61 -9.92 -4.11
C GLU A 73 7.94 -8.91 -3.19
N VAL A 74 6.77 -8.42 -3.62
CA VAL A 74 6.02 -7.45 -2.83
C VAL A 74 5.30 -8.13 -1.68
N PHE A 75 4.88 -9.37 -1.90
CA PHE A 75 4.17 -10.14 -0.88
C PHE A 75 5.10 -10.48 0.28
N LYS A 76 6.21 -11.15 -0.03
CA LYS A 76 7.18 -11.54 0.98
C LYS A 76 7.82 -10.30 1.62
N GLN A 77 7.64 -9.15 0.99
CA GLN A 77 8.20 -7.90 1.50
C GLN A 77 7.23 -7.23 2.47
N LEU A 78 5.95 -7.55 2.34
CA LEU A 78 4.93 -6.98 3.20
C LEU A 78 4.86 -7.72 4.54
N PRO A 79 4.31 -7.04 5.56
CA PRO A 79 4.18 -7.61 6.90
C PRO A 79 3.15 -8.73 6.96
N VAL A 80 3.18 -9.51 8.04
CA VAL A 80 2.25 -10.62 8.21
C VAL A 80 0.81 -10.12 8.22
N ASP A 81 0.61 -8.91 8.72
CA ASP A 81 -0.72 -8.32 8.80
C ASP A 81 -1.33 -8.19 7.40
N ILE A 82 -0.52 -7.79 6.44
CA ILE A 82 -0.97 -7.63 5.06
C ILE A 82 -1.06 -8.99 4.35
N GLN A 83 -0.22 -9.92 4.78
CA GLN A 83 -0.21 -11.25 4.18
C GLN A 83 -1.48 -12.01 4.51
N GLU A 84 -1.85 -12.01 5.79
CA GLU A 84 -3.05 -12.69 6.24
C GLU A 84 -4.31 -12.04 5.67
N GLU A 85 -4.25 -10.72 5.49
CA GLU A 85 -5.38 -9.98 4.95
C GLU A 85 -5.63 -10.36 3.49
N ILE A 86 -4.57 -10.50 2.72
CA ILE A 86 -4.68 -10.86 1.32
C ILE A 86 -4.96 -12.36 1.15
N LEU A 87 -4.40 -13.16 2.05
CA LEU A 87 -4.59 -14.61 2.01
C LEU A 87 -6.04 -14.97 2.21
N SER A 88 -6.73 -14.20 3.06
CA SER A 88 -8.14 -14.44 3.35
C SER A 88 -8.99 -14.20 2.11
N GLY A 89 -8.48 -13.40 1.19
CA GLY A 89 -9.21 -13.10 -0.03
C GLY A 89 -10.03 -11.83 0.08
N LYS A 90 -10.00 -11.22 1.26
CA LYS A 90 -10.75 -9.98 1.50
C LYS A 90 -10.05 -8.79 0.84
N SER A 91 -10.60 -7.61 1.06
CA SER A 91 -10.04 -6.38 0.49
C SER A 91 -9.72 -6.58 -1.00
N ARG A 92 -10.76 -6.67 -1.81
CA ARG A 92 -10.60 -6.86 -3.25
C ARG A 92 -11.43 -5.84 -4.03
N GLU A 93 -11.01 -4.58 -3.98
CA GLU A 93 -11.72 -3.52 -4.68
C GLU A 93 -11.13 -3.29 -6.07
N LYS A 94 -9.81 -3.24 -6.13
CA LYS A 94 -9.11 -3.02 -7.39
C LYS A 94 -9.57 -4.04 -8.44
N PHE A 95 -9.25 -5.31 -8.20
CA PHE A 95 -9.63 -6.37 -9.13
C PHE A 95 -10.77 -7.21 -8.55
N GLN A 96 -11.28 -8.14 -9.35
CA GLN A 96 -12.38 -8.99 -8.93
C GLN A 96 -11.85 -10.25 -8.24
N GLY A 97 -12.34 -10.51 -7.04
CA GLY A 97 -11.90 -11.68 -6.30
C GLY A 97 -12.10 -12.96 -7.07
N LYS A 98 -11.58 -14.06 -6.54
CA LYS A 98 -11.71 -15.36 -7.18
C LYS A 98 -11.60 -16.49 -6.17
N LEU A 99 -12.75 -16.97 -5.71
CA LEU A 99 -12.78 -18.06 -4.73
C LEU A 99 -13.75 -19.15 -5.16
N MET B 3 11.03 15.38 -1.62
CA MET B 3 11.55 14.05 -1.91
C MET B 3 10.46 13.19 -2.57
N GLN B 4 10.88 12.39 -3.55
CA GLN B 4 9.95 11.52 -4.26
C GLN B 4 10.03 10.09 -3.73
N ILE B 5 8.87 9.49 -3.50
CA ILE B 5 8.82 8.12 -2.98
C ILE B 5 8.10 7.20 -3.96
N PHE B 6 8.50 5.93 -3.99
CA PHE B 6 7.90 4.95 -4.88
C PHE B 6 6.99 4.00 -4.10
N VAL B 7 5.75 3.86 -4.57
CA VAL B 7 4.78 2.99 -3.92
C VAL B 7 4.49 1.76 -4.78
N LYS B 8 4.97 0.60 -4.34
CA LYS B 8 4.77 -0.64 -5.06
C LYS B 8 3.58 -1.41 -4.50
N THR B 9 2.49 -1.45 -5.26
CA THR B 9 1.28 -2.15 -4.83
C THR B 9 1.52 -3.65 -4.78
N LEU B 10 0.52 -4.37 -4.27
CA LEU B 10 0.61 -5.83 -4.16
C LEU B 10 0.82 -6.47 -5.53
N THR B 11 0.34 -5.80 -6.57
CA THR B 11 0.47 -6.30 -7.94
C THR B 11 1.83 -5.92 -8.53
N GLY B 12 2.63 -5.19 -7.75
CA GLY B 12 3.94 -4.79 -8.21
C GLY B 12 3.89 -3.51 -9.04
N LYS B 13 2.95 -2.64 -8.72
CA LYS B 13 2.80 -1.37 -9.43
C LYS B 13 3.46 -0.23 -8.66
N THR B 14 4.56 0.26 -9.20
CA THR B 14 5.29 1.36 -8.57
C THR B 14 4.65 2.71 -8.90
N ILE B 15 4.49 3.54 -7.88
CA ILE B 15 3.89 4.87 -8.08
C ILE B 15 4.75 5.95 -7.43
N THR B 16 5.30 6.82 -8.25
CA THR B 16 6.14 7.91 -7.75
C THR B 16 5.29 9.06 -7.23
N LEU B 17 5.55 9.45 -5.98
CA LEU B 17 4.81 10.54 -5.36
C LEU B 17 5.75 11.56 -4.74
N GLU B 18 5.48 12.84 -4.99
CA GLU B 18 6.31 13.91 -4.46
C GLU B 18 5.81 14.37 -3.10
N VAL B 19 6.49 13.93 -2.04
CA VAL B 19 6.11 14.30 -0.67
C VAL B 19 7.29 14.87 0.09
N GLU B 20 7.05 15.26 1.34
CA GLU B 20 8.10 15.83 2.18
C GLU B 20 8.09 15.20 3.56
N PRO B 21 9.22 15.32 4.28
CA PRO B 21 9.37 14.76 5.63
C PRO B 21 8.52 15.50 6.65
N SER B 22 7.93 16.62 6.23
CA SER B 22 7.10 17.43 7.13
C SER B 22 5.63 17.35 6.71
N ASP B 23 5.31 16.34 5.90
CA ASP B 23 3.94 16.15 5.44
C ASP B 23 3.24 15.07 6.26
N THR B 24 1.94 14.91 6.01
CA THR B 24 1.14 13.91 6.73
C THR B 24 0.86 12.71 5.85
N ILE B 25 0.73 11.54 6.48
CA ILE B 25 0.46 10.30 5.76
C ILE B 25 -0.74 10.47 4.83
N GLU B 26 -1.72 11.24 5.27
CA GLU B 26 -2.92 11.48 4.49
C GLU B 26 -2.59 12.16 3.16
N ASN B 27 -1.57 13.01 3.19
CA ASN B 27 -1.15 13.74 1.99
C ASN B 27 -0.58 12.77 0.96
N VAL B 28 0.18 11.79 1.42
CA VAL B 28 0.78 10.80 0.53
C VAL B 28 -0.29 9.92 -0.11
N LYS B 29 -1.22 9.45 0.70
CA LYS B 29 -2.31 8.61 0.20
C LYS B 29 -3.12 9.33 -0.87
N ALA B 30 -3.34 10.63 -0.65
CA ALA B 30 -4.10 11.43 -1.61
C ALA B 30 -3.51 11.34 -3.01
N LYS B 31 -2.21 11.54 -3.12
CA LYS B 31 -1.51 11.48 -4.40
C LYS B 31 -1.73 10.12 -5.06
N ILE B 32 -1.70 9.06 -4.26
CA ILE B 32 -1.89 7.71 -4.76
C ILE B 32 -3.24 7.57 -5.45
N GLN B 33 -4.21 8.37 -5.02
CA GLN B 33 -5.54 8.33 -5.60
C GLN B 33 -5.53 8.86 -7.03
N ASP B 34 -4.90 10.01 -7.23
CA ASP B 34 -4.81 10.61 -8.55
C ASP B 34 -3.87 9.81 -9.46
N LYS B 35 -3.18 8.84 -8.88
CA LYS B 35 -2.25 8.01 -9.62
C LYS B 35 -2.92 6.71 -10.07
N GLU B 36 -3.45 5.97 -9.10
CA GLU B 36 -4.12 4.70 -9.39
C GLU B 36 -5.63 4.88 -9.44
N GLY B 37 -6.18 5.54 -8.41
CA GLY B 37 -7.61 5.77 -8.35
C GLY B 37 -8.26 5.02 -7.20
N ILE B 38 -7.53 4.86 -6.11
CA ILE B 38 -8.06 4.17 -4.94
C ILE B 38 -8.26 5.12 -3.77
N PRO B 39 -9.44 5.05 -3.15
CA PRO B 39 -9.78 5.90 -2.00
C PRO B 39 -9.00 5.53 -0.74
N PRO B 40 -8.98 6.45 0.23
CA PRO B 40 -8.27 6.24 1.50
C PRO B 40 -8.93 5.18 2.37
N ASP B 41 -10.04 4.64 1.88
CA ASP B 41 -10.77 3.60 2.62
C ASP B 41 -10.43 2.21 2.09
N GLN B 42 -10.04 2.15 0.81
CA GLN B 42 -9.69 0.89 0.18
C GLN B 42 -8.20 0.84 -0.15
N GLN B 43 -7.51 1.95 0.07
CA GLN B 43 -6.09 2.04 -0.21
C GLN B 43 -5.28 2.18 1.08
N ARG B 44 -4.19 1.42 1.18
CA ARG B 44 -3.35 1.46 2.36
C ARG B 44 -1.86 1.52 1.97
N LEU B 45 -1.07 2.19 2.80
CA LEU B 45 0.36 2.33 2.53
C LEU B 45 1.18 1.59 3.59
N ILE B 46 2.18 0.86 3.14
CA ILE B 46 3.05 0.10 4.05
C ILE B 46 4.50 0.57 3.95
N PHE B 47 5.12 0.82 5.10
CA PHE B 47 6.50 1.27 5.13
C PHE B 47 7.20 0.76 6.40
N ALA B 48 8.49 0.43 6.25
CA ALA B 48 9.27 -0.06 7.38
C ALA B 48 8.73 -1.39 7.88
N GLY B 49 7.88 -2.03 7.07
CA GLY B 49 7.31 -3.31 7.45
C GLY B 49 6.13 -3.16 8.39
N LYS B 50 5.55 -1.95 8.43
CA LYS B 50 4.40 -1.68 9.28
C LYS B 50 3.33 -0.92 8.51
N GLN B 51 2.13 -0.86 9.09
CA GLN B 51 1.01 -0.16 8.47
C GLN B 51 0.91 1.27 8.96
N LEU B 52 1.22 2.22 8.09
CA LEU B 52 1.17 3.63 8.45
C LEU B 52 -0.27 4.08 8.69
N GLU B 53 -0.43 5.22 9.33
CA GLU B 53 -1.75 5.76 9.63
C GLU B 53 -1.86 7.22 9.18
N ASP B 54 -3.08 7.65 8.89
CA ASP B 54 -3.33 9.02 8.45
C ASP B 54 -3.17 9.99 9.62
N GLY B 55 -3.06 9.45 10.82
CA GLY B 55 -2.91 10.28 11.99
C GLY B 55 -1.46 10.45 12.42
N ARG B 56 -0.57 10.51 11.43
CA ARG B 56 0.85 10.66 11.71
C ARG B 56 1.56 11.36 10.54
N THR B 57 2.80 11.76 10.77
CA THR B 57 3.59 12.44 9.74
C THR B 57 4.61 11.49 9.12
N LEU B 58 5.06 11.84 7.91
CA LEU B 58 6.03 11.02 7.20
C LEU B 58 7.31 10.86 8.02
N SER B 59 7.74 11.95 8.65
CA SER B 59 8.94 11.93 9.47
C SER B 59 8.79 10.99 10.65
N ASP B 60 7.55 10.72 11.02
CA ASP B 60 7.26 9.83 12.14
C ASP B 60 7.71 8.40 11.83
N TYR B 61 7.58 8.01 10.58
CA TYR B 61 7.98 6.66 10.15
C TYR B 61 9.36 6.69 9.49
N ASN B 62 10.10 7.78 9.73
CA ASN B 62 11.44 7.92 9.15
C ASN B 62 11.39 7.82 7.63
N ILE B 63 10.32 8.32 7.04
CA ILE B 63 10.16 8.28 5.59
C ILE B 63 11.18 9.20 4.90
N GLN B 64 12.29 8.61 4.47
CA GLN B 64 13.33 9.37 3.79
C GLN B 64 13.05 9.49 2.30
N LYS B 65 13.99 10.05 1.57
CA LYS B 65 13.85 10.22 0.12
C LYS B 65 13.88 8.88 -0.59
N GLU B 66 13.22 8.80 -1.74
CA GLU B 66 13.17 7.57 -2.52
C GLU B 66 12.66 6.41 -1.66
N SER B 67 11.86 6.73 -0.66
CA SER B 67 11.31 5.72 0.24
C SER B 67 10.52 4.68 -0.55
N THR B 68 10.78 3.41 -0.26
CA THR B 68 10.11 2.32 -0.95
C THR B 68 8.84 1.89 -0.19
N LEU B 69 7.73 2.53 -0.53
CA LEU B 69 6.45 2.23 0.11
C LEU B 69 5.70 1.15 -0.66
N HIS B 70 4.67 0.58 -0.03
CA HIS B 70 3.86 -0.46 -0.66
C HIS B 70 2.38 -0.14 -0.53
N LEU B 71 1.62 -0.50 -1.56
CA LEU B 71 0.18 -0.26 -1.56
C LEU B 71 -0.60 -1.55 -1.31
N VAL B 72 -1.57 -1.48 -0.41
CA VAL B 72 -2.39 -2.65 -0.09
C VAL B 72 -3.87 -2.29 -0.07
N LEU B 73 -4.71 -3.21 -0.51
CA LEU B 73 -6.15 -3.00 -0.54
C LEU B 73 -6.76 -3.18 0.85
N ARG B 74 -7.63 -2.26 1.22
CA ARG B 74 -8.29 -2.30 2.52
C ARG B 74 -9.59 -3.10 2.45
N LEU B 75 -10.14 -3.44 3.61
CA LEU B 75 -11.38 -4.21 3.67
C LEU B 75 -12.47 -3.54 2.84
N ARG B 76 -13.14 -4.34 2.01
CA ARG B 76 -14.21 -3.84 1.15
C ARG B 76 -15.44 -4.71 1.25
N GLY B 77 -16.50 -4.18 1.84
CA GLY B 77 -17.74 -4.94 1.99
C GLY B 77 -18.88 -4.35 1.18
N GLY B 78 -18.60 -4.00 -0.07
CA GLY B 78 -19.61 -3.42 -0.94
C GLY B 78 -20.17 -4.43 -1.93
N PRO A 62 3.41 -18.38 4.72
CA PRO A 62 2.19 -18.96 4.15
C PRO A 62 1.77 -18.28 2.86
N LEU A 63 2.31 -18.77 1.74
CA LEU A 63 2.00 -18.21 0.43
C LEU A 63 1.61 -19.30 -0.55
N CYS A 64 0.38 -19.78 -0.45
CA CYS A 64 -0.10 -20.83 -1.34
C CYS A 64 -1.26 -20.34 -2.20
N SER A 65 -1.89 -19.25 -1.74
CA SER A 65 -3.03 -18.68 -2.47
C SER A 65 -2.86 -17.17 -2.62
N LEU A 66 -2.41 -16.75 -3.79
CA LEU A 66 -2.21 -15.33 -4.08
C LEU A 66 -3.21 -14.82 -5.09
N PRO A 67 -3.52 -13.52 -5.03
CA PRO A 67 -4.47 -12.89 -5.94
C PRO A 67 -3.93 -12.78 -7.37
N GLU A 68 -4.79 -12.34 -8.28
CA GLU A 68 -4.39 -12.20 -9.68
C GLU A 68 -3.39 -11.06 -9.86
N GLY A 69 -2.45 -11.25 -10.77
CA GLY A 69 -1.45 -10.22 -11.03
C GLY A 69 -0.66 -9.87 -9.78
N VAL A 70 -0.67 -10.77 -8.80
CA VAL A 70 0.05 -10.55 -7.55
C VAL A 70 1.55 -10.59 -7.76
N ASP A 71 2.28 -9.77 -7.00
CA ASP A 71 3.74 -9.72 -7.10
C ASP A 71 4.39 -10.46 -5.94
N GLN A 72 4.94 -11.62 -6.22
CA GLN A 72 5.61 -12.42 -5.20
C GLN A 72 6.59 -11.58 -4.40
N GLU A 73 7.48 -10.89 -5.11
CA GLU A 73 8.48 -10.04 -4.46
C GLU A 73 7.82 -9.08 -3.48
N VAL A 74 6.66 -8.58 -3.85
CA VAL A 74 5.93 -7.64 -3.00
C VAL A 74 5.24 -8.37 -1.84
N PHE A 75 4.81 -9.59 -2.10
CA PHE A 75 4.15 -10.40 -1.09
C PHE A 75 5.10 -10.73 0.07
N LYS A 76 6.22 -11.35 -0.27
CA LYS A 76 7.21 -11.71 0.74
C LYS A 76 7.86 -10.47 1.35
N GLN A 77 7.62 -9.32 0.72
CA GLN A 77 8.18 -8.06 1.21
C GLN A 77 7.23 -7.41 2.21
N LEU A 78 5.96 -7.75 2.11
CA LEU A 78 4.95 -7.19 3.02
C LEU A 78 4.95 -7.92 4.35
N PRO A 79 4.41 -7.27 5.39
CA PRO A 79 4.33 -7.84 6.74
C PRO A 79 3.34 -8.99 6.82
N VAL A 80 3.42 -9.75 7.91
CA VAL A 80 2.52 -10.89 8.11
C VAL A 80 1.06 -10.43 8.17
N ASP A 81 0.84 -9.24 8.71
CA ASP A 81 -0.50 -8.70 8.84
C ASP A 81 -1.17 -8.61 7.46
N ILE A 82 -0.42 -8.13 6.47
CA ILE A 82 -0.94 -7.99 5.12
C ILE A 82 -0.98 -9.33 4.41
N GLN A 83 -0.08 -10.24 4.79
CA GLN A 83 -0.02 -11.56 4.19
C GLN A 83 -1.23 -12.41 4.60
N GLU A 84 -1.64 -12.25 5.86
CA GLU A 84 -2.78 -13.00 6.39
C GLU A 84 -4.09 -12.47 5.81
N GLU A 85 -4.11 -11.18 5.50
CA GLU A 85 -5.30 -10.55 4.96
C GLU A 85 -5.53 -10.98 3.51
N ILE A 86 -4.50 -10.84 2.69
CA ILE A 86 -4.58 -11.22 1.29
C ILE A 86 -4.85 -12.71 1.13
N LEU A 87 -4.39 -13.50 2.10
CA LEU A 87 -4.59 -14.94 2.08
C LEU A 87 -6.03 -15.30 2.42
N SER A 88 -6.71 -14.40 3.14
CA SER A 88 -8.09 -14.62 3.54
C SER A 88 -9.04 -14.39 2.37
N GLY A 89 -8.56 -13.68 1.36
CA GLY A 89 -9.38 -13.40 0.19
C GLY A 89 -10.18 -12.12 0.33
N LYS A 90 -9.81 -11.31 1.31
CA LYS A 90 -10.50 -10.05 1.56
C LYS A 90 -9.76 -8.89 0.92
N SER A 91 -10.26 -7.67 1.15
CA SER A 91 -9.63 -6.47 0.58
C SER A 91 -9.32 -6.66 -0.90
N ARG A 92 -10.38 -6.69 -1.71
CA ARG A 92 -10.23 -6.87 -3.15
C ARG A 92 -11.09 -5.87 -3.92
N GLU A 93 -10.54 -4.68 -4.16
CA GLU A 93 -11.26 -3.64 -4.88
C GLU A 93 -10.52 -3.25 -6.16
N LYS A 94 -9.20 -3.32 -6.12
CA LYS A 94 -8.37 -2.97 -7.26
C LYS A 94 -8.81 -3.75 -8.50
N PHE A 95 -8.74 -5.08 -8.43
CA PHE A 95 -9.13 -5.93 -9.54
C PHE A 95 -10.46 -6.63 -9.25
N GLN A 96 -10.98 -7.34 -10.25
CA GLN A 96 -12.23 -8.06 -10.09
C GLN A 96 -12.01 -9.44 -9.50
N GLY A 97 -12.96 -9.89 -8.68
CA GLY A 97 -12.85 -11.20 -8.06
C GLY A 97 -12.55 -12.29 -9.06
N LYS A 98 -12.22 -13.49 -8.56
CA LYS A 98 -11.91 -14.62 -9.42
C LYS A 98 -13.19 -15.33 -9.86
N LEU A 99 -13.27 -15.66 -11.14
CA LEU A 99 -14.44 -16.35 -11.68
C LEU A 99 -14.16 -17.85 -11.84
N MET B 3 10.99 15.20 -1.41
CA MET B 3 11.51 13.87 -1.73
C MET B 3 10.45 13.01 -2.38
N GLN B 4 10.84 12.27 -3.41
CA GLN B 4 9.91 11.40 -4.12
C GLN B 4 9.97 9.97 -3.59
N ILE B 5 8.81 9.37 -3.38
CA ILE B 5 8.74 8.01 -2.86
C ILE B 5 8.06 7.08 -3.86
N PHE B 6 8.47 5.82 -3.85
CA PHE B 6 7.90 4.82 -4.76
C PHE B 6 6.94 3.90 -4.02
N VAL B 7 5.69 3.84 -4.48
CA VAL B 7 4.68 2.99 -3.87
C VAL B 7 4.42 1.75 -4.71
N LYS B 8 4.87 0.60 -4.24
CA LYS B 8 4.67 -0.65 -4.95
C LYS B 8 3.47 -1.41 -4.40
N THR B 9 2.43 -1.53 -5.22
CA THR B 9 1.21 -2.23 -4.82
C THR B 9 1.43 -3.74 -4.78
N LEU B 10 0.45 -4.45 -4.27
CA LEU B 10 0.53 -5.91 -4.17
C LEU B 10 0.72 -6.53 -5.56
N THR B 11 0.22 -5.84 -6.58
CA THR B 11 0.34 -6.33 -7.95
C THR B 11 1.68 -5.94 -8.57
N GLY B 12 2.51 -5.26 -7.78
CA GLY B 12 3.81 -4.84 -8.27
C GLY B 12 3.74 -3.58 -9.10
N LYS B 13 2.90 -2.64 -8.67
CA LYS B 13 2.75 -1.38 -9.40
C LYS B 13 3.41 -0.24 -8.63
N THR B 14 4.51 0.27 -9.20
CA THR B 14 5.24 1.37 -8.57
C THR B 14 4.60 2.71 -8.90
N ILE B 15 4.41 3.53 -7.87
CA ILE B 15 3.81 4.85 -8.04
C ILE B 15 4.64 5.92 -7.38
N THR B 16 5.26 6.78 -8.19
CA THR B 16 6.10 7.85 -7.69
C THR B 16 5.26 9.02 -7.19
N LEU B 17 5.56 9.50 -5.99
CA LEU B 17 4.83 10.62 -5.40
C LEU B 17 5.78 11.62 -4.76
N GLU B 18 5.55 12.90 -5.04
CA GLU B 18 6.39 13.96 -4.50
C GLU B 18 5.84 14.46 -3.17
N VAL B 19 6.50 14.08 -2.08
CA VAL B 19 6.07 14.49 -0.74
C VAL B 19 7.25 14.98 0.09
N GLU B 20 6.97 15.55 1.25
CA GLU B 20 8.00 16.05 2.15
C GLU B 20 7.99 15.31 3.48
N PRO B 21 9.11 15.38 4.20
CA PRO B 21 9.25 14.73 5.51
C PRO B 21 8.39 15.39 6.58
N SER B 22 7.89 16.58 6.28
CA SER B 22 7.05 17.31 7.23
C SER B 22 5.57 17.07 6.94
N ASP B 23 5.25 16.73 5.70
CA ASP B 23 3.88 16.47 5.30
C ASP B 23 3.28 15.31 6.11
N THR B 24 2.01 15.05 5.91
CA THR B 24 1.31 13.97 6.62
C THR B 24 0.94 12.85 5.67
N ILE B 25 0.75 11.65 6.23
CA ILE B 25 0.37 10.49 5.42
C ILE B 25 -0.84 10.79 4.55
N GLU B 26 -1.73 11.62 5.07
CA GLU B 26 -2.95 11.99 4.34
C GLU B 26 -2.60 12.59 2.98
N ASN B 27 -1.49 13.33 2.94
CA ASN B 27 -1.05 13.97 1.70
C ASN B 27 -0.49 12.94 0.73
N VAL B 28 0.23 11.96 1.26
CA VAL B 28 0.82 10.91 0.43
C VAL B 28 -0.26 10.02 -0.17
N LYS B 29 -1.23 9.65 0.65
CA LYS B 29 -2.33 8.80 0.19
C LYS B 29 -3.14 9.50 -0.91
N ALA B 30 -3.39 10.79 -0.72
CA ALA B 30 -4.15 11.56 -1.69
C ALA B 30 -3.53 11.47 -3.07
N LYS B 31 -2.20 11.55 -3.13
CA LYS B 31 -1.48 11.47 -4.40
C LYS B 31 -1.80 10.18 -5.12
N ILE B 32 -1.71 9.07 -4.40
CA ILE B 32 -1.99 7.75 -4.98
C ILE B 32 -3.37 7.72 -5.63
N GLN B 33 -4.29 8.49 -5.06
CA GLN B 33 -5.66 8.55 -5.58
C GLN B 33 -5.66 9.07 -7.02
N ASP B 34 -4.97 10.17 -7.26
CA ASP B 34 -4.90 10.77 -8.58
C ASP B 34 -3.98 9.96 -9.50
N LYS B 35 -3.33 8.95 -8.93
CA LYS B 35 -2.43 8.09 -9.68
C LYS B 35 -3.14 6.83 -10.17
N GLU B 36 -3.77 6.11 -9.23
CA GLU B 36 -4.48 4.90 -9.56
C GLU B 36 -5.99 5.13 -9.54
N GLY B 37 -6.48 5.79 -8.49
CA GLY B 37 -7.89 6.07 -8.36
C GLY B 37 -8.52 5.35 -7.19
N ILE B 38 -7.71 5.01 -6.20
CA ILE B 38 -8.20 4.32 -5.01
C ILE B 38 -8.44 5.29 -3.87
N PRO B 39 -9.61 5.17 -3.23
CA PRO B 39 -9.99 6.03 -2.11
C PRO B 39 -9.17 5.74 -0.85
N PRO B 40 -9.27 6.64 0.14
CA PRO B 40 -8.54 6.51 1.41
C PRO B 40 -9.07 5.36 2.26
N ASP B 41 -10.17 4.75 1.82
CA ASP B 41 -10.77 3.64 2.54
C ASP B 41 -10.21 2.31 2.05
N GLN B 42 -9.70 2.30 0.82
CA GLN B 42 -9.13 1.09 0.24
C GLN B 42 -7.63 1.23 0.04
N GLN B 43 -7.09 2.38 0.43
CA GLN B 43 -5.66 2.66 0.29
C GLN B 43 -4.95 2.47 1.62
N ARG B 44 -3.88 1.67 1.60
CA ARG B 44 -3.11 1.41 2.81
C ARG B 44 -1.62 1.52 2.53
N LEU B 45 -0.91 2.22 3.42
CA LEU B 45 0.53 2.43 3.26
C LEU B 45 1.30 1.48 4.18
N ILE B 46 2.41 0.95 3.67
CA ILE B 46 3.24 0.03 4.45
C ILE B 46 4.70 0.49 4.47
N PHE B 47 5.20 0.82 5.64
CA PHE B 47 6.58 1.28 5.79
C PHE B 47 7.19 0.73 7.08
N ALA B 48 8.49 0.41 7.02
CA ALA B 48 9.20 -0.13 8.17
C ALA B 48 8.63 -1.49 8.58
N GLY B 49 7.85 -2.10 7.69
CA GLY B 49 7.26 -3.39 7.97
C GLY B 49 5.94 -3.28 8.70
N LYS B 50 5.42 -2.04 8.80
CA LYS B 50 4.15 -1.80 9.46
C LYS B 50 3.27 -0.89 8.63
N GLN B 51 2.02 -0.71 9.07
CA GLN B 51 1.08 0.15 8.36
C GLN B 51 1.08 1.56 8.94
N LEU B 52 0.95 2.55 8.05
CA LEU B 52 0.93 3.94 8.48
C LEU B 52 -0.49 4.45 8.64
N GLU B 53 -0.64 5.56 9.38
CA GLU B 53 -1.95 6.14 9.61
C GLU B 53 -2.02 7.55 9.04
N ASP B 54 -3.24 8.01 8.77
CA ASP B 54 -3.46 9.34 8.22
C ASP B 54 -3.33 10.41 9.30
N GLY B 55 -3.23 9.97 10.54
CA GLY B 55 -3.10 10.90 11.65
C GLY B 55 -1.68 11.00 12.16
N ARG B 56 -0.72 11.00 11.25
CA ARG B 56 0.69 11.09 11.61
C ARG B 56 1.50 11.72 10.48
N THR B 57 2.76 12.05 10.77
CA THR B 57 3.64 12.66 9.79
C THR B 57 4.61 11.64 9.21
N LEU B 58 5.03 11.86 7.97
CA LEU B 58 5.96 10.96 7.31
C LEU B 58 7.24 10.80 8.13
N SER B 59 7.77 11.92 8.61
CA SER B 59 8.99 11.92 9.40
C SER B 59 8.85 10.99 10.61
N ASP B 60 7.61 10.80 11.05
CA ASP B 60 7.34 9.94 12.20
C ASP B 60 7.61 8.48 11.85
N TYR B 61 7.48 8.15 10.57
CA TYR B 61 7.71 6.78 10.12
C TYR B 61 9.11 6.62 9.53
N ASN B 62 9.93 7.66 9.68
CA ASN B 62 11.30 7.65 9.17
C ASN B 62 11.30 7.55 7.64
N ILE B 63 10.31 8.18 7.02
CA ILE B 63 10.21 8.17 5.56
C ILE B 63 11.32 9.00 4.93
N GLN B 64 12.27 8.32 4.28
CA GLN B 64 13.38 9.01 3.63
C GLN B 64 13.16 9.08 2.12
N LYS B 65 13.99 9.88 1.46
CA LYS B 65 13.89 10.04 0.01
C LYS B 65 13.88 8.68 -0.69
N GLU B 66 13.14 8.58 -1.78
CA GLU B 66 13.05 7.34 -2.54
C GLU B 66 12.54 6.21 -1.66
N SER B 67 11.74 6.56 -0.66
CA SER B 67 11.19 5.57 0.26
C SER B 67 10.39 4.51 -0.51
N THR B 68 10.68 3.24 -0.22
CA THR B 68 10.00 2.13 -0.88
C THR B 68 8.71 1.77 -0.15
N LEU B 69 7.65 2.52 -0.43
CA LEU B 69 6.36 2.28 0.19
C LEU B 69 5.59 1.17 -0.54
N HIS B 70 4.62 0.58 0.15
CA HIS B 70 3.81 -0.48 -0.44
C HIS B 70 2.33 -0.21 -0.26
N LEU B 71 1.63 -0.02 -1.37
CA LEU B 71 0.20 0.26 -1.33
C LEU B 71 -0.61 -1.04 -1.23
N VAL B 72 -1.33 -1.19 -0.13
CA VAL B 72 -2.15 -2.38 0.09
C VAL B 72 -3.63 -2.04 0.08
N LEU B 73 -4.45 -2.98 -0.38
CA LEU B 73 -5.89 -2.78 -0.44
C LEU B 73 -6.53 -3.02 0.93
N ARG B 74 -7.31 -2.04 1.39
CA ARG B 74 -7.98 -2.14 2.67
C ARG B 74 -9.29 -2.90 2.55
N LEU B 75 -9.86 -3.28 3.68
CA LEU B 75 -11.13 -4.01 3.70
C LEU B 75 -12.20 -3.25 2.93
N ARG B 76 -12.76 -3.89 1.91
CA ARG B 76 -13.80 -3.28 1.10
C ARG B 76 -15.19 -3.56 1.68
N GLY B 77 -15.84 -2.53 2.18
CA GLY B 77 -17.16 -2.68 2.76
C GLY B 77 -18.26 -2.16 1.85
N GLY B 78 -17.98 -2.11 0.55
CA GLY B 78 -18.96 -1.63 -0.40
C GLY B 78 -18.99 -0.12 -0.49
N PRO A 62 3.33 -18.47 4.90
CA PRO A 62 2.22 -19.11 4.20
C PRO A 62 1.91 -18.43 2.86
N LEU A 63 2.60 -18.90 1.81
CA LEU A 63 2.41 -18.35 0.48
C LEU A 63 2.13 -19.45 -0.53
N CYS A 64 0.93 -20.01 -0.47
CA CYS A 64 0.54 -21.08 -1.39
C CYS A 64 -0.64 -20.65 -2.26
N SER A 65 -1.30 -19.57 -1.86
CA SER A 65 -2.45 -19.06 -2.60
C SER A 65 -2.37 -17.54 -2.73
N LEU A 66 -1.93 -17.07 -3.89
CA LEU A 66 -1.81 -15.63 -4.13
C LEU A 66 -2.84 -15.18 -5.17
N PRO A 67 -3.24 -13.90 -5.08
CA PRO A 67 -4.22 -13.31 -6.00
C PRO A 67 -3.66 -13.14 -7.40
N GLU A 68 -4.52 -12.72 -8.33
CA GLU A 68 -4.11 -12.52 -9.71
C GLU A 68 -3.16 -11.33 -9.84
N GLY A 69 -2.21 -11.43 -10.77
CA GLY A 69 -1.25 -10.37 -10.98
C GLY A 69 -0.50 -10.02 -9.70
N VAL A 70 -0.47 -10.95 -8.76
CA VAL A 70 0.23 -10.74 -7.50
C VAL A 70 1.74 -10.73 -7.69
N ASP A 71 2.42 -9.88 -6.94
CA ASP A 71 3.87 -9.77 -7.02
C ASP A 71 4.54 -10.46 -5.84
N GLN A 72 5.21 -11.58 -6.11
CA GLN A 72 5.90 -12.33 -5.06
C GLN A 72 6.81 -11.42 -4.25
N GLU A 73 7.68 -10.69 -4.94
CA GLU A 73 8.62 -9.79 -4.28
C GLU A 73 7.88 -8.87 -3.31
N VAL A 74 6.74 -8.34 -3.75
CA VAL A 74 5.95 -7.44 -2.92
C VAL A 74 5.24 -8.21 -1.80
N PHE A 75 4.87 -9.45 -2.09
CA PHE A 75 4.18 -10.29 -1.12
C PHE A 75 5.09 -10.60 0.08
N LYS A 76 6.25 -11.18 -0.22
CA LYS A 76 7.21 -11.53 0.83
C LYS A 76 7.76 -10.28 1.51
N GLN A 77 7.54 -9.12 0.87
CA GLN A 77 8.00 -7.86 1.41
C GLN A 77 6.97 -7.24 2.35
N LEU A 78 5.74 -7.75 2.27
CA LEU A 78 4.66 -7.25 3.10
C LEU A 78 4.65 -7.95 4.46
N PRO A 79 4.08 -7.27 5.47
CA PRO A 79 4.00 -7.82 6.84
C PRO A 79 3.03 -8.98 6.94
N VAL A 80 3.12 -9.72 8.05
CA VAL A 80 2.24 -10.87 8.27
C VAL A 80 0.78 -10.45 8.28
N ASP A 81 0.52 -9.24 8.77
CA ASP A 81 -0.84 -8.72 8.84
C ASP A 81 -1.48 -8.68 7.46
N ILE A 82 -0.68 -8.31 6.46
CA ILE A 82 -1.16 -8.24 5.08
C ILE A 82 -1.24 -9.62 4.45
N GLN A 83 -0.20 -10.42 4.66
CA GLN A 83 -0.16 -11.78 4.11
C GLN A 83 -1.43 -12.54 4.45
N GLU A 84 -1.85 -12.47 5.71
CA GLU A 84 -3.05 -13.16 6.18
C GLU A 84 -4.30 -12.49 5.64
N GLU A 85 -4.21 -11.18 5.39
CA GLU A 85 -5.33 -10.42 4.88
C GLU A 85 -5.61 -10.77 3.42
N ILE A 86 -4.55 -10.92 2.64
CA ILE A 86 -4.67 -11.26 1.23
C ILE A 86 -4.97 -12.75 1.04
N LEU A 87 -4.44 -13.56 1.95
CA LEU A 87 -4.65 -15.01 1.88
C LEU A 87 -6.13 -15.35 2.06
N SER A 88 -6.80 -14.63 2.96
CA SER A 88 -8.20 -14.86 3.22
C SER A 88 -9.05 -14.53 1.99
N GLY A 89 -8.51 -13.69 1.12
CA GLY A 89 -9.22 -13.32 -0.09
C GLY A 89 -10.13 -12.12 0.13
N LYS A 90 -9.81 -11.30 1.12
CA LYS A 90 -10.60 -10.12 1.44
C LYS A 90 -9.91 -8.86 0.92
N SER A 91 -10.52 -7.71 1.19
CA SER A 91 -9.97 -6.43 0.75
C SER A 91 -9.68 -6.46 -0.76
N ARG A 92 -10.71 -6.73 -1.55
CA ARG A 92 -10.56 -6.80 -2.99
C ARG A 92 -11.75 -6.15 -3.69
N GLU A 93 -11.74 -4.83 -3.79
CA GLU A 93 -12.83 -4.10 -4.43
C GLU A 93 -12.32 -3.32 -5.64
N LYS A 94 -11.07 -2.90 -5.58
CA LYS A 94 -10.45 -2.14 -6.67
C LYS A 94 -10.66 -2.86 -8.01
N PHE A 95 -10.03 -4.02 -8.14
CA PHE A 95 -10.14 -4.81 -9.37
C PHE A 95 -11.09 -5.98 -9.19
N GLN A 96 -11.37 -6.68 -10.28
CA GLN A 96 -12.28 -7.83 -10.23
C GLN A 96 -11.56 -9.10 -10.68
N GLY A 97 -12.09 -10.25 -10.27
CA GLY A 97 -11.49 -11.52 -10.64
C GLY A 97 -11.26 -11.64 -12.15
N LYS A 98 -10.00 -11.52 -12.55
CA LYS A 98 -9.65 -11.62 -13.96
C LYS A 98 -9.71 -13.06 -14.44
N LEU A 99 -10.88 -13.47 -14.92
CA LEU A 99 -11.06 -14.83 -15.42
C LEU A 99 -11.53 -14.83 -16.87
N MET B 3 11.05 15.40 -1.59
CA MET B 3 11.56 14.06 -1.84
C MET B 3 10.51 13.19 -2.50
N GLN B 4 10.91 12.43 -3.51
CA GLN B 4 10.00 11.55 -4.23
C GLN B 4 10.08 10.13 -3.69
N ILE B 5 8.91 9.52 -3.45
CA ILE B 5 8.85 8.16 -2.94
C ILE B 5 8.17 7.23 -3.94
N PHE B 6 8.56 5.96 -3.91
CA PHE B 6 8.00 4.96 -4.81
C PHE B 6 7.05 4.02 -4.06
N VAL B 7 5.82 3.91 -4.56
CA VAL B 7 4.83 3.05 -3.94
C VAL B 7 4.55 1.81 -4.79
N LYS B 8 5.03 0.66 -4.33
CA LYS B 8 4.83 -0.59 -5.05
C LYS B 8 3.65 -1.37 -4.48
N THR B 9 2.57 -1.46 -5.26
CA THR B 9 1.38 -2.18 -4.83
C THR B 9 1.60 -3.69 -4.85
N LEU B 10 0.62 -4.43 -4.36
CA LEU B 10 0.72 -5.89 -4.33
C LEU B 10 0.87 -6.46 -5.74
N THR B 11 0.44 -5.69 -6.73
CA THR B 11 0.52 -6.12 -8.13
C THR B 11 1.83 -5.66 -8.75
N GLY B 12 2.80 -5.30 -7.91
CA GLY B 12 4.08 -4.85 -8.40
C GLY B 12 3.98 -3.61 -9.26
N LYS B 13 3.28 -2.59 -8.75
CA LYS B 13 3.09 -1.35 -9.48
C LYS B 13 3.70 -0.18 -8.70
N THR B 14 4.81 0.34 -9.20
CA THR B 14 5.49 1.46 -8.57
C THR B 14 4.84 2.78 -8.93
N ILE B 15 4.60 3.62 -7.93
CA ILE B 15 3.97 4.92 -8.15
C ILE B 15 4.77 6.03 -7.49
N THR B 16 5.46 6.83 -8.30
CA THR B 16 6.27 7.94 -7.79
C THR B 16 5.39 9.08 -7.31
N LEU B 17 5.69 9.57 -6.11
CA LEU B 17 4.93 10.67 -5.52
C LEU B 17 5.85 11.70 -4.87
N GLU B 18 5.60 12.97 -5.15
CA GLU B 18 6.41 14.05 -4.59
C GLU B 18 5.88 14.48 -3.22
N VAL B 19 6.54 14.03 -2.16
CA VAL B 19 6.13 14.37 -0.80
C VAL B 19 7.30 14.94 -0.01
N GLU B 20 7.04 15.30 1.25
CA GLU B 20 8.07 15.85 2.11
C GLU B 20 8.01 15.23 3.51
N PRO B 21 9.12 15.32 4.25
CA PRO B 21 9.21 14.78 5.60
C PRO B 21 8.35 15.53 6.60
N SER B 22 7.84 16.68 6.18
CA SER B 22 7.00 17.51 7.04
C SER B 22 5.52 17.25 6.77
N ASP B 23 5.22 16.82 5.54
CA ASP B 23 3.84 16.54 5.16
C ASP B 23 3.27 15.38 5.96
N THR B 24 1.96 15.17 5.84
CA THR B 24 1.29 14.10 6.57
C THR B 24 0.94 12.94 5.64
N ILE B 25 0.76 11.76 6.21
CA ILE B 25 0.42 10.58 5.43
C ILE B 25 -0.82 10.83 4.57
N GLU B 26 -1.72 11.66 5.07
CA GLU B 26 -2.94 11.99 4.35
C GLU B 26 -2.63 12.63 3.01
N ASN B 27 -1.52 13.36 2.95
CA ASN B 27 -1.10 14.03 1.72
C ASN B 27 -0.49 13.04 0.74
N VAL B 28 0.23 12.06 1.27
CA VAL B 28 0.87 11.05 0.44
C VAL B 28 -0.17 10.13 -0.20
N LYS B 29 -1.10 9.64 0.61
CA LYS B 29 -2.15 8.76 0.12
C LYS B 29 -3.02 9.46 -0.92
N ALA B 30 -3.16 10.78 -0.77
CA ALA B 30 -3.95 11.57 -1.69
C ALA B 30 -3.42 11.46 -3.12
N LYS B 31 -2.11 11.68 -3.28
CA LYS B 31 -1.47 11.62 -4.59
C LYS B 31 -1.72 10.26 -5.23
N ILE B 32 -1.62 9.20 -4.44
CA ILE B 32 -1.83 7.84 -4.93
C ILE B 32 -3.19 7.71 -5.60
N GLN B 33 -4.17 8.42 -5.07
CA GLN B 33 -5.53 8.39 -5.61
C GLN B 33 -5.55 8.89 -7.04
N ASP B 34 -4.91 10.03 -7.28
CA ASP B 34 -4.85 10.62 -8.61
C ASP B 34 -3.95 9.80 -9.53
N LYS B 35 -3.25 8.84 -8.96
CA LYS B 35 -2.34 7.98 -9.72
C LYS B 35 -3.03 6.69 -10.13
N GLU B 36 -3.55 5.95 -9.14
CA GLU B 36 -4.24 4.70 -9.40
C GLU B 36 -5.75 4.89 -9.39
N GLY B 37 -6.25 5.54 -8.34
CA GLY B 37 -7.67 5.78 -8.22
C GLY B 37 -8.29 5.02 -7.06
N ILE B 38 -7.51 4.84 -5.99
CA ILE B 38 -7.99 4.13 -4.82
C ILE B 38 -8.27 5.09 -3.67
N PRO B 39 -9.46 4.95 -3.07
CA PRO B 39 -9.89 5.80 -1.94
C PRO B 39 -9.09 5.53 -0.67
N PRO B 40 -9.16 6.46 0.29
CA PRO B 40 -8.45 6.33 1.56
C PRO B 40 -9.05 5.24 2.45
N ASP B 41 -10.17 4.69 2.02
CA ASP B 41 -10.84 3.63 2.78
C ASP B 41 -10.26 2.27 2.43
N GLN B 42 -9.80 2.12 1.19
CA GLN B 42 -9.22 0.86 0.72
C GLN B 42 -7.73 1.02 0.45
N GLN B 43 -7.21 2.23 0.68
CA GLN B 43 -5.80 2.51 0.45
C GLN B 43 -5.00 2.34 1.74
N ARG B 44 -3.94 1.54 1.68
CA ARG B 44 -3.11 1.29 2.85
C ARG B 44 -1.62 1.41 2.48
N LEU B 45 -0.86 2.08 3.33
CA LEU B 45 0.57 2.26 3.10
C LEU B 45 1.39 1.35 4.02
N ILE B 46 2.41 0.71 3.45
CA ILE B 46 3.28 -0.17 4.21
C ILE B 46 4.71 0.33 4.24
N PHE B 47 5.19 0.69 5.42
CA PHE B 47 6.55 1.19 5.57
C PHE B 47 7.15 0.75 6.89
N ALA B 48 8.45 0.46 6.88
CA ALA B 48 9.14 0.02 8.09
C ALA B 48 8.60 -1.32 8.58
N GLY B 49 7.87 -2.01 7.71
CA GLY B 49 7.31 -3.30 8.06
C GLY B 49 6.00 -3.18 8.82
N LYS B 50 5.33 -2.04 8.66
CA LYS B 50 4.07 -1.79 9.33
C LYS B 50 3.17 -0.90 8.49
N GLN B 51 1.95 -0.65 9.00
CA GLN B 51 1.01 0.20 8.28
C GLN B 51 1.04 1.63 8.83
N LEU B 52 0.91 2.60 7.93
CA LEU B 52 0.94 4.01 8.33
C LEU B 52 -0.49 4.56 8.44
N GLU B 53 -0.68 5.50 9.36
CA GLU B 53 -1.99 6.11 9.56
C GLU B 53 -2.03 7.52 8.99
N ASP B 54 -3.24 8.07 8.87
CA ASP B 54 -3.41 9.41 8.33
C ASP B 54 -3.19 10.46 9.42
N GLY B 55 -3.25 10.02 10.67
CA GLY B 55 -3.06 10.94 11.78
C GLY B 55 -1.60 11.00 12.23
N ARG B 56 -0.69 11.00 11.27
CA ARG B 56 0.74 11.05 11.57
C ARG B 56 1.51 11.69 10.42
N THR B 57 2.78 12.01 10.69
CA THR B 57 3.63 12.64 9.67
C THR B 57 4.62 11.63 9.09
N LEU B 58 5.03 11.85 7.85
CA LEU B 58 5.98 10.96 7.19
C LEU B 58 7.25 10.81 8.02
N SER B 59 7.79 11.93 8.49
CA SER B 59 9.00 11.91 9.29
C SER B 59 8.83 11.01 10.51
N ASP B 60 7.59 10.83 10.95
CA ASP B 60 7.30 9.99 12.09
C ASP B 60 7.62 8.53 11.80
N TYR B 61 7.48 8.15 10.54
CA TYR B 61 7.75 6.77 10.13
C TYR B 61 9.15 6.65 9.53
N ASN B 62 9.95 7.69 9.70
CA ASN B 62 11.32 7.70 9.18
C ASN B 62 11.31 7.59 7.66
N ILE B 63 10.30 8.17 7.03
CA ILE B 63 10.18 8.15 5.58
C ILE B 63 11.27 8.98 4.92
N GLN B 64 12.35 8.33 4.52
CA GLN B 64 13.47 9.01 3.87
C GLN B 64 13.24 9.13 2.38
N LYS B 65 14.03 9.98 1.73
CA LYS B 65 13.91 10.18 0.28
C LYS B 65 13.94 8.84 -0.46
N GLU B 66 13.26 8.80 -1.60
CA GLU B 66 13.20 7.57 -2.40
C GLU B 66 12.70 6.40 -1.57
N SER B 67 11.90 6.70 -0.56
CA SER B 67 11.36 5.67 0.32
C SER B 67 10.57 4.63 -0.48
N THR B 68 10.81 3.36 -0.18
CA THR B 68 10.14 2.27 -0.88
C THR B 68 8.87 1.86 -0.15
N LEU B 69 7.78 2.55 -0.45
CA LEU B 69 6.49 2.25 0.19
C LEU B 69 5.74 1.16 -0.59
N HIS B 70 4.83 0.48 0.10
CA HIS B 70 4.05 -0.58 -0.52
C HIS B 70 2.56 -0.37 -0.28
N LEU B 71 1.81 -0.17 -1.36
CA LEU B 71 0.37 0.05 -1.27
C LEU B 71 -0.38 -1.28 -1.18
N VAL B 72 -1.32 -1.36 -0.24
CA VAL B 72 -2.10 -2.57 -0.05
C VAL B 72 -3.59 -2.25 0.09
N LEU B 73 -4.44 -3.10 -0.47
CA LEU B 73 -5.88 -2.90 -0.39
C LEU B 73 -6.39 -3.13 1.02
N ARG B 74 -7.24 -2.23 1.49
CA ARG B 74 -7.80 -2.33 2.84
C ARG B 74 -9.14 -3.06 2.81
N LEU B 75 -9.53 -3.60 3.96
CA LEU B 75 -10.80 -4.33 4.07
C LEU B 75 -11.94 -3.50 3.51
N ARG B 76 -12.65 -4.08 2.53
CA ARG B 76 -13.79 -3.40 1.91
C ARG B 76 -15.04 -3.51 2.79
N GLY B 77 -15.47 -2.37 3.31
CA GLY B 77 -16.66 -2.36 4.16
C GLY B 77 -17.29 -0.99 4.26
N GLY B 78 -17.03 -0.14 3.27
CA GLY B 78 -17.59 1.19 3.26
C GLY B 78 -18.60 1.39 2.16
N PRO A 62 6.20 -19.59 0.62
CA PRO A 62 5.35 -19.71 1.81
C PRO A 62 3.88 -19.45 1.49
N LEU A 63 3.61 -19.01 0.26
CA LEU A 63 2.25 -18.73 -0.17
C LEU A 63 1.71 -19.86 -1.04
N CYS A 64 0.47 -20.24 -0.78
CA CYS A 64 -0.17 -21.32 -1.55
C CYS A 64 -1.40 -20.80 -2.29
N SER A 65 -1.91 -19.66 -1.84
CA SER A 65 -3.10 -19.07 -2.46
C SER A 65 -2.95 -17.55 -2.57
N LEU A 66 -2.50 -17.09 -3.73
CA LEU A 66 -2.30 -15.66 -3.96
C LEU A 66 -3.32 -15.14 -4.98
N PRO A 67 -3.64 -13.84 -4.88
CA PRO A 67 -4.59 -13.18 -5.78
C PRO A 67 -4.05 -13.04 -7.20
N GLU A 68 -4.91 -12.60 -8.11
CA GLU A 68 -4.51 -12.43 -9.51
C GLU A 68 -3.55 -11.25 -9.66
N GLY A 69 -2.62 -11.38 -10.60
CA GLY A 69 -1.65 -10.32 -10.83
C GLY A 69 -0.85 -9.99 -9.58
N VAL A 70 -0.81 -10.92 -8.64
CA VAL A 70 -0.08 -10.72 -7.39
C VAL A 70 1.43 -10.74 -7.64
N ASP A 71 2.15 -9.91 -6.90
CA ASP A 71 3.61 -9.84 -7.03
C ASP A 71 4.29 -10.53 -5.86
N GLN A 72 4.91 -11.67 -6.13
CA GLN A 72 5.61 -12.44 -5.10
C GLN A 72 6.58 -11.55 -4.34
N GLU A 73 7.45 -10.87 -5.06
CA GLU A 73 8.44 -9.99 -4.46
C GLU A 73 7.77 -9.03 -3.48
N VAL A 74 6.60 -8.52 -3.85
CA VAL A 74 5.86 -7.59 -3.01
C VAL A 74 5.20 -8.31 -1.84
N PHE A 75 4.80 -9.55 -2.07
CA PHE A 75 4.16 -10.35 -1.03
C PHE A 75 5.14 -10.67 0.09
N LYS A 76 6.26 -11.28 -0.26
CA LYS A 76 7.28 -11.65 0.71
C LYS A 76 7.91 -10.40 1.32
N GLN A 77 7.67 -9.25 0.70
CA GLN A 77 8.22 -7.99 1.18
C GLN A 77 7.28 -7.34 2.20
N LEU A 78 5.99 -7.63 2.07
CA LEU A 78 4.99 -7.08 2.99
C LEU A 78 4.99 -7.84 4.32
N PRO A 79 4.47 -7.19 5.36
CA PRO A 79 4.40 -7.78 6.70
C PRO A 79 3.38 -8.91 6.78
N VAL A 80 3.45 -9.69 7.84
CA VAL A 80 2.54 -10.81 8.04
C VAL A 80 1.09 -10.33 8.08
N ASP A 81 0.89 -9.12 8.60
CA ASP A 81 -0.45 -8.55 8.70
C ASP A 81 -1.09 -8.42 7.31
N ILE A 82 -0.30 -7.99 6.34
CA ILE A 82 -0.79 -7.82 4.98
C ILE A 82 -0.87 -9.16 4.26
N GLN A 83 -0.02 -10.10 4.66
CA GLN A 83 0.00 -11.42 4.06
C GLN A 83 -1.26 -12.21 4.42
N GLU A 84 -1.57 -12.26 5.71
CA GLU A 84 -2.74 -12.98 6.20
C GLU A 84 -4.02 -12.36 5.65
N GLU A 85 -3.99 -11.03 5.46
CA GLU A 85 -5.15 -10.32 4.95
C GLU A 85 -5.45 -10.72 3.50
N ILE A 86 -4.40 -10.74 2.67
CA ILE A 86 -4.54 -11.11 1.27
C ILE A 86 -4.84 -12.59 1.12
N LEU A 87 -4.15 -13.41 1.88
CA LEU A 87 -4.34 -14.86 1.83
C LEU A 87 -5.77 -15.23 2.17
N SER A 88 -6.39 -14.46 3.06
CA SER A 88 -7.76 -14.69 3.48
C SER A 88 -8.72 -14.49 2.31
N GLY A 89 -8.29 -13.70 1.33
CA GLY A 89 -9.13 -13.43 0.18
C GLY A 89 -10.02 -12.23 0.37
N LYS A 90 -9.59 -11.31 1.22
CA LYS A 90 -10.36 -10.10 1.49
C LYS A 90 -9.69 -8.87 0.90
N SER A 91 -10.26 -7.70 1.14
CA SER A 91 -9.72 -6.45 0.62
C SER A 91 -9.36 -6.59 -0.85
N ARG A 92 -10.39 -6.67 -1.69
CA ARG A 92 -10.19 -6.80 -3.14
C ARG A 92 -11.10 -5.84 -3.89
N GLU A 93 -10.79 -4.55 -3.82
CA GLU A 93 -11.58 -3.53 -4.50
C GLU A 93 -10.79 -2.90 -5.64
N LYS A 94 -9.46 -3.00 -5.55
CA LYS A 94 -8.59 -2.43 -6.57
C LYS A 94 -8.98 -2.91 -7.96
N PHE A 95 -9.09 -4.22 -8.13
CA PHE A 95 -9.47 -4.80 -9.42
C PHE A 95 -10.72 -5.67 -9.27
N GLN A 96 -11.23 -6.14 -10.40
CA GLN A 96 -12.42 -6.99 -10.41
C GLN A 96 -12.07 -8.42 -10.75
N GLY A 97 -12.82 -9.36 -10.18
CA GLY A 97 -12.57 -10.77 -10.44
C GLY A 97 -12.52 -11.08 -11.92
N LYS A 98 -11.30 -11.31 -12.43
CA LYS A 98 -11.11 -11.63 -13.85
C LYS A 98 -11.61 -13.03 -14.17
N LEU A 99 -12.92 -13.16 -14.36
CA LEU A 99 -13.53 -14.46 -14.67
C LEU A 99 -13.87 -14.56 -16.15
N MET B 3 10.91 15.36 -1.55
CA MET B 3 11.44 14.03 -1.77
C MET B 3 10.40 13.13 -2.44
N GLN B 4 10.82 12.38 -3.45
CA GLN B 4 9.93 11.49 -4.17
C GLN B 4 9.99 10.08 -3.59
N ILE B 5 8.83 9.47 -3.40
CA ILE B 5 8.74 8.11 -2.86
C ILE B 5 8.11 7.16 -3.85
N PHE B 6 8.53 5.90 -3.82
CA PHE B 6 8.00 4.89 -4.72
C PHE B 6 7.05 3.95 -3.98
N VAL B 7 5.80 3.89 -4.45
CA VAL B 7 4.80 3.02 -3.85
C VAL B 7 4.54 1.80 -4.69
N LYS B 8 4.91 0.63 -4.16
CA LYS B 8 4.72 -0.63 -4.88
C LYS B 8 3.50 -1.38 -4.34
N THR B 9 2.48 -1.52 -5.19
CA THR B 9 1.25 -2.20 -4.81
C THR B 9 1.44 -3.71 -4.83
N LEU B 10 0.45 -4.43 -4.32
CA LEU B 10 0.51 -5.89 -4.29
C LEU B 10 0.67 -6.46 -5.69
N THR B 11 0.26 -5.68 -6.68
CA THR B 11 0.36 -6.10 -8.08
C THR B 11 1.65 -5.62 -8.71
N GLY B 12 2.65 -5.36 -7.88
CA GLY B 12 3.93 -4.90 -8.38
C GLY B 12 3.81 -3.65 -9.24
N LYS B 13 3.19 -2.61 -8.68
CA LYS B 13 3.00 -1.36 -9.40
C LYS B 13 3.65 -0.19 -8.65
N THR B 14 4.75 0.32 -9.20
CA THR B 14 5.46 1.43 -8.58
C THR B 14 4.80 2.76 -8.92
N ILE B 15 4.59 3.59 -7.90
CA ILE B 15 3.98 4.89 -8.09
C ILE B 15 4.79 6.00 -7.42
N THR B 16 5.43 6.84 -8.24
CA THR B 16 6.24 7.93 -7.72
C THR B 16 5.38 9.09 -7.25
N LEU B 17 5.59 9.52 -6.02
CA LEU B 17 4.82 10.62 -5.45
C LEU B 17 5.74 11.67 -4.84
N GLU B 18 5.47 12.95 -5.13
CA GLU B 18 6.28 14.04 -4.61
C GLU B 18 5.74 14.52 -3.27
N VAL B 19 6.41 14.11 -2.20
CA VAL B 19 6.01 14.50 -0.85
C VAL B 19 7.20 15.02 -0.04
N GLU B 20 6.94 15.39 1.20
CA GLU B 20 7.99 15.90 2.08
C GLU B 20 7.96 15.20 3.44
N PRO B 21 9.08 15.27 4.17
CA PRO B 21 9.20 14.65 5.49
C PRO B 21 8.34 15.36 6.54
N SER B 22 7.87 16.55 6.20
CA SER B 22 7.04 17.33 7.12
C SER B 22 5.56 17.10 6.84
N ASP B 23 5.24 16.72 5.61
CA ASP B 23 3.86 16.48 5.21
C ASP B 23 3.26 15.34 6.03
N THR B 24 1.96 15.11 5.84
CA THR B 24 1.26 14.05 6.56
C THR B 24 0.88 12.92 5.63
N ILE B 25 0.73 11.72 6.19
CA ILE B 25 0.36 10.55 5.40
C ILE B 25 -0.88 10.83 4.55
N GLU B 26 -1.75 11.69 5.05
CA GLU B 26 -2.98 12.04 4.32
C GLU B 26 -2.64 12.64 2.96
N ASN B 27 -1.55 13.38 2.89
CA ASN B 27 -1.12 14.01 1.64
C ASN B 27 -0.57 12.97 0.67
N VAL B 28 0.23 12.05 1.20
CA VAL B 28 0.82 10.99 0.38
C VAL B 28 -0.25 10.09 -0.23
N LYS B 29 -1.26 9.76 0.57
CA LYS B 29 -2.36 8.91 0.10
C LYS B 29 -3.14 9.60 -1.00
N ALA B 30 -3.39 10.90 -0.84
CA ALA B 30 -4.12 11.67 -1.83
C ALA B 30 -3.48 11.55 -3.21
N LYS B 31 -2.15 11.62 -3.25
CA LYS B 31 -1.42 11.51 -4.50
C LYS B 31 -1.73 10.19 -5.21
N ILE B 32 -1.64 9.09 -4.48
CA ILE B 32 -1.92 7.78 -5.04
C ILE B 32 -3.29 7.73 -5.69
N GLN B 33 -4.23 8.51 -5.15
CA GLN B 33 -5.59 8.57 -5.67
C GLN B 33 -5.59 9.08 -7.11
N ASP B 34 -4.87 10.17 -7.34
CA ASP B 34 -4.78 10.76 -8.67
C ASP B 34 -3.85 9.96 -9.57
N LYS B 35 -3.22 8.94 -9.00
CA LYS B 35 -2.30 8.09 -9.74
C LYS B 35 -3.00 6.82 -10.20
N GLU B 36 -3.55 6.07 -9.25
CA GLU B 36 -4.25 4.83 -9.56
C GLU B 36 -5.76 5.03 -9.55
N GLY B 37 -6.26 5.67 -8.49
CA GLY B 37 -7.68 5.92 -8.37
C GLY B 37 -8.31 5.16 -7.23
N ILE B 38 -7.57 4.99 -6.15
CA ILE B 38 -8.06 4.27 -4.98
C ILE B 38 -8.37 5.24 -3.83
N PRO B 39 -9.56 5.10 -3.24
CA PRO B 39 -10.00 5.93 -2.13
C PRO B 39 -9.23 5.64 -0.85
N PRO B 40 -9.31 6.57 0.11
CA PRO B 40 -8.63 6.44 1.40
C PRO B 40 -9.25 5.34 2.28
N ASP B 41 -10.37 4.80 1.83
CA ASP B 41 -11.05 3.74 2.56
C ASP B 41 -10.47 2.37 2.22
N GLN B 42 -9.97 2.24 1.00
CA GLN B 42 -9.39 0.98 0.54
C GLN B 42 -7.88 1.12 0.35
N GLN B 43 -7.37 2.34 0.53
CA GLN B 43 -5.95 2.61 0.36
C GLN B 43 -5.19 2.37 1.67
N ARG B 44 -4.10 1.62 1.59
CA ARG B 44 -3.30 1.32 2.76
C ARG B 44 -1.81 1.52 2.47
N LEU B 45 -1.06 1.92 3.48
CA LEU B 45 0.37 2.15 3.34
C LEU B 45 1.17 1.21 4.23
N ILE B 46 2.36 0.83 3.77
CA ILE B 46 3.23 -0.06 4.54
C ILE B 46 4.68 0.42 4.52
N PHE B 47 5.22 0.68 5.70
CA PHE B 47 6.59 1.15 5.82
C PHE B 47 7.24 0.62 7.10
N ALA B 48 8.51 0.24 7.00
CA ALA B 48 9.24 -0.29 8.14
C ALA B 48 8.66 -1.62 8.60
N GLY B 49 7.81 -2.21 7.76
CA GLY B 49 7.20 -3.48 8.10
C GLY B 49 5.91 -3.30 8.90
N LYS B 50 5.38 -2.09 8.90
CA LYS B 50 4.15 -1.79 9.63
C LYS B 50 3.21 -0.96 8.77
N GLN B 51 1.98 -0.77 9.27
CA GLN B 51 0.98 0.01 8.56
C GLN B 51 0.97 1.46 9.03
N LEU B 52 0.94 2.39 8.08
CA LEU B 52 0.94 3.81 8.40
C LEU B 52 -0.49 4.35 8.46
N GLU B 53 -0.73 5.28 9.38
CA GLU B 53 -2.05 5.87 9.54
C GLU B 53 -2.10 7.26 8.92
N ASP B 54 -3.31 7.79 8.78
CA ASP B 54 -3.50 9.12 8.19
C ASP B 54 -3.27 10.20 9.24
N GLY B 55 -3.37 9.83 10.51
CA GLY B 55 -3.18 10.78 11.58
C GLY B 55 -1.74 10.83 12.06
N ARG B 56 -0.80 10.85 11.12
CA ARG B 56 0.62 10.90 11.46
C ARG B 56 1.42 11.57 10.34
N THR B 57 2.69 11.85 10.64
CA THR B 57 3.56 12.50 9.66
C THR B 57 4.56 11.50 9.08
N LEU B 58 5.00 11.76 7.85
CA LEU B 58 5.95 10.88 7.17
C LEU B 58 7.22 10.72 8.00
N SER B 59 7.72 11.84 8.51
CA SER B 59 8.93 11.83 9.32
C SER B 59 8.77 10.93 10.53
N ASP B 60 7.53 10.69 10.93
CA ASP B 60 7.24 9.84 12.08
C ASP B 60 7.55 8.38 11.76
N TYR B 61 7.43 8.02 10.49
CA TYR B 61 7.70 6.65 10.07
C TYR B 61 9.10 6.53 9.47
N ASN B 62 9.89 7.59 9.64
CA ASN B 62 11.25 7.60 9.11
C ASN B 62 11.26 7.51 7.59
N ILE B 63 10.25 8.09 6.96
CA ILE B 63 10.14 8.07 5.51
C ILE B 63 11.21 8.93 4.87
N GLN B 64 12.30 8.29 4.44
CA GLN B 64 13.40 8.99 3.80
C GLN B 64 13.20 9.09 2.30
N LYS B 65 13.99 9.93 1.65
CA LYS B 65 13.89 10.13 0.21
C LYS B 65 13.93 8.78 -0.52
N GLU B 66 13.16 8.68 -1.60
CA GLU B 66 13.09 7.46 -2.39
C GLU B 66 12.64 6.28 -1.52
N SER B 67 11.84 6.57 -0.51
CA SER B 67 11.33 5.55 0.39
C SER B 67 10.51 4.51 -0.37
N THR B 68 10.81 3.24 -0.15
CA THR B 68 10.10 2.16 -0.81
C THR B 68 8.80 1.82 -0.09
N LEU B 69 7.74 2.57 -0.39
CA LEU B 69 6.44 2.36 0.23
C LEU B 69 5.67 1.26 -0.49
N HIS B 70 4.69 0.68 0.20
CA HIS B 70 3.87 -0.38 -0.37
C HIS B 70 2.39 -0.08 -0.21
N LEU B 71 1.64 -0.13 -1.31
CA LEU B 71 0.21 0.14 -1.29
C LEU B 71 -0.59 -1.15 -1.20
N VAL B 72 -1.37 -1.29 -0.13
CA VAL B 72 -2.18 -2.49 0.07
C VAL B 72 -3.67 -2.13 0.10
N LEU B 73 -4.49 -3.05 -0.40
CA LEU B 73 -5.94 -2.85 -0.42
C LEU B 73 -6.55 -3.09 0.95
N ARG B 74 -7.47 -2.22 1.34
CA ARG B 74 -8.14 -2.35 2.64
C ARG B 74 -9.49 -3.06 2.49
N LEU B 75 -10.02 -3.55 3.59
CA LEU B 75 -11.30 -4.25 3.59
C LEU B 75 -12.37 -3.42 2.88
N ARG B 76 -12.99 -4.02 1.86
CA ARG B 76 -14.03 -3.34 1.11
C ARG B 76 -15.42 -3.78 1.56
N GLY B 77 -16.02 -3.00 2.45
CA GLY B 77 -17.34 -3.33 2.95
C GLY B 77 -17.30 -4.11 4.25
N GLY B 78 -16.21 -4.86 4.45
CA GLY B 78 -16.07 -5.64 5.67
C GLY B 78 -15.43 -4.85 6.80
N PRO A 62 0.86 -20.50 4.06
CA PRO A 62 1.90 -19.83 3.28
C PRO A 62 1.33 -19.04 2.10
N LEU A 63 2.20 -18.57 1.22
CA LEU A 63 1.78 -17.80 0.07
C LEU A 63 1.41 -18.72 -1.09
N CYS A 64 0.53 -19.68 -0.83
CA CYS A 64 0.09 -20.63 -1.85
C CYS A 64 -1.10 -20.09 -2.62
N SER A 65 -1.88 -19.23 -1.96
CA SER A 65 -3.06 -18.65 -2.59
C SER A 65 -2.91 -17.14 -2.72
N LEU A 66 -2.42 -16.69 -3.87
CA LEU A 66 -2.22 -15.27 -4.12
C LEU A 66 -3.20 -14.76 -5.18
N PRO A 67 -3.53 -13.46 -5.10
CA PRO A 67 -4.45 -12.82 -6.04
C PRO A 67 -3.86 -12.70 -7.45
N GLU A 68 -4.67 -12.23 -8.39
CA GLU A 68 -4.23 -12.07 -9.78
C GLU A 68 -3.21 -10.94 -9.89
N GLY A 69 -2.24 -11.12 -10.78
CA GLY A 69 -1.22 -10.11 -10.98
C GLY A 69 -0.47 -9.79 -9.70
N VAL A 70 -0.52 -10.71 -8.75
CA VAL A 70 0.16 -10.52 -7.46
C VAL A 70 1.68 -10.57 -7.64
N ASP A 71 2.37 -9.73 -6.89
CA ASP A 71 3.83 -9.67 -6.96
C ASP A 71 4.46 -10.41 -5.77
N GLN A 72 5.10 -11.54 -6.05
CA GLN A 72 5.73 -12.34 -5.01
C GLN A 72 6.66 -11.48 -4.17
N GLU A 73 7.57 -10.76 -4.83
CA GLU A 73 8.52 -9.91 -4.14
C GLU A 73 7.81 -8.98 -3.17
N VAL A 74 6.75 -8.33 -3.65
CA VAL A 74 5.97 -7.41 -2.83
C VAL A 74 5.23 -8.15 -1.71
N PHE A 75 4.82 -9.38 -2.00
CA PHE A 75 4.11 -10.20 -1.02
C PHE A 75 5.03 -10.60 0.13
N LYS A 76 6.15 -11.24 -0.21
CA LYS A 76 7.11 -11.67 0.79
C LYS A 76 7.76 -10.47 1.48
N GLN A 77 7.58 -9.29 0.89
CA GLN A 77 8.16 -8.07 1.43
C GLN A 77 7.21 -7.43 2.45
N LEU A 78 5.93 -7.79 2.36
CA LEU A 78 4.92 -7.25 3.26
C LEU A 78 4.88 -8.05 4.57
N PRO A 79 4.37 -7.41 5.63
CA PRO A 79 4.25 -8.03 6.95
C PRO A 79 3.21 -9.14 6.98
N VAL A 80 3.28 -10.00 7.99
CA VAL A 80 2.33 -11.10 8.14
C VAL A 80 0.89 -10.58 8.17
N ASP A 81 0.70 -9.40 8.72
CA ASP A 81 -0.62 -8.79 8.81
C ASP A 81 -1.23 -8.62 7.42
N ILE A 82 -0.40 -8.19 6.47
CA ILE A 82 -0.86 -7.97 5.10
C ILE A 82 -0.97 -9.30 4.36
N GLN A 83 -0.16 -10.27 4.75
CA GLN A 83 -0.18 -11.59 4.12
C GLN A 83 -1.47 -12.34 4.44
N GLU A 84 -1.81 -12.40 5.73
CA GLU A 84 -3.01 -13.09 6.16
C GLU A 84 -4.26 -12.42 5.59
N GLU A 85 -4.19 -11.10 5.42
CA GLU A 85 -5.31 -10.34 4.88
C GLU A 85 -5.60 -10.75 3.44
N ILE A 86 -4.56 -10.76 2.62
CA ILE A 86 -4.69 -11.13 1.21
C ILE A 86 -4.96 -12.62 1.06
N LEU A 87 -4.42 -13.41 1.99
CA LEU A 87 -4.60 -14.86 1.96
C LEU A 87 -6.05 -15.23 2.25
N SER A 88 -6.70 -14.46 3.12
CA SER A 88 -8.08 -14.72 3.48
C SER A 88 -9.01 -14.50 2.29
N GLY A 89 -8.55 -13.70 1.33
CA GLY A 89 -9.35 -13.43 0.15
C GLY A 89 -10.26 -12.23 0.32
N LYS A 90 -9.88 -11.33 1.23
CA LYS A 90 -10.67 -10.13 1.49
C LYS A 90 -9.98 -8.89 0.93
N SER A 91 -10.57 -7.73 1.18
CA SER A 91 -10.01 -6.46 0.70
C SER A 91 -9.61 -6.57 -0.76
N ARG A 92 -10.60 -6.66 -1.64
CA ARG A 92 -10.36 -6.76 -3.07
C ARG A 92 -11.07 -5.65 -3.83
N GLU A 93 -10.31 -4.65 -4.27
CA GLU A 93 -10.88 -3.53 -5.01
C GLU A 93 -10.04 -3.21 -6.24
N LYS A 94 -10.44 -2.19 -6.98
CA LYS A 94 -9.73 -1.78 -8.19
C LYS A 94 -9.95 -2.78 -9.32
N PHE A 95 -9.43 -4.00 -9.13
CA PHE A 95 -9.56 -5.05 -10.14
C PHE A 95 -10.76 -5.95 -9.81
N GLN A 96 -11.06 -6.87 -10.73
CA GLN A 96 -12.17 -7.79 -10.55
C GLN A 96 -11.71 -9.06 -9.83
N GLY A 97 -12.60 -9.61 -9.01
CA GLY A 97 -12.27 -10.83 -8.28
C GLY A 97 -11.86 -11.96 -9.20
N LYS A 98 -11.43 -13.07 -8.62
CA LYS A 98 -11.00 -14.23 -9.38
C LYS A 98 -12.00 -15.38 -9.24
N LEU A 99 -13.13 -15.26 -9.91
CA LEU A 99 -14.17 -16.29 -9.85
C LEU A 99 -15.10 -16.18 -11.06
N MET B 3 10.87 15.45 -1.78
CA MET B 3 11.40 14.12 -1.99
C MET B 3 10.35 13.21 -2.63
N GLN B 4 10.76 12.46 -3.64
CA GLN B 4 9.85 11.55 -4.33
C GLN B 4 9.95 10.14 -3.75
N ILE B 5 8.80 9.53 -3.50
CA ILE B 5 8.75 8.19 -2.96
C ILE B 5 8.10 7.21 -3.93
N PHE B 6 8.51 5.94 -3.86
CA PHE B 6 7.97 4.92 -4.74
C PHE B 6 7.03 3.99 -3.98
N VAL B 7 5.79 3.90 -4.46
CA VAL B 7 4.79 3.05 -3.82
C VAL B 7 4.51 1.80 -4.66
N LYS B 8 4.96 0.66 -4.18
CA LYS B 8 4.76 -0.61 -4.88
C LYS B 8 3.56 -1.36 -4.31
N THR B 9 2.49 -1.46 -5.11
CA THR B 9 1.29 -2.15 -4.69
C THR B 9 1.48 -3.67 -4.72
N LEU B 10 0.51 -4.39 -4.19
CA LEU B 10 0.57 -5.85 -4.15
C LEU B 10 0.74 -6.41 -5.56
N THR B 11 0.33 -5.64 -6.55
CA THR B 11 0.43 -6.07 -7.94
C THR B 11 1.71 -5.56 -8.58
N GLY B 12 2.72 -5.32 -7.75
CA GLY B 12 4.01 -4.83 -8.25
C GLY B 12 3.85 -3.60 -9.12
N LYS B 13 3.16 -2.59 -8.60
CA LYS B 13 2.95 -1.35 -9.33
C LYS B 13 3.61 -0.18 -8.61
N THR B 14 4.69 0.33 -9.19
CA THR B 14 5.41 1.46 -8.60
C THR B 14 4.72 2.79 -8.94
N ILE B 15 4.51 3.61 -7.92
CA ILE B 15 3.88 4.91 -8.11
C ILE B 15 4.68 6.02 -7.46
N THR B 16 5.34 6.82 -8.29
CA THR B 16 6.16 7.93 -7.80
C THR B 16 5.29 9.09 -7.33
N LEU B 17 5.51 9.53 -6.09
CA LEU B 17 4.75 10.63 -5.52
C LEU B 17 5.67 11.68 -4.91
N GLU B 18 5.40 12.94 -5.21
CA GLU B 18 6.20 14.04 -4.69
C GLU B 18 5.69 14.49 -3.33
N VAL B 19 6.38 14.06 -2.27
CA VAL B 19 5.99 14.42 -0.92
C VAL B 19 7.19 14.98 -0.15
N GLU B 20 6.95 15.34 1.11
CA GLU B 20 8.00 15.89 1.96
C GLU B 20 8.00 15.24 3.33
N PRO B 21 9.13 15.35 4.05
CA PRO B 21 9.29 14.78 5.38
C PRO B 21 8.43 15.49 6.43
N SER B 22 7.89 16.64 6.05
CA SER B 22 7.06 17.43 6.95
C SER B 22 5.58 17.19 6.68
N ASP B 23 5.27 16.72 5.47
CA ASP B 23 3.89 16.44 5.08
C ASP B 23 3.30 15.32 5.93
N THR B 24 2.01 15.05 5.73
CA THR B 24 1.33 14.01 6.49
C THR B 24 0.94 12.84 5.58
N ILE B 25 0.75 11.67 6.18
CA ILE B 25 0.37 10.48 5.42
C ILE B 25 -0.88 10.74 4.58
N GLU B 26 -1.71 11.67 5.03
CA GLU B 26 -2.93 12.02 4.32
C GLU B 26 -2.62 12.62 2.95
N ASN B 27 -1.47 13.29 2.86
CA ASN B 27 -1.05 13.92 1.60
C ASN B 27 -0.47 12.89 0.64
N VAL B 28 0.24 11.90 1.20
CA VAL B 28 0.85 10.85 0.38
C VAL B 28 -0.21 9.94 -0.22
N LYS B 29 -1.16 9.51 0.62
CA LYS B 29 -2.23 8.64 0.16
C LYS B 29 -3.11 9.33 -0.87
N ALA B 30 -3.33 10.63 -0.68
CA ALA B 30 -4.14 11.41 -1.60
C ALA B 30 -3.62 11.30 -3.02
N LYS B 31 -2.32 11.53 -3.19
CA LYS B 31 -1.69 11.46 -4.51
C LYS B 31 -1.93 10.10 -5.15
N ILE B 32 -1.80 9.04 -4.35
CA ILE B 32 -2.01 7.68 -4.84
C ILE B 32 -3.40 7.52 -5.46
N GLN B 33 -4.35 8.30 -4.96
CA GLN B 33 -5.73 8.25 -5.47
C GLN B 33 -5.78 8.75 -6.91
N ASP B 34 -5.14 9.88 -7.17
CA ASP B 34 -5.12 10.46 -8.52
C ASP B 34 -4.19 9.68 -9.43
N LYS B 35 -3.48 8.71 -8.87
CA LYS B 35 -2.55 7.89 -9.63
C LYS B 35 -3.20 6.58 -10.06
N GLU B 36 -3.76 5.86 -9.09
CA GLU B 36 -4.41 4.59 -9.37
C GLU B 36 -5.93 4.74 -9.37
N GLY B 37 -6.45 5.42 -8.34
CA GLY B 37 -7.88 5.62 -8.25
C GLY B 37 -8.49 4.90 -7.05
N ILE B 38 -7.69 4.71 -6.01
CA ILE B 38 -8.16 4.03 -4.80
C ILE B 38 -8.42 5.02 -3.67
N PRO B 39 -9.59 4.89 -3.03
CA PRO B 39 -9.98 5.77 -1.93
C PRO B 39 -9.16 5.53 -0.67
N PRO B 40 -9.26 6.44 0.30
CA PRO B 40 -8.52 6.35 1.56
C PRO B 40 -9.03 5.22 2.45
N ASP B 41 -10.13 4.59 2.03
CA ASP B 41 -10.71 3.49 2.79
C ASP B 41 -10.11 2.16 2.36
N GLN B 42 -9.54 2.13 1.15
CA GLN B 42 -8.93 0.92 0.63
C GLN B 42 -7.42 1.08 0.50
N GLN B 43 -6.95 2.32 0.64
CA GLN B 43 -5.52 2.61 0.53
C GLN B 43 -4.82 2.34 1.86
N ARG B 44 -3.76 1.53 1.79
CA ARG B 44 -2.99 1.21 2.98
C ARG B 44 -1.50 1.33 2.73
N LEU B 45 -0.83 2.19 3.51
CA LEU B 45 0.60 2.40 3.35
C LEU B 45 1.39 1.48 4.28
N ILE B 46 2.43 0.87 3.74
CA ILE B 46 3.27 -0.03 4.54
C ILE B 46 4.72 0.44 4.55
N PHE B 47 5.23 0.73 5.74
CA PHE B 47 6.60 1.19 5.89
C PHE B 47 7.21 0.69 7.20
N ALA B 48 8.49 0.37 7.16
CA ALA B 48 9.20 -0.13 8.34
C ALA B 48 8.64 -1.48 8.78
N GLY B 49 7.87 -2.12 7.89
CA GLY B 49 7.29 -3.41 8.21
C GLY B 49 5.98 -3.29 8.96
N LYS B 50 5.33 -2.13 8.83
CA LYS B 50 4.07 -1.89 9.51
C LYS B 50 3.18 -0.96 8.68
N GLN B 51 1.91 -0.85 9.08
CA GLN B 51 0.97 0.01 8.38
C GLN B 51 0.99 1.42 8.93
N LEU B 52 0.92 2.41 8.04
CA LEU B 52 0.94 3.81 8.44
C LEU B 52 -0.49 4.35 8.59
N GLU B 53 -0.64 5.36 9.44
CA GLU B 53 -1.95 5.97 9.68
C GLU B 53 -2.04 7.33 9.02
N ASP B 54 -3.26 7.79 8.79
CA ASP B 54 -3.49 9.09 8.17
C ASP B 54 -3.37 10.22 9.20
N GLY B 55 -3.10 9.84 10.44
CA GLY B 55 -2.97 10.84 11.49
C GLY B 55 -1.55 10.97 11.98
N ARG B 56 -0.60 10.87 11.07
CA ARG B 56 0.81 10.98 11.42
C ARG B 56 1.61 11.64 10.29
N THR B 57 2.86 11.98 10.57
CA THR B 57 3.72 12.62 9.59
C THR B 57 4.73 11.62 9.01
N LEU B 58 5.14 11.86 7.77
CA LEU B 58 6.10 10.99 7.10
C LEU B 58 7.39 10.89 7.90
N SER B 59 7.77 11.99 8.54
CA SER B 59 8.99 12.02 9.35
C SER B 59 8.86 11.13 10.58
N ASP B 60 7.62 10.85 10.96
CA ASP B 60 7.35 10.00 12.12
C ASP B 60 7.71 8.56 11.83
N TYR B 61 7.55 8.15 10.57
CA TYR B 61 7.85 6.78 10.17
C TYR B 61 9.25 6.69 9.57
N ASN B 62 10.01 7.78 9.67
CA ASN B 62 11.35 7.83 9.14
C ASN B 62 11.35 7.65 7.63
N ILE B 63 10.33 8.20 6.98
CA ILE B 63 10.21 8.11 5.52
C ILE B 63 11.29 8.92 4.82
N GLN B 64 12.38 8.26 4.45
CA GLN B 64 13.50 8.91 3.78
C GLN B 64 13.22 9.03 2.29
N LYS B 65 13.97 9.91 1.62
CA LYS B 65 13.82 10.12 0.19
C LYS B 65 13.88 8.79 -0.57
N GLU B 66 13.14 8.70 -1.66
CA GLU B 66 13.11 7.48 -2.47
C GLU B 66 12.65 6.29 -1.64
N SER B 67 11.89 6.56 -0.58
CA SER B 67 11.39 5.51 0.30
C SER B 67 10.56 4.50 -0.49
N THR B 68 10.79 3.22 -0.21
CA THR B 68 10.07 2.15 -0.89
C THR B 68 8.79 1.79 -0.15
N LEU B 69 7.72 2.54 -0.41
CA LEU B 69 6.44 2.30 0.23
C LEU B 69 5.68 1.19 -0.47
N HIS B 70 4.70 0.61 0.22
CA HIS B 70 3.89 -0.47 -0.34
C HIS B 70 2.40 -0.20 -0.14
N LEU B 71 1.67 -0.10 -1.24
CA LEU B 71 0.24 0.16 -1.19
C LEU B 71 -0.55 -1.14 -1.12
N VAL B 72 -1.26 -1.36 -0.02
CA VAL B 72 -2.05 -2.56 0.18
C VAL B 72 -3.54 -2.24 0.17
N LEU B 73 -4.34 -3.18 -0.31
CA LEU B 73 -5.79 -2.99 -0.36
C LEU B 73 -6.42 -3.26 1.01
N ARG B 74 -7.16 -2.28 1.51
CA ARG B 74 -7.82 -2.40 2.80
C ARG B 74 -9.19 -3.06 2.66
N LEU B 75 -9.74 -3.52 3.78
CA LEU B 75 -11.04 -4.17 3.77
C LEU B 75 -12.07 -3.35 3.00
N ARG B 76 -12.62 -3.95 1.95
CA ARG B 76 -13.61 -3.27 1.11
C ARG B 76 -15.02 -3.75 1.46
N GLY B 77 -15.79 -2.87 2.12
CA GLY B 77 -17.15 -3.22 2.49
C GLY B 77 -18.11 -2.06 2.34
N GLY B 78 -17.81 -1.16 1.40
CA GLY B 78 -18.65 -0.01 1.18
C GLY B 78 -20.03 -0.40 0.67
N PRO A 62 7.81 -19.79 -2.42
CA PRO A 62 6.43 -19.61 -2.89
C PRO A 62 5.43 -19.57 -1.75
N LEU A 63 4.28 -18.97 -2.00
CA LEU A 63 3.23 -18.87 -0.99
C LEU A 63 2.17 -19.95 -1.19
N CYS A 64 1.17 -19.96 -0.31
CA CYS A 64 0.10 -20.94 -0.39
C CYS A 64 -0.92 -20.56 -1.46
N SER A 65 -1.52 -19.38 -1.30
CA SER A 65 -2.51 -18.89 -2.25
C SER A 65 -2.40 -17.37 -2.42
N LEU A 66 -1.94 -16.95 -3.59
CA LEU A 66 -1.80 -15.53 -3.88
C LEU A 66 -2.81 -15.08 -4.92
N PRO A 67 -3.18 -13.79 -4.87
CA PRO A 67 -4.15 -13.20 -5.81
C PRO A 67 -3.59 -13.08 -7.22
N GLU A 68 -4.43 -12.67 -8.16
CA GLU A 68 -4.02 -12.51 -9.55
C GLU A 68 -3.05 -11.35 -9.71
N GLY A 69 -2.10 -11.48 -10.63
CA GLY A 69 -1.13 -10.43 -10.86
C GLY A 69 -0.39 -10.04 -9.60
N VAL A 70 -0.37 -10.94 -8.62
CA VAL A 70 0.30 -10.69 -7.36
C VAL A 70 1.81 -10.67 -7.54
N ASP A 71 2.49 -9.82 -6.78
CA ASP A 71 3.94 -9.71 -6.86
C ASP A 71 4.60 -10.39 -5.66
N GLN A 72 5.37 -11.45 -5.94
CA GLN A 72 6.05 -12.18 -4.89
C GLN A 72 6.91 -11.26 -4.05
N GLU A 73 7.81 -10.53 -4.71
CA GLU A 73 8.70 -9.61 -4.01
C GLU A 73 7.92 -8.71 -3.07
N VAL A 74 6.81 -8.16 -3.56
CA VAL A 74 5.97 -7.27 -2.76
C VAL A 74 5.24 -8.05 -1.67
N PHE A 75 4.90 -9.30 -1.96
CA PHE A 75 4.20 -10.16 -1.00
C PHE A 75 5.10 -10.50 0.18
N LYS A 76 6.25 -11.12 -0.11
CA LYS A 76 7.20 -11.50 0.92
C LYS A 76 7.73 -10.27 1.65
N GLN A 77 7.54 -9.10 1.04
CA GLN A 77 8.01 -7.85 1.64
C GLN A 77 6.94 -7.26 2.57
N LEU A 78 5.70 -7.71 2.40
CA LEU A 78 4.59 -7.23 3.22
C LEU A 78 4.57 -7.94 4.56
N PRO A 79 4.00 -7.27 5.58
CA PRO A 79 3.90 -7.82 6.94
C PRO A 79 2.91 -8.96 7.02
N VAL A 80 2.96 -9.71 8.12
CA VAL A 80 2.06 -10.84 8.32
C VAL A 80 0.61 -10.39 8.32
N ASP A 81 0.37 -9.20 8.83
CA ASP A 81 -0.99 -8.64 8.89
C ASP A 81 -1.60 -8.56 7.50
N ILE A 82 -0.78 -8.20 6.52
CA ILE A 82 -1.24 -8.09 5.13
C ILE A 82 -1.35 -9.46 4.48
N GLN A 83 -0.31 -10.27 4.66
CA GLN A 83 -0.29 -11.61 4.08
C GLN A 83 -1.55 -12.38 4.42
N GLU A 84 -1.91 -12.41 5.71
CA GLU A 84 -3.10 -13.11 6.16
C GLU A 84 -4.36 -12.45 5.61
N GLU A 85 -4.30 -11.13 5.42
CA GLU A 85 -5.44 -10.39 4.89
C GLU A 85 -5.67 -10.73 3.42
N ILE A 86 -4.59 -10.84 2.67
CA ILE A 86 -4.68 -11.16 1.24
C ILE A 86 -4.94 -12.65 1.03
N LEU A 87 -4.44 -13.47 1.95
CA LEU A 87 -4.62 -14.92 1.86
C LEU A 87 -6.09 -15.30 2.05
N SER A 88 -6.76 -14.57 2.94
CA SER A 88 -8.17 -14.85 3.21
C SER A 88 -9.04 -14.54 1.99
N GLY A 89 -8.54 -13.67 1.13
CA GLY A 89 -9.27 -13.31 -0.07
C GLY A 89 -10.16 -12.10 0.13
N LYS A 90 -9.81 -11.27 1.10
CA LYS A 90 -10.59 -10.07 1.40
C LYS A 90 -9.91 -8.83 0.84
N SER A 91 -10.52 -7.67 1.07
CA SER A 91 -9.96 -6.40 0.60
C SER A 91 -9.64 -6.48 -0.89
N ARG A 92 -10.66 -6.75 -1.70
CA ARG A 92 -10.47 -6.86 -3.14
C ARG A 92 -11.63 -6.20 -3.88
N GLU A 93 -11.62 -4.87 -3.95
CA GLU A 93 -12.67 -4.12 -4.62
C GLU A 93 -12.11 -3.35 -5.81
N LYS A 94 -10.81 -3.08 -5.77
CA LYS A 94 -10.15 -2.35 -6.85
C LYS A 94 -10.45 -2.98 -8.20
N PHE A 95 -9.98 -4.22 -8.40
CA PHE A 95 -10.21 -4.93 -9.64
C PHE A 95 -11.26 -6.02 -9.46
N GLN A 96 -11.63 -6.65 -10.57
CA GLN A 96 -12.64 -7.72 -10.54
C GLN A 96 -11.98 -9.09 -10.48
N GLY A 97 -12.41 -9.90 -9.52
CA GLY A 97 -11.85 -11.23 -9.37
C GLY A 97 -11.87 -12.02 -10.66
N LYS A 98 -10.74 -12.63 -11.00
CA LYS A 98 -10.62 -13.42 -12.22
C LYS A 98 -10.26 -14.86 -11.91
N LEU A 99 -11.27 -15.71 -11.79
CA LEU A 99 -11.05 -17.12 -11.49
C LEU A 99 -11.06 -17.96 -12.77
N MET B 3 11.02 15.45 -1.54
CA MET B 3 11.53 14.11 -1.82
C MET B 3 10.45 13.24 -2.46
N GLN B 4 10.85 12.46 -3.46
CA GLN B 4 9.92 11.59 -4.16
C GLN B 4 10.01 10.16 -3.63
N ILE B 5 8.86 9.52 -3.48
CA ILE B 5 8.82 8.14 -2.99
C ILE B 5 8.11 7.22 -3.97
N PHE B 6 8.54 5.97 -4.02
CA PHE B 6 7.94 4.99 -4.92
C PHE B 6 7.03 4.03 -4.16
N VAL B 7 5.78 3.96 -4.60
CA VAL B 7 4.79 3.08 -3.96
C VAL B 7 4.53 1.84 -4.81
N LYS B 8 5.01 0.70 -4.36
CA LYS B 8 4.82 -0.56 -5.07
C LYS B 8 3.64 -1.33 -4.50
N THR B 9 2.56 -1.39 -5.28
CA THR B 9 1.36 -2.10 -4.86
C THR B 9 1.60 -3.61 -4.82
N LEU B 10 0.61 -4.35 -4.34
CA LEU B 10 0.70 -5.80 -4.25
C LEU B 10 0.92 -6.42 -5.63
N THR B 11 0.48 -5.71 -6.66
CA THR B 11 0.63 -6.19 -8.04
C THR B 11 1.98 -5.78 -8.61
N GLY B 12 2.80 -5.14 -7.79
CA GLY B 12 4.10 -4.71 -8.24
C GLY B 12 4.05 -3.43 -9.05
N LYS B 13 3.06 -2.59 -8.76
CA LYS B 13 2.89 -1.33 -9.47
C LYS B 13 3.56 -0.19 -8.71
N THR B 14 4.67 0.31 -9.24
CA THR B 14 5.39 1.41 -8.62
C THR B 14 4.77 2.75 -8.96
N ILE B 15 4.54 3.57 -7.94
CA ILE B 15 3.96 4.89 -8.14
C ILE B 15 4.78 5.97 -7.44
N THR B 16 5.35 6.88 -8.24
CA THR B 16 6.16 7.97 -7.70
C THR B 16 5.29 9.07 -7.13
N LEU B 17 5.56 9.46 -5.89
CA LEU B 17 4.80 10.51 -5.23
C LEU B 17 5.72 11.62 -4.72
N GLU B 18 5.35 12.87 -4.98
CA GLU B 18 6.15 14.00 -4.54
C GLU B 18 5.65 14.53 -3.20
N VAL B 19 6.33 14.14 -2.13
CA VAL B 19 5.95 14.58 -0.79
C VAL B 19 7.16 15.10 -0.02
N GLU B 20 6.94 15.51 1.23
CA GLU B 20 8.01 16.03 2.06
C GLU B 20 8.05 15.31 3.41
N PRO B 21 9.19 15.39 4.10
CA PRO B 21 9.39 14.75 5.40
C PRO B 21 8.56 15.43 6.50
N SER B 22 7.97 16.57 6.16
CA SER B 22 7.16 17.32 7.12
C SER B 22 5.67 17.09 6.87
N ASP B 23 5.34 16.75 5.63
CA ASP B 23 3.95 16.51 5.26
C ASP B 23 3.35 15.36 6.08
N THR B 24 2.07 15.11 5.90
CA THR B 24 1.38 14.05 6.62
C THR B 24 1.02 12.91 5.69
N ILE B 25 0.83 11.72 6.26
CA ILE B 25 0.48 10.54 5.48
C ILE B 25 -0.75 10.80 4.62
N GLU B 26 -1.64 11.66 5.11
CA GLU B 26 -2.87 11.99 4.39
C GLU B 26 -2.54 12.58 3.02
N ASN B 27 -1.51 13.42 2.98
CA ASN B 27 -1.10 14.06 1.73
C ASN B 27 -0.57 13.02 0.74
N VAL B 28 0.23 12.07 1.25
CA VAL B 28 0.80 11.03 0.42
C VAL B 28 -0.30 10.14 -0.17
N LYS B 29 -1.24 9.73 0.67
CA LYS B 29 -2.33 8.88 0.23
C LYS B 29 -3.16 9.57 -0.85
N ALA B 30 -3.41 10.85 -0.67
CA ALA B 30 -4.19 11.63 -1.64
C ALA B 30 -3.58 11.53 -3.03
N LYS B 31 -2.25 11.58 -3.11
CA LYS B 31 -1.55 11.49 -4.37
C LYS B 31 -1.80 10.14 -5.05
N ILE B 32 -1.76 9.08 -4.25
CA ILE B 32 -1.98 7.73 -4.76
C ILE B 32 -3.34 7.62 -5.44
N GLN B 33 -4.30 8.43 -4.99
CA GLN B 33 -5.63 8.43 -5.55
C GLN B 33 -5.63 8.97 -6.98
N ASP B 34 -4.91 10.08 -7.18
CA ASP B 34 -4.83 10.70 -8.50
C ASP B 34 -3.91 9.90 -9.42
N LYS B 35 -3.27 8.87 -8.86
CA LYS B 35 -2.37 8.03 -9.63
C LYS B 35 -3.06 6.74 -10.05
N GLU B 36 -3.60 6.02 -9.08
CA GLU B 36 -4.30 4.76 -9.35
C GLU B 36 -5.81 4.97 -9.37
N GLY B 37 -6.32 5.65 -8.35
CA GLY B 37 -7.75 5.90 -8.27
C GLY B 37 -8.39 5.20 -7.09
N ILE B 38 -7.58 4.83 -6.11
CA ILE B 38 -8.07 4.15 -4.92
C ILE B 38 -8.37 5.14 -3.79
N PRO B 39 -9.54 5.01 -3.17
CA PRO B 39 -9.97 5.88 -2.08
C PRO B 39 -9.16 5.64 -0.81
N PRO B 40 -9.29 6.56 0.16
CA PRO B 40 -8.58 6.47 1.44
C PRO B 40 -9.11 5.34 2.31
N ASP B 41 -10.20 4.71 1.88
CA ASP B 41 -10.80 3.62 2.62
C ASP B 41 -10.20 2.28 2.19
N GLN B 42 -9.61 2.26 1.00
CA GLN B 42 -9.00 1.04 0.47
C GLN B 42 -7.49 1.18 0.36
N GLN B 43 -7.01 2.42 0.46
CA GLN B 43 -5.59 2.70 0.36
C GLN B 43 -4.88 2.36 1.68
N ARG B 44 -3.83 1.55 1.60
CA ARG B 44 -3.08 1.15 2.78
C ARG B 44 -1.58 1.27 2.53
N LEU B 45 -0.92 2.12 3.30
CA LEU B 45 0.52 2.32 3.17
C LEU B 45 1.29 1.33 4.02
N ILE B 46 2.47 0.93 3.56
CA ILE B 46 3.31 -0.01 4.28
C ILE B 46 4.76 0.44 4.28
N PHE B 47 5.28 0.75 5.47
CA PHE B 47 6.67 1.18 5.61
C PHE B 47 7.31 0.59 6.86
N ALA B 48 8.58 0.22 6.76
CA ALA B 48 9.30 -0.36 7.87
C ALA B 48 8.71 -1.70 8.28
N GLY B 49 7.88 -2.26 7.41
CA GLY B 49 7.25 -3.54 7.70
C GLY B 49 5.97 -3.39 8.51
N LYS B 50 5.45 -2.18 8.56
CA LYS B 50 4.22 -1.91 9.30
C LYS B 50 3.26 -1.04 8.49
N GLN B 51 2.04 -0.90 8.98
CA GLN B 51 1.03 -0.11 8.29
C GLN B 51 1.00 1.32 8.84
N LEU B 52 1.07 2.30 7.94
CA LEU B 52 1.05 3.70 8.33
C LEU B 52 -0.39 4.21 8.46
N GLU B 53 -0.57 5.25 9.27
CA GLU B 53 -1.90 5.83 9.47
C GLU B 53 -1.96 7.24 8.90
N ASP B 54 -3.17 7.70 8.60
CA ASP B 54 -3.38 9.03 8.05
C ASP B 54 -3.27 10.09 9.14
N GLY B 55 -3.14 9.64 10.39
CA GLY B 55 -3.04 10.56 11.50
C GLY B 55 -1.62 10.68 12.03
N ARG B 56 -0.66 10.72 11.10
CA ARG B 56 0.75 10.83 11.48
C ARG B 56 1.56 11.51 10.38
N THR B 57 2.79 11.87 10.70
CA THR B 57 3.67 12.54 9.74
C THR B 57 4.67 11.55 9.14
N LEU B 58 5.05 11.80 7.89
CA LEU B 58 6.00 10.93 7.20
C LEU B 58 7.28 10.77 8.02
N SER B 59 7.78 11.89 8.56
CA SER B 59 9.00 11.87 9.36
C SER B 59 8.85 10.93 10.55
N ASP B 60 7.61 10.73 10.99
CA ASP B 60 7.34 9.84 12.12
C ASP B 60 7.71 8.40 11.78
N TYR B 61 7.53 8.03 10.51
CA TYR B 61 7.84 6.68 10.06
C TYR B 61 9.24 6.61 9.47
N ASN B 62 9.98 7.71 9.59
CA ASN B 62 11.35 7.77 9.07
C ASN B 62 11.36 7.62 7.55
N ILE B 63 10.35 8.19 6.90
CA ILE B 63 10.24 8.12 5.44
C ILE B 63 11.33 8.94 4.77
N GLN B 64 12.42 8.26 4.39
CA GLN B 64 13.54 8.93 3.73
C GLN B 64 13.27 9.09 2.24
N LYS B 65 14.09 9.93 1.59
CA LYS B 65 13.93 10.16 0.16
C LYS B 65 13.96 8.86 -0.62
N GLU B 66 13.25 8.83 -1.75
CA GLU B 66 13.19 7.64 -2.58
C GLU B 66 12.75 6.42 -1.77
N SER B 67 12.00 6.68 -0.69
CA SER B 67 11.51 5.61 0.16
C SER B 67 10.71 4.59 -0.63
N THR B 68 10.86 3.32 -0.26
CA THR B 68 10.15 2.24 -0.95
C THR B 68 8.83 1.91 -0.25
N LEU B 69 7.78 2.62 -0.61
CA LEU B 69 6.47 2.41 -0.02
C LEU B 69 5.75 1.24 -0.69
N HIS B 70 4.78 0.67 0.01
CA HIS B 70 4.01 -0.46 -0.52
C HIS B 70 2.51 -0.24 -0.31
N LEU B 71 1.78 -0.11 -1.41
CA LEU B 71 0.34 0.10 -1.35
C LEU B 71 -0.41 -1.23 -1.25
N VAL B 72 -1.38 -1.29 -0.35
CA VAL B 72 -2.16 -2.50 -0.15
C VAL B 72 -3.66 -2.18 -0.11
N LEU B 73 -4.46 -3.11 -0.61
CA LEU B 73 -5.91 -2.93 -0.62
C LEU B 73 -6.51 -3.21 0.75
N ARG B 74 -7.28 -2.26 1.26
CA ARG B 74 -7.92 -2.39 2.57
C ARG B 74 -9.28 -3.08 2.45
N LEU B 75 -9.80 -3.56 3.57
CA LEU B 75 -11.09 -4.23 3.59
C LEU B 75 -12.15 -3.38 2.89
N ARG B 76 -12.97 -4.03 2.07
CA ARG B 76 -14.03 -3.34 1.34
C ARG B 76 -15.38 -3.52 2.03
N GLY B 77 -16.18 -2.46 2.03
CA GLY B 77 -17.48 -2.53 2.67
C GLY B 77 -17.98 -1.16 3.11
N GLY B 78 -17.06 -0.22 3.23
CA GLY B 78 -17.43 1.13 3.65
C GLY B 78 -17.97 1.16 5.06
N PRO A 62 6.12 -20.43 0.90
CA PRO A 62 5.59 -19.36 1.75
C PRO A 62 4.12 -19.06 1.44
N LEU A 63 3.81 -18.88 0.16
CA LEU A 63 2.45 -18.59 -0.26
C LEU A 63 1.91 -19.69 -1.16
N CYS A 64 0.66 -20.07 -0.92
CA CYS A 64 0.02 -21.13 -1.71
C CYS A 64 -1.22 -20.60 -2.42
N SER A 65 -1.77 -19.50 -1.90
CA SER A 65 -2.96 -18.89 -2.48
C SER A 65 -2.79 -17.38 -2.63
N LEU A 66 -2.33 -16.96 -3.81
CA LEU A 66 -2.12 -15.55 -4.08
C LEU A 66 -3.12 -15.04 -5.12
N PRO A 67 -3.43 -13.74 -5.06
CA PRO A 67 -4.36 -13.09 -6.00
C PRO A 67 -3.79 -12.99 -7.40
N GLU A 68 -4.62 -12.52 -8.33
CA GLU A 68 -4.19 -12.37 -9.72
C GLU A 68 -3.19 -11.22 -9.86
N GLY A 69 -2.22 -11.41 -10.76
CA GLY A 69 -1.21 -10.38 -10.97
C GLY A 69 -0.47 -10.02 -9.70
N VAL A 70 -0.51 -10.92 -8.72
CA VAL A 70 0.17 -10.70 -7.44
C VAL A 70 1.67 -10.67 -7.62
N ASP A 71 2.34 -9.83 -6.83
CA ASP A 71 3.79 -9.70 -6.90
C ASP A 71 4.45 -10.41 -5.71
N GLN A 72 5.10 -11.54 -5.99
CA GLN A 72 5.77 -12.31 -4.95
C GLN A 72 6.70 -11.41 -4.13
N GLU A 73 7.59 -10.71 -4.82
CA GLU A 73 8.54 -9.83 -4.15
C GLU A 73 7.83 -8.90 -3.17
N VAL A 74 6.69 -8.35 -3.60
CA VAL A 74 5.91 -7.46 -2.76
C VAL A 74 5.24 -8.21 -1.62
N PHE A 75 4.88 -9.47 -1.87
CA PHE A 75 4.24 -10.29 -0.86
C PHE A 75 5.20 -10.60 0.28
N LYS A 76 6.33 -11.19 -0.05
CA LYS A 76 7.34 -11.54 0.95
C LYS A 76 7.94 -10.29 1.59
N GLN A 77 7.68 -9.14 0.97
CA GLN A 77 8.19 -7.87 1.47
C GLN A 77 7.20 -7.23 2.43
N LEU A 78 5.93 -7.61 2.30
CA LEU A 78 4.88 -7.07 3.16
C LEU A 78 4.85 -7.79 4.50
N PRO A 79 4.26 -7.13 5.51
CA PRO A 79 4.15 -7.69 6.86
C PRO A 79 3.19 -8.86 6.93
N VAL A 80 3.25 -9.62 8.02
CA VAL A 80 2.37 -10.77 8.21
C VAL A 80 0.91 -10.35 8.19
N ASP A 81 0.64 -9.15 8.68
CA ASP A 81 -0.72 -8.63 8.72
C ASP A 81 -1.32 -8.54 7.32
N ILE A 82 -0.52 -8.06 6.38
CA ILE A 82 -0.97 -7.93 4.99
C ILE A 82 -0.92 -9.28 4.27
N GLN A 83 0.00 -10.13 4.70
CA GLN A 83 0.15 -11.45 4.09
C GLN A 83 -1.03 -12.35 4.42
N GLU A 84 -1.69 -12.06 5.55
CA GLU A 84 -2.83 -12.85 5.99
C GLU A 84 -4.13 -12.27 5.43
N GLU A 85 -4.11 -10.97 5.14
CA GLU A 85 -5.28 -10.29 4.59
C GLU A 85 -5.50 -10.67 3.12
N ILE A 86 -4.41 -10.79 2.39
CA ILE A 86 -4.48 -11.14 0.97
C ILE A 86 -4.71 -12.63 0.79
N LEU A 87 -4.03 -13.43 1.62
CA LEU A 87 -4.18 -14.89 1.55
C LEU A 87 -5.65 -15.30 1.64
N SER A 88 -6.40 -14.60 2.47
CA SER A 88 -7.82 -14.88 2.66
C SER A 88 -8.60 -14.64 1.37
N GLY A 89 -8.07 -13.75 0.53
CA GLY A 89 -8.73 -13.43 -0.73
C GLY A 89 -9.52 -12.15 -0.65
N LYS A 90 -9.72 -11.64 0.56
CA LYS A 90 -10.47 -10.41 0.76
C LYS A 90 -9.68 -9.20 0.27
N SER A 91 -10.23 -8.01 0.48
CA SER A 91 -9.57 -6.78 0.06
C SER A 91 -9.30 -6.78 -1.44
N ARG A 92 -10.38 -6.71 -2.22
CA ARG A 92 -10.27 -6.71 -3.67
C ARG A 92 -11.24 -5.71 -4.30
N GLU A 93 -10.77 -4.48 -4.48
CA GLU A 93 -11.60 -3.43 -5.06
C GLU A 93 -11.09 -3.04 -6.44
N LYS A 94 -9.78 -3.14 -6.63
CA LYS A 94 -9.15 -2.80 -7.91
C LYS A 94 -9.71 -3.67 -9.03
N PHE A 95 -9.46 -4.98 -8.94
CA PHE A 95 -9.93 -5.91 -9.96
C PHE A 95 -11.05 -6.79 -9.41
N GLN A 96 -11.75 -7.47 -10.31
CA GLN A 96 -12.85 -8.35 -9.91
C GLN A 96 -12.35 -9.74 -9.56
N GLY A 97 -12.65 -10.20 -8.35
CA GLY A 97 -12.22 -11.51 -7.91
C GLY A 97 -12.62 -12.60 -8.88
N LYS A 98 -12.08 -13.80 -8.68
CA LYS A 98 -12.38 -14.94 -9.54
C LYS A 98 -12.81 -16.15 -8.71
N LEU A 99 -14.11 -16.28 -8.49
CA LEU A 99 -14.64 -17.40 -7.72
C LEU A 99 -15.78 -18.08 -8.47
N MET B 3 11.04 15.29 -1.75
CA MET B 3 11.52 13.94 -1.99
C MET B 3 10.42 13.08 -2.61
N GLN B 4 10.80 12.27 -3.60
CA GLN B 4 9.86 11.40 -4.28
C GLN B 4 9.91 9.99 -3.74
N ILE B 5 8.74 9.40 -3.48
CA ILE B 5 8.66 8.05 -2.94
C ILE B 5 7.96 7.12 -3.92
N PHE B 6 8.33 5.84 -3.88
CA PHE B 6 7.73 4.85 -4.76
C PHE B 6 6.80 3.93 -3.99
N VAL B 7 5.59 3.75 -4.51
CA VAL B 7 4.59 2.90 -3.87
C VAL B 7 4.30 1.66 -4.71
N LYS B 8 4.78 0.51 -4.25
CA LYS B 8 4.57 -0.75 -4.96
C LYS B 8 3.38 -1.50 -4.39
N THR B 9 2.30 -1.58 -5.17
CA THR B 9 1.10 -2.27 -4.73
C THR B 9 1.31 -3.78 -4.71
N LEU B 10 0.30 -4.50 -4.23
CA LEU B 10 0.38 -5.96 -4.15
C LEU B 10 0.61 -6.57 -5.54
N THR B 11 0.17 -5.85 -6.57
CA THR B 11 0.32 -6.31 -7.94
C THR B 11 1.68 -5.89 -8.52
N GLY B 12 2.52 -5.30 -7.68
CA GLY B 12 3.82 -4.87 -8.12
C GLY B 12 3.77 -3.59 -8.93
N LYS B 13 2.78 -2.75 -8.65
CA LYS B 13 2.61 -1.49 -9.35
C LYS B 13 3.27 -0.35 -8.60
N THR B 14 4.38 0.15 -9.14
CA THR B 14 5.12 1.24 -8.52
C THR B 14 4.48 2.59 -8.85
N ILE B 15 4.31 3.43 -7.84
CA ILE B 15 3.72 4.75 -8.04
C ILE B 15 4.57 5.84 -7.40
N THR B 16 5.18 6.67 -8.23
CA THR B 16 6.03 7.75 -7.75
C THR B 16 5.19 8.92 -7.25
N LEU B 17 5.48 9.37 -6.03
CA LEU B 17 4.75 10.49 -5.44
C LEU B 17 5.72 11.51 -4.85
N GLU B 18 5.46 12.79 -5.14
CA GLU B 18 6.31 13.87 -4.64
C GLU B 18 5.81 14.37 -3.30
N VAL B 19 6.49 13.98 -2.22
CA VAL B 19 6.11 14.40 -0.87
C VAL B 19 7.30 14.95 -0.12
N GLU B 20 7.08 15.35 1.13
CA GLU B 20 8.13 15.90 1.96
C GLU B 20 8.14 15.25 3.34
N PRO B 21 9.27 15.36 4.05
CA PRO B 21 9.42 14.80 5.39
C PRO B 21 8.59 15.53 6.44
N SER B 22 8.05 16.69 6.05
CA SER B 22 7.24 17.49 6.97
C SER B 22 5.75 17.24 6.70
N ASP B 23 5.43 16.83 5.49
CA ASP B 23 4.05 16.56 5.12
C ASP B 23 3.46 15.44 5.97
N THR B 24 2.17 15.18 5.79
CA THR B 24 1.49 14.14 6.54
C THR B 24 1.07 12.98 5.64
N ILE B 25 0.87 11.81 6.24
CA ILE B 25 0.47 10.63 5.48
C ILE B 25 -0.77 10.91 4.64
N GLU B 26 -1.61 11.84 5.11
CA GLU B 26 -2.82 12.20 4.40
C GLU B 26 -2.49 12.77 3.02
N ASN B 27 -1.34 13.42 2.91
CA ASN B 27 -0.90 14.01 1.65
C ASN B 27 -0.36 12.95 0.70
N VAL B 28 0.35 11.98 1.26
CA VAL B 28 0.94 10.90 0.48
C VAL B 28 -0.15 10.01 -0.11
N LYS B 29 -1.05 9.54 0.75
CA LYS B 29 -2.14 8.68 0.31
C LYS B 29 -3.00 9.37 -0.73
N ALA B 30 -3.16 10.68 -0.59
CA ALA B 30 -3.96 11.46 -1.52
C ALA B 30 -3.42 11.36 -2.94
N LYS B 31 -2.10 11.44 -3.07
CA LYS B 31 -1.44 11.34 -4.37
C LYS B 31 -1.80 10.04 -5.06
N ILE B 32 -1.70 8.94 -4.32
CA ILE B 32 -2.01 7.62 -4.86
C ILE B 32 -3.41 7.60 -5.47
N GLN B 33 -4.32 8.38 -4.90
CA GLN B 33 -5.69 8.43 -5.39
C GLN B 33 -5.74 8.96 -6.82
N ASP B 34 -5.01 10.05 -7.07
CA ASP B 34 -4.96 10.65 -8.40
C ASP B 34 -4.08 9.83 -9.33
N LYS B 35 -3.44 8.80 -8.78
CA LYS B 35 -2.58 7.93 -9.57
C LYS B 35 -3.31 6.67 -10.00
N GLU B 36 -3.88 5.96 -9.03
CA GLU B 36 -4.62 4.73 -9.32
C GLU B 36 -6.12 4.98 -9.24
N GLY B 37 -6.56 5.62 -8.16
CA GLY B 37 -7.97 5.90 -7.99
C GLY B 37 -8.57 5.14 -6.82
N ILE B 38 -7.79 4.96 -5.77
CA ILE B 38 -8.25 4.25 -4.58
C ILE B 38 -8.45 5.21 -3.41
N PRO B 39 -9.62 5.09 -2.75
CA PRO B 39 -9.97 5.94 -1.61
C PRO B 39 -9.13 5.62 -0.38
N PRO B 40 -9.15 6.53 0.61
CA PRO B 40 -8.40 6.36 1.85
C PRO B 40 -8.98 5.25 2.73
N ASP B 41 -10.12 4.72 2.34
CA ASP B 41 -10.78 3.66 3.09
C ASP B 41 -10.27 2.29 2.65
N GLN B 42 -9.88 2.18 1.39
CA GLN B 42 -9.37 0.92 0.85
C GLN B 42 -7.90 1.05 0.47
N GLN B 43 -7.30 2.19 0.81
CA GLN B 43 -5.90 2.44 0.50
C GLN B 43 -5.09 2.60 1.78
N ARG B 44 -4.03 1.81 1.90
CA ARG B 44 -3.17 1.87 3.09
C ARG B 44 -1.70 1.86 2.69
N LEU B 45 -0.88 2.53 3.48
CA LEU B 45 0.56 2.61 3.21
C LEU B 45 1.34 1.72 4.17
N ILE B 46 2.28 0.95 3.63
CA ILE B 46 3.10 0.05 4.44
C ILE B 46 4.55 0.51 4.47
N PHE B 47 5.06 0.73 5.68
CA PHE B 47 6.44 1.19 5.85
C PHE B 47 7.00 0.71 7.19
N ALA B 48 8.29 0.39 7.20
CA ALA B 48 8.96 -0.08 8.42
C ALA B 48 8.36 -1.41 8.88
N GLY B 49 7.62 -2.07 8.00
CA GLY B 49 7.01 -3.34 8.34
C GLY B 49 5.66 -3.18 9.00
N LYS B 50 5.15 -1.94 9.01
CA LYS B 50 3.86 -1.67 9.62
C LYS B 50 3.09 -0.64 8.80
N GLN B 51 1.76 -0.62 8.95
CA GLN B 51 0.92 0.30 8.23
C GLN B 51 0.99 1.70 8.84
N LEU B 52 0.87 2.71 7.99
CA LEU B 52 0.93 4.11 8.44
C LEU B 52 -0.48 4.65 8.68
N GLU B 53 -0.57 5.76 9.41
CA GLU B 53 -1.85 6.38 9.71
C GLU B 53 -1.92 7.79 9.13
N ASP B 54 -3.14 8.25 8.86
CA ASP B 54 -3.33 9.58 8.31
C ASP B 54 -3.17 10.65 9.38
N GLY B 55 -2.99 10.21 10.62
CA GLY B 55 -2.82 11.14 11.72
C GLY B 55 -1.38 11.24 12.19
N ARG B 56 -0.45 11.21 11.24
CA ARG B 56 0.97 11.28 11.57
C ARG B 56 1.76 11.89 10.41
N THR B 57 3.03 12.20 10.66
CA THR B 57 3.89 12.79 9.65
C THR B 57 4.85 11.75 9.07
N LEU B 58 5.26 11.97 7.83
CA LEU B 58 6.18 11.05 7.16
C LEU B 58 7.47 10.89 7.96
N SER B 59 7.99 12.01 8.46
CA SER B 59 9.23 11.99 9.24
C SER B 59 9.05 11.15 10.50
N ASP B 60 7.82 11.04 10.97
CA ASP B 60 7.51 10.26 12.16
C ASP B 60 7.83 8.78 11.94
N TYR B 61 7.67 8.33 10.71
CA TYR B 61 7.94 6.94 10.36
C TYR B 61 9.32 6.78 9.74
N ASN B 62 10.11 7.85 9.80
CA ASN B 62 11.45 7.84 9.24
C ASN B 62 11.41 7.63 7.72
N ILE B 63 10.39 8.18 7.08
CA ILE B 63 10.24 8.07 5.64
C ILE B 63 11.33 8.84 4.90
N GLN B 64 12.39 8.14 4.51
CA GLN B 64 13.49 8.77 3.80
C GLN B 64 13.19 8.88 2.31
N LYS B 65 13.98 9.69 1.61
CA LYS B 65 13.78 9.88 0.17
C LYS B 65 13.79 8.54 -0.56
N GLU B 66 13.07 8.49 -1.68
CA GLU B 66 12.99 7.27 -2.47
C GLU B 66 12.50 6.10 -1.62
N SER B 67 11.74 6.41 -0.57
CA SER B 67 11.21 5.39 0.33
C SER B 67 10.38 4.38 -0.45
N THR B 68 10.62 3.10 -0.17
CA THR B 68 9.90 2.02 -0.84
C THR B 68 8.62 1.66 -0.09
N LEU B 69 7.54 2.35 -0.42
CA LEU B 69 6.25 2.11 0.23
C LEU B 69 5.46 1.04 -0.52
N HIS B 70 4.51 0.43 0.18
CA HIS B 70 3.67 -0.61 -0.42
C HIS B 70 2.19 -0.31 -0.22
N LEU B 71 1.44 -0.29 -1.31
CA LEU B 71 0.01 -0.02 -1.25
C LEU B 71 -0.79 -1.32 -1.14
N VAL B 72 -1.63 -1.39 -0.12
CA VAL B 72 -2.46 -2.58 0.09
C VAL B 72 -3.95 -2.22 0.09
N LEU B 73 -4.77 -3.16 -0.34
CA LEU B 73 -6.21 -2.95 -0.39
C LEU B 73 -6.88 -3.41 0.90
N ARG B 74 -7.91 -2.69 1.32
CA ARG B 74 -8.63 -3.03 2.54
C ARG B 74 -9.98 -3.65 2.22
N LEU B 75 -10.63 -4.21 3.24
CA LEU B 75 -11.93 -4.84 3.06
C LEU B 75 -12.88 -3.94 2.28
N ARG B 76 -13.46 -4.47 1.21
CA ARG B 76 -14.39 -3.72 0.39
C ARG B 76 -15.78 -4.33 0.42
N GLY B 77 -16.66 -3.74 1.23
CA GLY B 77 -18.02 -4.25 1.35
C GLY B 77 -19.04 -3.14 1.46
N GLY B 78 -18.62 -1.92 1.13
CA GLY B 78 -19.54 -0.79 1.21
C GLY B 78 -19.23 0.12 2.39
N PRO A 62 1.42 -18.92 5.07
CA PRO A 62 1.75 -19.76 3.92
C PRO A 62 1.29 -19.13 2.60
N LEU A 63 2.23 -18.87 1.71
CA LEU A 63 1.92 -18.28 0.42
C LEU A 63 1.56 -19.35 -0.61
N CYS A 64 0.33 -19.86 -0.50
CA CYS A 64 -0.13 -20.90 -1.41
C CYS A 64 -1.32 -20.40 -2.24
N SER A 65 -1.95 -19.34 -1.77
CA SER A 65 -3.10 -18.76 -2.47
C SER A 65 -2.95 -17.25 -2.60
N LEU A 66 -2.49 -16.82 -3.76
CA LEU A 66 -2.30 -15.39 -4.03
C LEU A 66 -3.30 -14.89 -5.06
N PRO A 67 -3.62 -13.59 -4.99
CA PRO A 67 -4.57 -12.95 -5.92
C PRO A 67 -4.01 -12.84 -7.33
N GLU A 68 -4.86 -12.40 -8.26
CA GLU A 68 -4.45 -12.26 -9.66
C GLU A 68 -3.47 -11.09 -9.80
N GLY A 69 -2.53 -11.25 -10.74
CA GLY A 69 -1.54 -10.20 -10.97
C GLY A 69 -0.75 -9.87 -9.72
N VAL A 70 -0.74 -10.79 -8.76
CA VAL A 70 -0.02 -10.57 -7.51
C VAL A 70 1.49 -10.61 -7.72
N ASP A 71 2.21 -9.77 -7.00
CA ASP A 71 3.66 -9.71 -7.11
C ASP A 71 4.33 -10.43 -5.94
N GLN A 72 4.92 -11.59 -6.22
CA GLN A 72 5.60 -12.37 -5.20
C GLN A 72 6.59 -11.50 -4.41
N GLU A 73 7.48 -10.83 -5.14
CA GLU A 73 8.47 -9.98 -4.52
C GLU A 73 7.83 -9.00 -3.53
N VAL A 74 6.66 -8.49 -3.91
CA VAL A 74 5.94 -7.55 -3.06
C VAL A 74 5.26 -8.27 -1.90
N PHE A 75 4.82 -9.49 -2.15
CA PHE A 75 4.15 -10.29 -1.12
C PHE A 75 5.12 -10.63 0.01
N LYS A 76 6.23 -11.27 -0.35
CA LYS A 76 7.23 -11.67 0.64
C LYS A 76 7.88 -10.45 1.27
N GLN A 77 7.68 -9.29 0.66
CA GLN A 77 8.25 -8.04 1.16
C GLN A 77 7.31 -7.39 2.18
N LEU A 78 6.02 -7.69 2.06
CA LEU A 78 5.03 -7.13 2.97
C LEU A 78 5.03 -7.87 4.30
N PRO A 79 4.52 -7.21 5.35
CA PRO A 79 4.45 -7.79 6.70
C PRO A 79 3.43 -8.92 6.78
N VAL A 80 3.52 -9.70 7.86
CA VAL A 80 2.60 -10.82 8.07
C VAL A 80 1.16 -10.33 8.12
N ASP A 81 0.97 -9.09 8.55
CA ASP A 81 -0.37 -8.51 8.65
C ASP A 81 -1.01 -8.41 7.28
N ILE A 82 -0.23 -7.99 6.29
CA ILE A 82 -0.74 -7.85 4.93
C ILE A 82 -0.80 -9.20 4.22
N GLN A 83 0.06 -10.12 4.64
CA GLN A 83 0.11 -11.45 4.05
C GLN A 83 -1.15 -12.24 4.41
N GLU A 84 -1.56 -12.15 5.67
CA GLU A 84 -2.74 -12.86 6.14
C GLU A 84 -4.01 -12.18 5.62
N GLU A 85 -3.93 -10.89 5.37
CA GLU A 85 -5.07 -10.13 4.88
C GLU A 85 -5.41 -10.51 3.44
N ILE A 86 -4.37 -10.68 2.63
CA ILE A 86 -4.55 -11.05 1.23
C ILE A 86 -4.86 -12.54 1.08
N LEU A 87 -4.27 -13.35 1.96
CA LEU A 87 -4.49 -14.79 1.93
C LEU A 87 -5.94 -15.13 2.24
N SER A 88 -6.54 -14.36 3.13
CA SER A 88 -7.94 -14.57 3.51
C SER A 88 -8.87 -14.32 2.33
N GLY A 89 -8.41 -13.53 1.38
CA GLY A 89 -9.22 -13.23 0.20
C GLY A 89 -10.09 -12.01 0.40
N LYS A 90 -9.72 -11.16 1.35
CA LYS A 90 -10.48 -9.95 1.64
C LYS A 90 -9.82 -8.73 0.99
N SER A 91 -10.38 -7.55 1.24
CA SER A 91 -9.85 -6.31 0.68
C SER A 91 -9.55 -6.48 -0.81
N ARG A 92 -10.61 -6.64 -1.60
CA ARG A 92 -10.46 -6.81 -3.04
C ARG A 92 -11.53 -6.03 -3.79
N GLU A 93 -11.21 -4.78 -4.15
CA GLU A 93 -12.15 -3.94 -4.86
C GLU A 93 -11.70 -3.72 -6.30
N LYS A 94 -10.38 -3.68 -6.51
CA LYS A 94 -9.82 -3.48 -7.84
C LYS A 94 -10.27 -4.59 -8.79
N PHE A 95 -9.97 -5.83 -8.43
CA PHE A 95 -10.35 -6.98 -9.26
C PHE A 95 -11.34 -7.87 -8.52
N GLN A 96 -11.84 -8.89 -9.22
CA GLN A 96 -12.80 -9.82 -8.62
C GLN A 96 -12.15 -11.18 -8.38
N GLY A 97 -12.65 -11.89 -7.37
CA GLY A 97 -12.11 -13.20 -7.04
C GLY A 97 -12.07 -14.12 -8.24
N LYS A 98 -11.46 -15.29 -8.08
CA LYS A 98 -11.35 -16.27 -9.15
C LYS A 98 -11.94 -17.61 -8.73
N LEU A 99 -13.24 -17.77 -8.92
CA LEU A 99 -13.92 -19.00 -8.55
C LEU A 99 -15.12 -19.25 -9.47
N MET B 3 11.03 15.34 -1.50
CA MET B 3 11.55 14.01 -1.73
C MET B 3 10.49 13.13 -2.41
N GLN B 4 10.92 12.36 -3.41
CA GLN B 4 10.01 11.48 -4.13
C GLN B 4 10.11 10.05 -3.61
N ILE B 5 8.96 9.43 -3.40
CA ILE B 5 8.91 8.06 -2.89
C ILE B 5 8.24 7.12 -3.90
N PHE B 6 8.62 5.86 -3.88
CA PHE B 6 8.05 4.86 -4.77
C PHE B 6 7.10 3.93 -4.03
N VAL B 7 5.86 3.87 -4.51
CA VAL B 7 4.85 3.01 -3.88
C VAL B 7 4.58 1.78 -4.73
N LYS B 8 4.94 0.61 -4.21
CA LYS B 8 4.74 -0.65 -4.92
C LYS B 8 3.51 -1.38 -4.38
N THR B 9 2.48 -1.47 -5.21
CA THR B 9 1.26 -2.15 -4.81
C THR B 9 1.42 -3.66 -4.85
N LEU B 10 0.42 -4.38 -4.34
CA LEU B 10 0.46 -5.83 -4.31
C LEU B 10 0.61 -6.40 -5.72
N THR B 11 0.23 -5.61 -6.71
CA THR B 11 0.32 -6.03 -8.11
C THR B 11 1.63 -5.56 -8.74
N GLY B 12 2.63 -5.32 -7.90
CA GLY B 12 3.92 -4.87 -8.40
C GLY B 12 3.81 -3.62 -9.25
N LYS B 13 3.17 -2.59 -8.71
CA LYS B 13 3.00 -1.34 -9.43
C LYS B 13 3.66 -0.18 -8.68
N THR B 14 4.77 0.31 -9.22
CA THR B 14 5.50 1.42 -8.60
C THR B 14 4.86 2.76 -8.96
N ILE B 15 4.64 3.59 -7.94
CA ILE B 15 4.03 4.90 -8.16
C ILE B 15 4.85 5.99 -7.46
N THR B 16 5.47 6.85 -8.27
CA THR B 16 6.28 7.94 -7.73
C THR B 16 5.41 9.09 -7.25
N LEU B 17 5.66 9.55 -6.03
CA LEU B 17 4.90 10.64 -5.45
C LEU B 17 5.82 11.69 -4.82
N GLU B 18 5.55 12.95 -5.11
CA GLU B 18 6.36 14.06 -4.58
C GLU B 18 5.82 14.53 -3.23
N VAL B 19 6.50 14.16 -2.16
CA VAL B 19 6.09 14.54 -0.81
C VAL B 19 7.28 15.05 0.00
N GLU B 20 7.01 15.47 1.23
CA GLU B 20 8.05 15.98 2.11
C GLU B 20 8.02 15.27 3.47
N PRO B 21 9.14 15.34 4.20
CA PRO B 21 9.26 14.72 5.52
C PRO B 21 8.41 15.41 6.57
N SER B 22 7.92 16.61 6.24
CA SER B 22 7.10 17.38 7.17
C SER B 22 5.61 17.16 6.86
N ASP B 23 5.31 16.78 5.63
CA ASP B 23 3.93 16.54 5.22
C ASP B 23 3.31 15.43 6.05
N THR B 24 2.02 15.18 5.84
CA THR B 24 1.31 14.15 6.56
C THR B 24 0.93 12.99 5.64
N ILE B 25 0.72 11.82 6.23
CA ILE B 25 0.36 10.63 5.46
C ILE B 25 -0.86 10.90 4.58
N GLU B 26 -1.71 11.82 5.02
CA GLU B 26 -2.91 12.17 4.28
C GLU B 26 -2.55 12.77 2.92
N ASN B 27 -1.41 13.44 2.85
CA ASN B 27 -0.96 14.06 1.62
C ASN B 27 -0.39 13.01 0.66
N VAL B 28 0.32 12.04 1.23
CA VAL B 28 0.92 10.98 0.44
C VAL B 28 -0.14 10.08 -0.19
N LYS B 29 -1.10 9.66 0.63
CA LYS B 29 -2.19 8.80 0.16
C LYS B 29 -2.99 9.50 -0.93
N ALA B 30 -3.21 10.80 -0.76
CA ALA B 30 -3.97 11.58 -1.73
C ALA B 30 -3.35 11.47 -3.13
N LYS B 31 -2.03 11.52 -3.18
CA LYS B 31 -1.32 11.43 -4.45
C LYS B 31 -1.63 10.12 -5.17
N ILE B 32 -1.56 9.01 -4.43
CA ILE B 32 -1.84 7.70 -4.99
C ILE B 32 -3.23 7.67 -5.62
N GLN B 33 -4.15 8.45 -5.08
CA GLN B 33 -5.51 8.52 -5.59
C GLN B 33 -5.53 9.03 -7.03
N ASP B 34 -4.81 10.13 -7.27
CA ASP B 34 -4.74 10.72 -8.59
C ASP B 34 -3.83 9.91 -9.51
N LYS B 35 -3.18 8.89 -8.94
CA LYS B 35 -2.28 8.05 -9.71
C LYS B 35 -2.99 6.77 -10.16
N GLU B 36 -3.53 6.02 -9.19
CA GLU B 36 -4.24 4.78 -9.50
C GLU B 36 -5.75 5.01 -9.48
N GLY B 37 -6.24 5.64 -8.42
CA GLY B 37 -7.66 5.90 -8.30
C GLY B 37 -8.28 5.14 -7.15
N ILE B 38 -7.54 4.98 -6.06
CA ILE B 38 -8.04 4.27 -4.89
C ILE B 38 -8.32 5.22 -3.75
N PRO B 39 -9.51 5.10 -3.15
CA PRO B 39 -9.94 5.95 -2.03
C PRO B 39 -9.16 5.64 -0.75
N PRO B 40 -9.23 6.58 0.21
CA PRO B 40 -8.54 6.43 1.49
C PRO B 40 -9.16 5.34 2.37
N ASP B 41 -10.30 4.83 1.93
CA ASP B 41 -10.99 3.78 2.66
C ASP B 41 -10.43 2.40 2.33
N GLN B 42 -9.93 2.26 1.11
CA GLN B 42 -9.36 0.99 0.65
C GLN B 42 -7.86 1.13 0.42
N GLN B 43 -7.34 2.33 0.61
CA GLN B 43 -5.92 2.59 0.42
C GLN B 43 -5.15 2.36 1.72
N ARG B 44 -4.06 1.61 1.64
CA ARG B 44 -3.24 1.33 2.81
C ARG B 44 -1.76 1.53 2.50
N LEU B 45 -1.00 1.95 3.51
CA LEU B 45 0.43 2.18 3.35
C LEU B 45 1.24 1.24 4.22
N ILE B 46 2.40 0.83 3.74
CA ILE B 46 3.27 -0.07 4.49
C ILE B 46 4.71 0.42 4.48
N PHE B 47 5.27 0.67 5.66
CA PHE B 47 6.63 1.14 5.79
C PHE B 47 7.27 0.63 7.08
N ALA B 48 8.55 0.28 7.00
CA ALA B 48 9.27 -0.23 8.16
C ALA B 48 8.69 -1.56 8.64
N GLY B 49 7.87 -2.18 7.80
CA GLY B 49 7.27 -3.45 8.14
C GLY B 49 5.99 -3.29 8.93
N LYS B 50 5.43 -2.08 8.91
CA LYS B 50 4.19 -1.79 9.63
C LYS B 50 3.23 -0.99 8.76
N GLN B 51 2.03 -0.74 9.28
CA GLN B 51 1.02 0.01 8.54
C GLN B 51 0.95 1.45 9.04
N LEU B 52 0.97 2.40 8.10
CA LEU B 52 0.91 3.82 8.44
C LEU B 52 -0.54 4.28 8.59
N GLU B 53 -0.73 5.38 9.30
CA GLU B 53 -2.06 5.93 9.51
C GLU B 53 -2.19 7.32 8.88
N ASP B 54 -3.43 7.75 8.67
CA ASP B 54 -3.68 9.06 8.08
C ASP B 54 -3.60 10.17 9.12
N GLY B 55 -3.29 9.79 10.36
CA GLY B 55 -3.18 10.75 11.43
C GLY B 55 -1.77 10.85 11.98
N ARG B 56 -0.79 10.88 11.07
CA ARG B 56 0.61 10.97 11.47
C ARG B 56 1.43 11.62 10.37
N THR B 57 2.67 11.99 10.70
CA THR B 57 3.57 12.63 9.74
C THR B 57 4.59 11.63 9.20
N LEU B 58 4.97 11.82 7.94
CA LEU B 58 5.95 10.94 7.30
C LEU B 58 7.20 10.81 8.15
N SER B 59 7.69 11.93 8.67
CA SER B 59 8.89 11.94 9.50
C SER B 59 8.72 11.01 10.70
N ASP B 60 7.48 10.79 11.10
CA ASP B 60 7.19 9.92 12.23
C ASP B 60 7.52 8.47 11.91
N TYR B 61 7.37 8.11 10.63
CA TYR B 61 7.66 6.75 10.18
C TYR B 61 9.07 6.64 9.63
N ASN B 62 9.84 7.72 9.76
CA ASN B 62 11.21 7.75 9.28
C ASN B 62 11.25 7.60 7.76
N ILE B 63 10.27 8.17 7.09
CA ILE B 63 10.19 8.10 5.63
C ILE B 63 11.31 8.92 4.99
N GLN B 64 12.39 8.23 4.62
CA GLN B 64 13.53 8.89 4.00
C GLN B 64 13.31 9.05 2.49
N LYS B 65 14.10 9.92 1.88
CA LYS B 65 14.00 10.17 0.44
C LYS B 65 14.06 8.86 -0.34
N GLU B 66 13.37 8.82 -1.48
CA GLU B 66 13.36 7.63 -2.32
C GLU B 66 12.83 6.42 -1.55
N SER B 67 12.06 6.69 -0.50
CA SER B 67 11.50 5.63 0.33
C SER B 67 10.67 4.66 -0.52
N THR B 68 10.72 3.38 -0.16
CA THR B 68 9.97 2.37 -0.89
C THR B 68 8.73 1.94 -0.13
N LEU B 69 7.61 2.60 -0.42
CA LEU B 69 6.34 2.29 0.24
C LEU B 69 5.61 1.17 -0.50
N HIS B 70 4.64 0.56 0.19
CA HIS B 70 3.85 -0.52 -0.39
C HIS B 70 2.37 -0.28 -0.22
N LEU B 71 1.66 -0.11 -1.33
CA LEU B 71 0.22 0.14 -1.29
C LEU B 71 -0.56 -1.18 -1.18
N VAL B 72 -1.41 -1.26 -0.17
CA VAL B 72 -2.21 -2.47 0.05
C VAL B 72 -3.70 -2.13 0.11
N LEU B 73 -4.53 -3.05 -0.37
CA LEU B 73 -5.97 -2.85 -0.37
C LEU B 73 -6.56 -3.10 1.01
N ARG B 74 -7.44 -2.21 1.44
CA ARG B 74 -8.08 -2.34 2.75
C ARG B 74 -9.44 -3.03 2.63
N LEU B 75 -9.98 -3.44 3.78
CA LEU B 75 -11.28 -4.12 3.80
C LEU B 75 -12.32 -3.32 3.02
N ARG B 76 -12.98 -3.99 2.07
CA ARG B 76 -14.01 -3.35 1.27
C ARG B 76 -15.39 -3.77 1.72
N GLY B 77 -16.20 -2.79 2.13
CA GLY B 77 -17.55 -3.07 2.59
C GLY B 77 -18.60 -2.27 1.86
N GLY B 78 -18.37 -2.06 0.56
CA GLY B 78 -19.32 -1.29 -0.24
C GLY B 78 -19.74 -2.01 -1.50
N PRO A 62 3.64 -20.29 3.62
CA PRO A 62 2.24 -20.17 4.06
C PRO A 62 1.40 -19.35 3.08
N LEU A 63 2.06 -18.72 2.11
CA LEU A 63 1.39 -17.92 1.11
C LEU A 63 1.30 -18.65 -0.22
N CYS A 64 0.89 -19.91 -0.17
CA CYS A 64 0.77 -20.72 -1.38
C CYS A 64 -0.40 -20.25 -2.24
N SER A 65 -1.34 -19.55 -1.62
CA SER A 65 -2.51 -19.04 -2.33
C SER A 65 -2.43 -17.53 -2.49
N LEU A 66 -1.91 -17.09 -3.63
CA LEU A 66 -1.78 -15.66 -3.92
C LEU A 66 -2.79 -15.22 -4.97
N PRO A 67 -3.18 -13.94 -4.92
CA PRO A 67 -4.14 -13.37 -5.87
C PRO A 67 -3.55 -13.24 -7.28
N GLU A 68 -4.40 -12.85 -8.23
CA GLU A 68 -3.96 -12.69 -9.61
C GLU A 68 -3.03 -11.49 -9.75
N GLY A 69 -2.08 -11.59 -10.67
CA GLY A 69 -1.13 -10.52 -10.89
C GLY A 69 -0.39 -10.13 -9.63
N VAL A 70 -0.36 -11.04 -8.66
CA VAL A 70 0.33 -10.79 -7.40
C VAL A 70 1.84 -10.78 -7.58
N ASP A 71 2.51 -9.90 -6.84
CA ASP A 71 3.97 -9.79 -6.92
C ASP A 71 4.62 -10.46 -5.72
N GLN A 72 5.25 -11.60 -5.96
CA GLN A 72 5.93 -12.35 -4.90
C GLN A 72 6.88 -11.44 -4.12
N GLU A 73 7.75 -10.75 -4.84
CA GLU A 73 8.71 -9.85 -4.22
C GLU A 73 8.01 -8.88 -3.25
N VAL A 74 6.85 -8.39 -3.65
CA VAL A 74 6.09 -7.47 -2.84
C VAL A 74 5.38 -8.21 -1.70
N PHE A 75 4.97 -9.44 -1.97
CA PHE A 75 4.29 -10.25 -0.96
C PHE A 75 5.21 -10.60 0.20
N LYS A 76 6.35 -11.21 -0.13
CA LYS A 76 7.33 -11.60 0.88
C LYS A 76 7.93 -10.38 1.55
N GLN A 77 7.73 -9.22 0.93
CA GLN A 77 8.25 -7.96 1.47
C GLN A 77 7.26 -7.32 2.44
N LEU A 78 5.99 -7.66 2.28
CA LEU A 78 4.94 -7.12 3.13
C LEU A 78 4.89 -7.86 4.47
N PRO A 79 4.31 -7.21 5.49
CA PRO A 79 4.19 -7.78 6.83
C PRO A 79 3.19 -8.93 6.88
N VAL A 80 3.22 -9.70 7.96
CA VAL A 80 2.32 -10.83 8.13
C VAL A 80 0.87 -10.37 8.13
N ASP A 81 0.63 -9.17 8.64
CA ASP A 81 -0.72 -8.62 8.70
C ASP A 81 -1.33 -8.51 7.31
N ILE A 82 -0.53 -8.10 6.34
CA ILE A 82 -0.98 -7.96 4.96
C ILE A 82 -1.04 -9.32 4.27
N GLN A 83 -0.15 -10.22 4.68
CA GLN A 83 -0.09 -11.55 4.09
C GLN A 83 -1.31 -12.38 4.48
N GLU A 84 -1.86 -12.11 5.66
CA GLU A 84 -3.03 -12.81 6.15
C GLU A 84 -4.31 -12.23 5.56
N GLU A 85 -4.27 -10.93 5.26
CA GLU A 85 -5.42 -10.24 4.69
C GLU A 85 -5.64 -10.63 3.23
N ILE A 86 -4.54 -10.78 2.50
CA ILE A 86 -4.60 -11.17 1.10
C ILE A 86 -4.86 -12.66 0.94
N LEU A 87 -4.46 -13.43 1.95
CA LEU A 87 -4.64 -14.88 1.92
C LEU A 87 -6.12 -15.23 2.04
N SER A 88 -6.83 -14.50 2.89
CA SER A 88 -8.26 -14.75 3.10
C SER A 88 -9.05 -14.44 1.83
N GLY A 89 -8.47 -13.62 0.96
CA GLY A 89 -9.14 -13.26 -0.28
C GLY A 89 -10.06 -12.06 -0.11
N LYS A 90 -9.72 -11.19 0.82
CA LYS A 90 -10.52 -9.99 1.08
C LYS A 90 -9.85 -8.76 0.50
N SER A 91 -10.46 -7.59 0.73
CA SER A 91 -9.92 -6.34 0.23
C SER A 91 -9.54 -6.47 -1.24
N ARG A 92 -10.54 -6.57 -2.11
CA ARG A 92 -10.30 -6.70 -3.54
C ARG A 92 -11.20 -5.76 -4.32
N GLU A 93 -10.93 -4.47 -4.23
CA GLU A 93 -11.72 -3.46 -4.93
C GLU A 93 -11.00 -3.00 -6.20
N LYS A 94 -9.68 -3.03 -6.17
CA LYS A 94 -8.87 -2.62 -7.31
C LYS A 94 -9.35 -3.29 -8.59
N PHE A 95 -9.56 -4.60 -8.51
CA PHE A 95 -10.02 -5.37 -9.66
C PHE A 95 -11.14 -6.34 -9.26
N GLN A 96 -11.71 -7.01 -10.26
CA GLN A 96 -12.79 -7.97 -10.01
C GLN A 96 -12.24 -9.38 -9.92
N GLY A 97 -12.39 -10.00 -8.76
CA GLY A 97 -11.90 -11.35 -8.56
C GLY A 97 -12.39 -12.30 -9.64
N LYS A 98 -11.46 -12.93 -10.34
CA LYS A 98 -11.80 -13.87 -11.40
C LYS A 98 -11.73 -15.31 -10.89
N LEU A 99 -12.84 -15.80 -10.34
CA LEU A 99 -12.90 -17.15 -9.82
C LEU A 99 -14.31 -17.72 -9.94
N MET B 3 11.08 15.22 -1.58
CA MET B 3 11.58 13.87 -1.83
C MET B 3 10.49 13.01 -2.47
N GLN B 4 10.86 12.25 -3.50
CA GLN B 4 9.92 11.38 -4.19
C GLN B 4 9.97 9.96 -3.64
N ILE B 5 8.81 9.38 -3.39
CA ILE B 5 8.73 8.02 -2.87
C ILE B 5 8.07 7.08 -3.87
N PHE B 6 8.49 5.82 -3.86
CA PHE B 6 7.93 4.82 -4.76
C PHE B 6 6.99 3.88 -4.02
N VAL B 7 5.74 3.83 -4.48
CA VAL B 7 4.74 2.96 -3.88
C VAL B 7 4.47 1.73 -4.73
N LYS B 8 4.93 0.57 -4.26
CA LYS B 8 4.74 -0.67 -4.97
C LYS B 8 3.56 -1.45 -4.42
N THR B 9 2.49 -1.54 -5.21
CA THR B 9 1.29 -2.24 -4.79
C THR B 9 1.52 -3.76 -4.80
N LEU B 10 0.52 -4.50 -4.33
CA LEU B 10 0.61 -5.96 -4.28
C LEU B 10 0.84 -6.53 -5.67
N THR B 11 0.44 -5.78 -6.69
CA THR B 11 0.61 -6.23 -8.07
C THR B 11 1.94 -5.77 -8.63
N GLY B 12 2.79 -5.21 -7.77
CA GLY B 12 4.09 -4.74 -8.19
C GLY B 12 4.00 -3.45 -9.00
N LYS B 13 2.98 -2.65 -8.72
CA LYS B 13 2.78 -1.38 -9.42
C LYS B 13 3.44 -0.23 -8.66
N THR B 14 4.52 0.30 -9.23
CA THR B 14 5.23 1.41 -8.61
C THR B 14 4.55 2.75 -8.91
N ILE B 15 4.37 3.55 -7.88
CA ILE B 15 3.73 4.86 -8.03
C ILE B 15 4.57 5.96 -7.37
N THR B 16 5.22 6.76 -8.20
CA THR B 16 6.05 7.85 -7.70
C THR B 16 5.19 9.01 -7.19
N LEU B 17 5.54 9.52 -6.01
CA LEU B 17 4.80 10.63 -5.42
C LEU B 17 5.75 11.65 -4.80
N GLU B 18 5.50 12.92 -5.07
CA GLU B 18 6.34 13.99 -4.54
C GLU B 18 5.83 14.46 -3.18
N VAL B 19 6.47 14.00 -2.12
CA VAL B 19 6.09 14.37 -0.77
C VAL B 19 7.28 14.89 0.02
N GLU B 20 7.03 15.33 1.25
CA GLU B 20 8.09 15.85 2.12
C GLU B 20 8.06 15.18 3.49
N PRO B 21 9.18 15.26 4.21
CA PRO B 21 9.30 14.65 5.54
C PRO B 21 8.47 15.39 6.59
N SER B 22 7.97 16.57 6.21
CA SER B 22 7.15 17.37 7.12
C SER B 22 5.68 17.15 6.86
N ASP B 23 5.33 16.78 5.63
CA ASP B 23 3.95 16.53 5.26
C ASP B 23 3.36 15.38 6.07
N THR B 24 2.07 15.12 5.88
CA THR B 24 1.40 14.05 6.59
C THR B 24 0.96 12.95 5.65
N ILE B 25 0.74 11.75 6.19
CA ILE B 25 0.31 10.61 5.38
C ILE B 25 -0.90 10.96 4.54
N GLU B 26 -1.77 11.81 5.08
CA GLU B 26 -2.97 12.23 4.38
C GLU B 26 -2.63 12.84 3.03
N ASN B 27 -1.48 13.50 2.95
CA ASN B 27 -1.03 14.14 1.73
C ASN B 27 -0.47 13.11 0.75
N VAL B 28 0.21 12.11 1.29
CA VAL B 28 0.81 11.06 0.46
C VAL B 28 -0.27 10.16 -0.13
N LYS B 29 -1.17 9.67 0.72
CA LYS B 29 -2.24 8.79 0.28
C LYS B 29 -3.12 9.50 -0.76
N ALA B 30 -3.27 10.81 -0.61
CA ALA B 30 -4.08 11.60 -1.53
C ALA B 30 -3.54 11.48 -2.96
N LYS B 31 -2.25 11.70 -3.12
CA LYS B 31 -1.61 11.63 -4.43
C LYS B 31 -1.87 10.27 -5.08
N ILE B 32 -1.74 9.21 -4.28
CA ILE B 32 -1.96 7.86 -4.79
C ILE B 32 -3.34 7.73 -5.43
N GLN B 33 -4.31 8.47 -4.90
CA GLN B 33 -5.66 8.43 -5.44
C GLN B 33 -5.70 8.94 -6.88
N ASP B 34 -5.03 10.05 -7.13
CA ASP B 34 -4.97 10.64 -8.46
C ASP B 34 -4.07 9.83 -9.38
N LYS B 35 -3.38 8.84 -8.80
CA LYS B 35 -2.47 7.99 -9.57
C LYS B 35 -3.15 6.69 -9.97
N GLU B 36 -3.80 6.04 -9.01
CA GLU B 36 -4.49 4.78 -9.26
C GLU B 36 -6.01 4.97 -9.22
N GLY B 37 -6.48 5.63 -8.17
CA GLY B 37 -7.90 5.88 -8.03
C GLY B 37 -8.51 5.14 -6.85
N ILE B 38 -7.73 5.01 -5.78
CA ILE B 38 -8.20 4.32 -4.58
C ILE B 38 -8.46 5.30 -3.45
N PRO B 39 -9.63 5.16 -2.81
CA PRO B 39 -10.03 6.03 -1.69
C PRO B 39 -9.19 5.78 -0.44
N PRO B 40 -9.23 6.74 0.51
CA PRO B 40 -8.49 6.64 1.76
C PRO B 40 -9.05 5.56 2.69
N ASP B 41 -10.17 4.98 2.30
CA ASP B 41 -10.81 3.94 3.09
C ASP B 41 -10.34 2.55 2.63
N GLN B 42 -9.87 2.47 1.39
CA GLN B 42 -9.41 1.20 0.85
C GLN B 42 -7.91 1.25 0.59
N GLN B 43 -7.31 2.42 0.79
CA GLN B 43 -5.87 2.59 0.58
C GLN B 43 -5.11 2.34 1.87
N ARG B 44 -4.06 1.52 1.79
CA ARG B 44 -3.24 1.20 2.94
C ARG B 44 -1.75 1.31 2.61
N LEU B 45 -1.03 2.11 3.38
CA LEU B 45 0.40 2.30 3.16
C LEU B 45 1.21 1.41 4.10
N ILE B 46 2.22 0.75 3.54
CA ILE B 46 3.08 -0.13 4.33
C ILE B 46 4.53 0.34 4.28
N PHE B 47 5.06 0.74 5.43
CA PHE B 47 6.44 1.19 5.52
C PHE B 47 7.08 0.76 6.83
N ALA B 48 8.37 0.46 6.78
CA ALA B 48 9.10 0.02 7.97
C ALA B 48 8.56 -1.31 8.48
N GLY B 49 7.79 -2.00 7.64
CA GLY B 49 7.24 -3.29 8.03
C GLY B 49 5.95 -3.14 8.81
N LYS B 50 5.30 -1.99 8.68
CA LYS B 50 4.05 -1.73 9.38
C LYS B 50 3.14 -0.83 8.55
N GLN B 51 1.92 -0.62 9.03
CA GLN B 51 0.95 0.23 8.34
C GLN B 51 0.98 1.65 8.90
N LEU B 52 0.86 2.63 8.01
CA LEU B 52 0.86 4.03 8.41
C LEU B 52 -0.56 4.56 8.57
N GLU B 53 -0.72 5.57 9.42
CA GLU B 53 -2.04 6.16 9.65
C GLU B 53 -2.12 7.56 9.03
N ASP B 54 -3.34 8.04 8.84
CA ASP B 54 -3.56 9.36 8.26
C ASP B 54 -3.41 10.45 9.31
N GLY B 55 -3.11 10.05 10.54
CA GLY B 55 -2.95 11.01 11.62
C GLY B 55 -1.52 11.08 12.11
N ARG B 56 -0.57 11.06 11.19
CA ARG B 56 0.84 11.12 11.54
C ARG B 56 1.65 11.74 10.41
N THR B 57 2.92 12.06 10.70
CA THR B 57 3.79 12.66 9.71
C THR B 57 4.72 11.62 9.09
N LEU B 58 5.12 11.86 7.85
CA LEU B 58 6.00 10.93 7.14
C LEU B 58 7.29 10.71 7.92
N SER B 59 7.90 11.79 8.39
CA SER B 59 9.14 11.72 9.15
C SER B 59 8.97 10.79 10.36
N ASP B 60 7.73 10.66 10.82
CA ASP B 60 7.43 9.82 11.97
C ASP B 60 7.66 8.34 11.63
N TYR B 61 7.48 7.99 10.37
CA TYR B 61 7.67 6.62 9.91
C TYR B 61 9.04 6.43 9.29
N ASN B 62 9.91 7.43 9.46
CA ASN B 62 11.26 7.37 8.91
C ASN B 62 11.23 7.33 7.39
N ILE B 63 10.23 8.00 6.80
CA ILE B 63 10.10 8.03 5.35
C ILE B 63 11.18 8.89 4.72
N GLN B 64 12.24 8.25 4.23
CA GLN B 64 13.34 8.96 3.60
C GLN B 64 13.15 9.03 2.08
N LYS B 65 13.98 9.82 1.42
CA LYS B 65 13.90 9.99 -0.03
C LYS B 65 13.87 8.62 -0.72
N GLU B 66 13.11 8.54 -1.81
CA GLU B 66 12.99 7.30 -2.57
C GLU B 66 12.48 6.17 -1.67
N SER B 67 11.69 6.53 -0.67
CA SER B 67 11.14 5.54 0.26
C SER B 67 10.34 4.48 -0.50
N THR B 68 10.69 3.21 -0.25
CA THR B 68 10.00 2.11 -0.92
C THR B 68 8.73 1.72 -0.17
N LEU B 69 7.65 2.43 -0.44
CA LEU B 69 6.37 2.17 0.21
C LEU B 69 5.60 1.07 -0.53
N HIS B 70 4.63 0.46 0.15
CA HIS B 70 3.83 -0.60 -0.44
C HIS B 70 2.34 -0.32 -0.25
N LEU B 71 1.62 -0.21 -1.36
CA LEU B 71 0.19 0.06 -1.31
C LEU B 71 -0.61 -1.24 -1.25
N VAL B 72 -1.40 -1.40 -0.19
CA VAL B 72 -2.22 -2.59 -0.02
C VAL B 72 -3.70 -2.25 0.01
N LEU B 73 -4.52 -3.12 -0.55
CA LEU B 73 -5.96 -2.90 -0.59
C LEU B 73 -6.59 -3.20 0.76
N ARG B 74 -7.48 -2.31 1.20
CA ARG B 74 -8.16 -2.48 2.48
C ARG B 74 -9.54 -3.11 2.30
N LEU B 75 -10.12 -3.58 3.39
CA LEU B 75 -11.44 -4.20 3.36
C LEU B 75 -12.44 -3.31 2.62
N ARG B 76 -13.07 -3.87 1.59
CA ARG B 76 -14.05 -3.12 0.80
C ARG B 76 -15.46 -3.64 1.07
N GLY B 77 -16.21 -2.91 1.88
CA GLY B 77 -17.57 -3.30 2.19
C GLY B 77 -17.64 -4.22 3.40
N GLY B 78 -16.78 -5.24 3.42
CA GLY B 78 -16.76 -6.17 4.52
C GLY B 78 -16.00 -5.65 5.72
N PRO A 62 0.21 -19.70 4.51
CA PRO A 62 1.39 -19.36 3.71
C PRO A 62 1.02 -18.64 2.42
N LEU A 63 2.00 -18.46 1.55
CA LEU A 63 1.78 -17.78 0.27
C LEU A 63 1.38 -18.78 -0.81
N CYS A 64 0.42 -19.65 -0.49
CA CYS A 64 -0.04 -20.65 -1.44
C CYS A 64 -1.23 -20.13 -2.24
N SER A 65 -1.96 -19.18 -1.66
CA SER A 65 -3.12 -18.59 -2.33
C SER A 65 -2.94 -17.09 -2.52
N LEU A 66 -2.44 -16.70 -3.68
CA LEU A 66 -2.22 -15.30 -3.98
C LEU A 66 -3.18 -14.81 -5.07
N PRO A 67 -3.49 -13.51 -5.05
CA PRO A 67 -4.39 -12.90 -6.02
C PRO A 67 -3.80 -12.84 -7.42
N GLU A 68 -4.60 -12.40 -8.38
CA GLU A 68 -4.15 -12.30 -9.76
C GLU A 68 -3.13 -11.18 -9.93
N GLY A 69 -2.14 -11.39 -10.80
CA GLY A 69 -1.12 -10.40 -11.03
C GLY A 69 -0.36 -10.05 -9.77
N VAL A 70 -0.44 -10.92 -8.77
CA VAL A 70 0.25 -10.70 -7.50
C VAL A 70 1.76 -10.77 -7.68
N ASP A 71 2.48 -9.92 -6.95
CA ASP A 71 3.94 -9.89 -7.03
C ASP A 71 4.55 -10.57 -5.81
N GLN A 72 5.16 -11.74 -6.04
CA GLN A 72 5.79 -12.48 -4.95
C GLN A 72 6.75 -11.60 -4.17
N GLU A 73 7.66 -10.96 -4.87
CA GLU A 73 8.65 -10.07 -4.23
C GLU A 73 7.96 -9.07 -3.32
N VAL A 74 6.79 -8.58 -3.75
CA VAL A 74 6.04 -7.62 -2.96
C VAL A 74 5.32 -8.29 -1.80
N PHE A 75 4.89 -9.53 -2.02
CA PHE A 75 4.18 -10.29 -0.99
C PHE A 75 5.12 -10.62 0.17
N LYS A 76 6.23 -11.28 -0.14
CA LYS A 76 7.20 -11.67 0.88
C LYS A 76 7.83 -10.43 1.52
N GLN A 77 7.66 -9.28 0.87
CA GLN A 77 8.20 -8.03 1.38
C GLN A 77 7.24 -7.37 2.36
N LEU A 78 5.96 -7.69 2.23
CA LEU A 78 4.94 -7.12 3.10
C LEU A 78 4.88 -7.87 4.43
N PRO A 79 4.35 -7.19 5.46
CA PRO A 79 4.22 -7.78 6.80
C PRO A 79 3.19 -8.89 6.86
N VAL A 80 3.22 -9.67 7.94
CA VAL A 80 2.28 -10.77 8.11
C VAL A 80 0.83 -10.26 8.11
N ASP A 81 0.63 -9.07 8.65
CA ASP A 81 -0.70 -8.48 8.71
C ASP A 81 -1.29 -8.34 7.31
N ILE A 82 -0.46 -7.97 6.35
CA ILE A 82 -0.90 -7.80 4.96
C ILE A 82 -1.02 -9.15 4.26
N GLN A 83 -0.16 -10.08 4.65
CA GLN A 83 -0.17 -11.42 4.04
C GLN A 83 -1.46 -12.15 4.38
N GLU A 84 -1.82 -12.16 5.66
CA GLU A 84 -3.04 -12.83 6.10
C GLU A 84 -4.27 -12.15 5.53
N GLU A 85 -4.18 -10.84 5.34
CA GLU A 85 -5.30 -10.06 4.81
C GLU A 85 -5.58 -10.45 3.36
N ILE A 86 -4.52 -10.62 2.58
CA ILE A 86 -4.66 -10.99 1.17
C ILE A 86 -4.94 -12.48 1.03
N LEU A 87 -4.40 -13.28 1.96
CA LEU A 87 -4.59 -14.71 1.94
C LEU A 87 -6.05 -15.07 2.25
N SER A 88 -6.66 -14.30 3.13
CA SER A 88 -8.06 -14.54 3.52
C SER A 88 -8.99 -14.33 2.33
N GLY A 89 -8.55 -13.53 1.37
CA GLY A 89 -9.36 -13.26 0.20
C GLY A 89 -10.26 -12.04 0.38
N LYS A 90 -9.92 -11.21 1.36
CA LYS A 90 -10.71 -10.00 1.63
C LYS A 90 -10.06 -8.78 1.00
N SER A 91 -10.69 -7.62 1.20
CA SER A 91 -10.18 -6.37 0.65
C SER A 91 -9.76 -6.55 -0.81
N ARG A 92 -10.75 -6.80 -1.67
CA ARG A 92 -10.48 -6.99 -3.10
C ARG A 92 -11.56 -6.32 -3.94
N GLU A 93 -11.43 -5.01 -4.12
CA GLU A 93 -12.39 -4.25 -4.91
C GLU A 93 -11.71 -3.54 -6.07
N LYS A 94 -10.38 -3.64 -6.12
CA LYS A 94 -9.60 -3.01 -7.18
C LYS A 94 -9.77 -3.77 -8.50
N PHE A 95 -9.57 -5.08 -8.45
CA PHE A 95 -9.69 -5.91 -9.64
C PHE A 95 -10.81 -6.94 -9.47
N GLN A 96 -11.10 -7.67 -10.53
CA GLN A 96 -12.14 -8.69 -10.50
C GLN A 96 -11.74 -9.86 -9.61
N GLY A 97 -12.40 -9.99 -8.47
CA GLY A 97 -12.08 -11.07 -7.55
C GLY A 97 -12.53 -12.42 -8.08
N LYS A 98 -11.56 -13.30 -8.33
CA LYS A 98 -11.85 -14.64 -8.85
C LYS A 98 -12.68 -15.43 -7.85
N LEU A 99 -14.01 -15.39 -8.02
CA LEU A 99 -14.91 -16.11 -7.14
C LEU A 99 -15.32 -17.45 -7.75
N MET B 3 10.93 15.38 -1.39
CA MET B 3 11.44 14.03 -1.62
C MET B 3 10.38 13.16 -2.29
N GLN B 4 10.80 12.39 -3.28
CA GLN B 4 9.89 11.51 -4.01
C GLN B 4 9.96 10.09 -3.47
N ILE B 5 8.80 9.48 -3.24
CA ILE B 5 8.72 8.13 -2.72
C ILE B 5 8.08 7.18 -3.74
N PHE B 6 8.51 5.93 -3.73
CA PHE B 6 7.97 4.93 -4.64
C PHE B 6 7.03 3.98 -3.92
N VAL B 7 5.81 3.85 -4.42
CA VAL B 7 4.81 2.97 -3.81
C VAL B 7 4.58 1.75 -4.69
N LYS B 8 5.04 0.60 -4.22
CA LYS B 8 4.87 -0.65 -4.95
C LYS B 8 3.65 -1.42 -4.44
N THR B 9 2.63 -1.51 -5.27
CA THR B 9 1.40 -2.22 -4.91
C THR B 9 1.63 -3.73 -4.88
N LEU B 10 0.61 -4.47 -4.45
CA LEU B 10 0.69 -5.92 -4.38
C LEU B 10 0.91 -6.52 -5.77
N THR B 11 0.51 -5.78 -6.79
CA THR B 11 0.65 -6.24 -8.17
C THR B 11 2.00 -5.82 -8.75
N GLY B 12 2.85 -5.26 -7.90
CA GLY B 12 4.17 -4.83 -8.34
C GLY B 12 4.10 -3.55 -9.16
N LYS B 13 3.19 -2.66 -8.78
CA LYS B 13 3.03 -1.39 -9.49
C LYS B 13 3.66 -0.24 -8.69
N THR B 14 4.73 0.32 -9.22
CA THR B 14 5.42 1.42 -8.56
C THR B 14 4.75 2.76 -8.85
N ILE B 15 4.57 3.56 -7.82
CA ILE B 15 3.94 4.86 -7.97
C ILE B 15 4.76 5.96 -7.30
N THR B 16 5.35 6.83 -8.11
CA THR B 16 6.17 7.92 -7.58
C THR B 16 5.29 9.08 -7.11
N LEU B 17 5.58 9.58 -5.90
CA LEU B 17 4.82 10.68 -5.34
C LEU B 17 5.75 11.70 -4.69
N GLU B 18 5.51 12.98 -4.97
CA GLU B 18 6.33 14.05 -4.42
C GLU B 18 5.81 14.49 -3.05
N VAL B 19 6.47 14.04 -2.00
CA VAL B 19 6.07 14.38 -0.64
C VAL B 19 7.24 14.96 0.15
N GLU B 20 6.99 15.31 1.41
CA GLU B 20 8.02 15.86 2.27
C GLU B 20 7.96 15.25 3.66
N PRO B 21 9.05 15.39 4.42
CA PRO B 21 9.15 14.86 5.79
C PRO B 21 8.27 15.63 6.77
N SER B 22 7.81 16.80 6.34
CA SER B 22 6.96 17.63 7.18
C SER B 22 5.48 17.38 6.90
N ASP B 23 5.20 16.96 5.67
CA ASP B 23 3.83 16.67 5.26
C ASP B 23 3.23 15.55 6.09
N THR B 24 1.95 15.28 5.88
CA THR B 24 1.24 14.24 6.62
C THR B 24 0.96 13.03 5.74
N ILE B 25 0.88 11.86 6.34
CA ILE B 25 0.61 10.62 5.61
C ILE B 25 -0.60 10.78 4.70
N GLU B 26 -1.55 11.62 5.12
CA GLU B 26 -2.75 11.87 4.34
C GLU B 26 -2.41 12.47 2.98
N ASN B 27 -1.41 13.36 2.97
CA ASN B 27 -0.99 14.01 1.73
C ASN B 27 -0.44 12.99 0.74
N VAL B 28 0.32 12.02 1.25
CA VAL B 28 0.91 10.98 0.41
C VAL B 28 -0.18 10.09 -0.20
N LYS B 29 -1.06 9.59 0.65
CA LYS B 29 -2.15 8.73 0.19
C LYS B 29 -2.99 9.43 -0.87
N ALA B 30 -3.22 10.72 -0.67
CA ALA B 30 -4.01 11.51 -1.62
C ALA B 30 -3.46 11.38 -3.03
N LYS B 31 -2.16 11.58 -3.18
CA LYS B 31 -1.51 11.48 -4.49
C LYS B 31 -1.76 10.12 -5.11
N ILE B 32 -1.65 9.07 -4.31
CA ILE B 32 -1.87 7.72 -4.80
C ILE B 32 -3.24 7.57 -5.43
N GLN B 33 -4.20 8.37 -4.96
CA GLN B 33 -5.56 8.34 -5.48
C GLN B 33 -5.60 8.82 -6.92
N ASP B 34 -4.92 9.94 -7.19
CA ASP B 34 -4.89 10.51 -8.53
C ASP B 34 -3.98 9.70 -9.44
N LYS B 35 -3.30 8.71 -8.86
CA LYS B 35 -2.39 7.86 -9.62
C LYS B 35 -3.07 6.56 -10.04
N GLU B 36 -3.71 5.90 -9.08
CA GLU B 36 -4.42 4.65 -9.34
C GLU B 36 -5.93 4.85 -9.33
N GLY B 37 -6.42 5.53 -8.30
CA GLY B 37 -7.84 5.79 -8.18
C GLY B 37 -8.47 5.06 -7.00
N ILE B 38 -7.71 4.94 -5.92
CA ILE B 38 -8.21 4.27 -4.72
C ILE B 38 -8.43 5.25 -3.58
N PRO B 39 -9.61 5.15 -2.94
CA PRO B 39 -9.98 6.02 -1.82
C PRO B 39 -9.14 5.75 -0.57
N PRO B 40 -9.17 6.70 0.38
CA PRO B 40 -8.44 6.59 1.64
C PRO B 40 -9.01 5.51 2.55
N ASP B 41 -10.12 4.92 2.14
CA ASP B 41 -10.77 3.87 2.92
C ASP B 41 -10.30 2.49 2.46
N GLN B 42 -9.87 2.41 1.22
CA GLN B 42 -9.39 1.14 0.66
C GLN B 42 -7.90 1.20 0.36
N GLN B 43 -7.29 2.35 0.61
CA GLN B 43 -5.87 2.54 0.37
C GLN B 43 -5.07 2.30 1.65
N ARG B 44 -4.03 1.47 1.53
CA ARG B 44 -3.19 1.16 2.68
C ARG B 44 -1.71 1.24 2.31
N LEU B 45 -0.97 2.09 3.01
CA LEU B 45 0.45 2.25 2.76
C LEU B 45 1.29 1.54 3.80
N ILE B 46 2.30 0.80 3.36
CA ILE B 46 3.17 0.06 4.25
C ILE B 46 4.60 0.60 4.20
N PHE B 47 5.24 0.65 5.37
CA PHE B 47 6.61 1.15 5.45
C PHE B 47 7.32 0.60 6.69
N ALA B 48 8.57 0.20 6.52
CA ALA B 48 9.35 -0.35 7.63
C ALA B 48 8.76 -1.66 8.11
N GLY B 49 7.87 -2.24 7.32
CA GLY B 49 7.24 -3.49 7.68
C GLY B 49 5.99 -3.29 8.52
N LYS B 50 5.47 -2.08 8.51
CA LYS B 50 4.26 -1.76 9.28
C LYS B 50 3.31 -0.90 8.45
N GLN B 51 2.08 -0.74 8.95
CA GLN B 51 1.08 0.06 8.26
C GLN B 51 1.01 1.47 8.84
N LEU B 52 1.22 2.47 7.99
CA LEU B 52 1.18 3.86 8.42
C LEU B 52 -0.26 4.37 8.45
N GLU B 53 -0.51 5.36 9.31
CA GLU B 53 -1.84 5.94 9.42
C GLU B 53 -1.86 7.37 8.90
N ASP B 54 -3.04 7.87 8.60
CA ASP B 54 -3.20 9.23 8.09
C ASP B 54 -3.04 10.26 9.21
N GLY B 55 -3.06 9.76 10.45
CA GLY B 55 -2.93 10.65 11.60
C GLY B 55 -1.50 10.80 12.05
N ARG B 56 -0.57 10.83 11.10
CA ARG B 56 0.85 10.97 11.40
C ARG B 56 1.60 11.62 10.25
N THR B 57 2.86 11.97 10.50
CA THR B 57 3.68 12.62 9.49
C THR B 57 4.66 11.63 8.86
N LEU B 58 5.13 11.94 7.66
CA LEU B 58 6.08 11.08 6.96
C LEU B 58 7.30 10.81 7.82
N SER B 59 7.90 11.89 8.34
CA SER B 59 9.09 11.75 9.18
C SER B 59 8.81 10.86 10.38
N ASP B 60 7.56 10.85 10.84
CA ASP B 60 7.17 10.03 11.98
C ASP B 60 7.56 8.57 11.76
N TYR B 61 7.42 8.12 10.52
CA TYR B 61 7.75 6.74 10.18
C TYR B 61 9.14 6.65 9.56
N ASN B 62 9.93 7.70 9.73
CA ASN B 62 11.29 7.74 9.19
C ASN B 62 11.26 7.63 7.68
N ILE B 63 10.22 8.17 7.06
CA ILE B 63 10.07 8.14 5.61
C ILE B 63 11.12 9.02 4.94
N GLN B 64 12.23 8.41 4.53
CA GLN B 64 13.30 9.13 3.87
C GLN B 64 13.07 9.21 2.36
N LYS B 65 13.82 10.08 1.70
CA LYS B 65 13.70 10.25 0.25
C LYS B 65 13.79 8.90 -0.47
N GLU B 66 13.08 8.77 -1.58
CA GLU B 66 13.09 7.54 -2.35
C GLU B 66 12.59 6.36 -1.51
N SER B 67 11.78 6.66 -0.50
CA SER B 67 11.23 5.65 0.38
C SER B 67 10.48 4.58 -0.42
N THR B 68 10.71 3.32 -0.08
CA THR B 68 10.06 2.21 -0.76
C THR B 68 8.78 1.80 -0.05
N LEU B 69 7.69 2.51 -0.34
CA LEU B 69 6.41 2.22 0.27
C LEU B 69 5.66 1.13 -0.49
N HIS B 70 4.66 0.53 0.14
CA HIS B 70 3.87 -0.53 -0.48
C HIS B 70 2.37 -0.23 -0.35
N LEU B 71 1.66 -0.30 -1.47
CA LEU B 71 0.22 -0.05 -1.48
C LEU B 71 -0.56 -1.36 -1.40
N VAL B 72 -1.53 -1.40 -0.48
CA VAL B 72 -2.35 -2.59 -0.31
C VAL B 72 -3.82 -2.22 -0.22
N LEU B 73 -4.69 -3.13 -0.70
CA LEU B 73 -6.12 -2.89 -0.68
C LEU B 73 -6.69 -3.16 0.71
N ARG B 74 -7.44 -2.20 1.23
CA ARG B 74 -8.04 -2.32 2.56
C ARG B 74 -9.41 -2.99 2.47
N LEU B 75 -9.92 -3.44 3.61
CA LEU B 75 -11.22 -4.09 3.66
C LEU B 75 -12.29 -3.24 2.96
N ARG B 76 -13.00 -3.86 2.02
CA ARG B 76 -14.05 -3.17 1.28
C ARG B 76 -15.40 -3.33 1.96
N GLY B 77 -15.80 -2.32 2.72
CA GLY B 77 -17.08 -2.37 3.41
C GLY B 77 -18.06 -1.35 2.89
N GLY B 78 -18.04 -1.12 1.58
CA GLY B 78 -18.95 -0.17 0.98
C GLY B 78 -18.31 1.20 0.81
N PRO A 62 3.71 -19.72 3.88
CA PRO A 62 2.29 -19.35 3.92
C PRO A 62 1.82 -18.70 2.63
N LEU A 63 2.77 -18.40 1.74
CA LEU A 63 2.45 -17.78 0.46
C LEU A 63 2.16 -18.84 -0.60
N CYS A 64 1.29 -19.79 -0.26
CA CYS A 64 0.93 -20.86 -1.18
C CYS A 64 -0.31 -20.48 -1.99
N SER A 65 -1.05 -19.48 -1.50
CA SER A 65 -2.26 -19.03 -2.16
C SER A 65 -2.26 -17.52 -2.33
N LEU A 66 -1.84 -17.06 -3.51
CA LEU A 66 -1.79 -15.63 -3.80
C LEU A 66 -2.84 -15.24 -4.83
N PRO A 67 -3.30 -13.99 -4.78
CA PRO A 67 -4.31 -13.46 -5.70
C PRO A 67 -3.77 -13.31 -7.11
N GLU A 68 -4.65 -12.94 -8.05
CA GLU A 68 -4.27 -12.75 -9.44
C GLU A 68 -3.37 -11.52 -9.59
N GLY A 69 -2.44 -11.59 -10.55
CA GLY A 69 -1.54 -10.49 -10.79
C GLY A 69 -0.77 -10.09 -9.54
N VAL A 70 -0.67 -11.02 -8.59
CA VAL A 70 0.04 -10.75 -7.35
C VAL A 70 1.56 -10.76 -7.57
N ASP A 71 2.25 -9.91 -6.83
CA ASP A 71 3.71 -9.82 -6.95
C ASP A 71 4.39 -10.49 -5.76
N GLN A 72 5.00 -11.65 -6.02
CA GLN A 72 5.69 -12.40 -4.97
C GLN A 72 6.66 -11.51 -4.23
N GLU A 73 7.55 -10.85 -4.97
CA GLU A 73 8.54 -9.96 -4.37
C GLU A 73 7.88 -8.99 -3.39
N VAL A 74 6.72 -8.48 -3.77
CA VAL A 74 5.98 -7.53 -2.93
C VAL A 74 5.30 -8.25 -1.77
N PHE A 75 4.87 -9.49 -2.02
CA PHE A 75 4.21 -10.27 -1.00
C PHE A 75 5.15 -10.61 0.15
N LYS A 76 6.28 -11.24 -0.18
CA LYS A 76 7.27 -11.61 0.82
C LYS A 76 7.89 -10.37 1.45
N GLN A 77 7.70 -9.22 0.81
CA GLN A 77 8.24 -7.97 1.31
C GLN A 77 7.29 -7.31 2.30
N LEU A 78 6.01 -7.65 2.19
CA LEU A 78 4.99 -7.09 3.08
C LEU A 78 4.97 -7.84 4.41
N PRO A 79 4.44 -7.17 5.45
CA PRO A 79 4.35 -7.74 6.78
C PRO A 79 3.31 -8.86 6.86
N VAL A 80 3.36 -9.64 7.94
CA VAL A 80 2.42 -10.74 8.12
C VAL A 80 0.99 -10.25 8.15
N ASP A 81 0.80 -9.02 8.62
CA ASP A 81 -0.53 -8.42 8.70
C ASP A 81 -1.16 -8.31 7.31
N ILE A 82 -0.34 -7.92 6.33
CA ILE A 82 -0.82 -7.77 4.96
C ILE A 82 -0.92 -9.12 4.27
N GLN A 83 -0.11 -10.08 4.70
CA GLN A 83 -0.11 -11.41 4.12
C GLN A 83 -1.39 -12.16 4.49
N GLU A 84 -1.74 -12.13 5.77
CA GLU A 84 -2.93 -12.80 6.24
C GLU A 84 -4.20 -12.16 5.67
N GLU A 85 -4.14 -10.85 5.45
CA GLU A 85 -5.27 -10.11 4.91
C GLU A 85 -5.54 -10.53 3.47
N ILE A 86 -4.47 -10.68 2.69
CA ILE A 86 -4.59 -11.07 1.29
C ILE A 86 -4.87 -12.57 1.16
N LEU A 87 -4.24 -13.36 2.03
CA LEU A 87 -4.41 -14.80 2.02
C LEU A 87 -5.89 -15.17 2.13
N SER A 88 -6.64 -14.35 2.85
CA SER A 88 -8.07 -14.61 3.03
C SER A 88 -8.84 -14.33 1.74
N GLY A 89 -8.27 -13.49 0.88
CA GLY A 89 -8.92 -13.17 -0.37
C GLY A 89 -9.63 -11.83 -0.33
N LYS A 90 -9.85 -11.33 0.87
CA LYS A 90 -10.54 -10.05 1.06
C LYS A 90 -9.66 -8.89 0.58
N SER A 91 -10.16 -7.67 0.77
CA SER A 91 -9.41 -6.49 0.37
C SER A 91 -9.05 -6.55 -1.12
N ARG A 92 -10.07 -6.54 -1.97
CA ARG A 92 -9.85 -6.60 -3.41
C ARG A 92 -10.83 -5.68 -4.14
N GLU A 93 -10.61 -4.37 -3.99
CA GLU A 93 -11.47 -3.39 -4.64
C GLU A 93 -10.86 -2.90 -5.95
N LYS A 94 -9.53 -2.93 -6.03
CA LYS A 94 -8.82 -2.50 -7.22
C LYS A 94 -9.37 -3.18 -8.47
N PHE A 95 -9.55 -4.50 -8.38
CA PHE A 95 -10.08 -5.27 -9.50
C PHE A 95 -11.13 -6.27 -9.02
N GLN A 96 -11.76 -6.95 -9.96
CA GLN A 96 -12.79 -7.94 -9.65
C GLN A 96 -12.37 -9.33 -10.09
N GLY A 97 -12.90 -10.35 -9.40
CA GLY A 97 -12.56 -11.72 -9.75
C GLY A 97 -12.72 -11.99 -11.23
N LYS A 98 -11.60 -12.11 -11.93
CA LYS A 98 -11.61 -12.37 -13.36
C LYS A 98 -11.50 -13.87 -13.64
N LEU A 99 -12.65 -14.51 -13.84
CA LEU A 99 -12.68 -15.94 -14.11
C LEU A 99 -13.39 -16.23 -15.44
N MET B 3 11.29 15.28 -1.63
CA MET B 3 11.74 13.91 -1.86
C MET B 3 10.62 13.08 -2.49
N GLN B 4 11.00 12.24 -3.46
CA GLN B 4 10.04 11.39 -4.14
C GLN B 4 10.08 9.96 -3.59
N ILE B 5 8.90 9.39 -3.36
CA ILE B 5 8.81 8.03 -2.84
C ILE B 5 8.12 7.11 -3.84
N PHE B 6 8.52 5.84 -3.83
CA PHE B 6 7.94 4.85 -4.74
C PHE B 6 6.98 3.93 -3.99
N VAL B 7 5.76 3.82 -4.50
CA VAL B 7 4.75 2.97 -3.88
C VAL B 7 4.46 1.75 -4.74
N LYS B 8 4.92 0.59 -4.27
CA LYS B 8 4.72 -0.66 -4.99
C LYS B 8 3.51 -1.42 -4.43
N THR B 9 2.44 -1.49 -5.22
CA THR B 9 1.23 -2.18 -4.81
C THR B 9 1.44 -3.70 -4.81
N LEU B 10 0.44 -4.43 -4.34
CA LEU B 10 0.51 -5.88 -4.28
C LEU B 10 0.71 -6.46 -5.67
N THR B 11 0.30 -5.72 -6.69
CA THR B 11 0.44 -6.17 -8.07
C THR B 11 1.79 -5.77 -8.65
N GLY B 12 2.62 -5.16 -7.81
CA GLY B 12 3.94 -4.73 -8.25
C GLY B 12 3.90 -3.43 -9.03
N LYS B 13 2.87 -2.63 -8.78
CA LYS B 13 2.72 -1.35 -9.46
C LYS B 13 3.41 -0.24 -8.68
N THR B 14 4.51 0.27 -9.23
CA THR B 14 5.27 1.35 -8.59
C THR B 14 4.66 2.70 -8.91
N ILE B 15 4.46 3.51 -7.87
CA ILE B 15 3.89 4.84 -8.04
C ILE B 15 4.75 5.90 -7.36
N THR B 16 5.36 6.77 -8.16
CA THR B 16 6.20 7.84 -7.63
C THR B 16 5.37 8.99 -7.08
N LEU B 17 5.65 9.37 -5.84
CA LEU B 17 4.93 10.47 -5.20
C LEU B 17 5.89 11.52 -4.67
N GLU B 18 5.59 12.79 -4.94
CA GLU B 18 6.42 13.89 -4.49
C GLU B 18 5.92 14.46 -3.18
N VAL B 19 6.53 14.04 -2.07
CA VAL B 19 6.15 14.50 -0.75
C VAL B 19 7.36 14.99 0.04
N GLU B 20 7.11 15.42 1.27
CA GLU B 20 8.19 15.90 2.13
C GLU B 20 8.19 15.18 3.47
N PRO B 21 9.33 15.24 4.18
CA PRO B 21 9.48 14.59 5.48
C PRO B 21 8.66 15.27 6.57
N SER B 22 8.08 16.42 6.24
CA SER B 22 7.27 17.17 7.19
C SER B 22 5.78 16.96 6.92
N ASP B 23 5.45 16.64 5.67
CA ASP B 23 4.07 16.41 5.27
C ASP B 23 3.46 15.27 6.08
N THR B 24 2.16 15.04 5.89
CA THR B 24 1.45 13.98 6.59
C THR B 24 1.04 12.86 5.64
N ILE B 25 0.70 11.71 6.21
CA ILE B 25 0.28 10.56 5.40
C ILE B 25 -0.95 10.89 4.57
N GLU B 26 -1.88 11.62 5.17
CA GLU B 26 -3.11 12.01 4.48
C GLU B 26 -2.79 12.68 3.14
N ASN B 27 -1.65 13.35 3.08
CA ASN B 27 -1.22 14.03 1.87
C ASN B 27 -0.68 13.04 0.84
N VAL B 28 0.08 12.06 1.32
CA VAL B 28 0.65 11.05 0.43
C VAL B 28 -0.43 10.18 -0.18
N LYS B 29 -1.35 9.71 0.66
CA LYS B 29 -2.45 8.86 0.20
C LYS B 29 -3.27 9.58 -0.88
N ALA B 30 -3.48 10.88 -0.69
CA ALA B 30 -4.24 11.67 -1.65
C ALA B 30 -3.66 11.55 -3.06
N LYS B 31 -2.35 11.74 -3.17
CA LYS B 31 -1.68 11.65 -4.45
C LYS B 31 -1.90 10.29 -5.10
N ILE B 32 -1.83 9.24 -4.28
CA ILE B 32 -2.03 7.88 -4.77
C ILE B 32 -3.38 7.74 -5.47
N GLN B 33 -4.35 8.52 -5.01
CA GLN B 33 -5.69 8.48 -5.58
C GLN B 33 -5.69 8.99 -7.01
N ASP B 34 -4.97 10.09 -7.24
CA ASP B 34 -4.89 10.69 -8.57
C ASP B 34 -3.96 9.88 -9.47
N LYS B 35 -3.32 8.86 -8.89
CA LYS B 35 -2.41 8.01 -9.64
C LYS B 35 -3.10 6.73 -10.07
N GLU B 36 -3.79 6.08 -9.14
CA GLU B 36 -4.50 4.84 -9.42
C GLU B 36 -6.01 5.06 -9.40
N GLY B 37 -6.50 5.72 -8.36
CA GLY B 37 -7.91 5.98 -8.24
C GLY B 37 -8.55 5.24 -7.07
N ILE B 38 -7.78 5.06 -6.00
CA ILE B 38 -8.28 4.37 -4.82
C ILE B 38 -8.54 5.34 -3.68
N PRO B 39 -9.71 5.20 -3.05
CA PRO B 39 -10.12 6.06 -1.93
C PRO B 39 -9.30 5.80 -0.67
N PRO B 40 -9.33 6.76 0.27
CA PRO B 40 -8.60 6.65 1.53
C PRO B 40 -9.18 5.58 2.45
N ASP B 41 -10.29 4.99 2.04
CA ASP B 41 -10.94 3.95 2.82
C ASP B 41 -10.43 2.57 2.43
N GLN B 42 -9.98 2.44 1.18
CA GLN B 42 -9.47 1.17 0.68
C GLN B 42 -7.97 1.27 0.40
N GLN B 43 -7.41 2.46 0.59
CA GLN B 43 -5.99 2.67 0.35
C GLN B 43 -5.18 2.50 1.64
N ARG B 44 -4.15 1.66 1.58
CA ARG B 44 -3.31 1.40 2.73
C ARG B 44 -1.84 1.45 2.35
N LEU B 45 -1.00 1.92 3.27
CA LEU B 45 0.43 2.03 3.03
C LEU B 45 1.21 1.12 3.99
N ILE B 46 2.42 0.73 3.59
CA ILE B 46 3.25 -0.11 4.41
C ILE B 46 4.71 0.35 4.39
N PHE B 47 5.19 0.81 5.54
CA PHE B 47 6.57 1.29 5.65
C PHE B 47 7.16 0.94 7.02
N ALA B 48 8.45 0.65 7.03
CA ALA B 48 9.14 0.30 8.28
C ALA B 48 8.61 -1.01 8.84
N GLY B 49 7.88 -1.76 8.01
CA GLY B 49 7.33 -3.02 8.44
C GLY B 49 6.07 -2.86 9.28
N LYS B 50 5.23 -1.92 8.88
CA LYS B 50 3.97 -1.66 9.58
C LYS B 50 3.01 -0.87 8.71
N GLN B 51 1.76 -0.77 9.17
CA GLN B 51 0.73 -0.04 8.43
C GLN B 51 0.69 1.43 8.83
N LEU B 52 0.80 2.32 7.85
CA LEU B 52 0.77 3.76 8.11
C LEU B 52 -0.63 4.22 8.45
N GLU B 53 -0.73 5.42 9.03
CA GLU B 53 -2.03 5.98 9.40
C GLU B 53 -2.16 7.41 8.90
N ASP B 54 -3.40 7.88 8.76
CA ASP B 54 -3.66 9.23 8.30
C ASP B 54 -3.55 10.23 9.44
N GLY B 55 -3.21 9.74 10.62
CA GLY B 55 -3.07 10.60 11.78
C GLY B 55 -1.64 10.71 12.26
N ARG B 56 -0.71 10.74 11.31
CA ARG B 56 0.71 10.84 11.64
C ARG B 56 1.48 11.51 10.51
N THR B 57 2.74 11.84 10.78
CA THR B 57 3.59 12.49 9.78
C THR B 57 4.52 11.48 9.12
N LEU B 58 4.99 11.80 7.91
CA LEU B 58 5.88 10.92 7.18
C LEU B 58 7.17 10.67 7.97
N SER B 59 7.72 11.73 8.55
CA SER B 59 8.94 11.63 9.33
C SER B 59 8.77 10.66 10.49
N ASP B 60 7.52 10.40 10.87
CA ASP B 60 7.22 9.50 11.96
C ASP B 60 7.57 8.06 11.59
N TYR B 61 7.43 7.74 10.31
CA TYR B 61 7.73 6.40 9.82
C TYR B 61 9.13 6.34 9.20
N ASN B 62 9.90 7.40 9.40
CA ASN B 62 11.25 7.47 8.87
C ASN B 62 11.24 7.45 7.35
N ILE B 63 10.21 8.05 6.76
CA ILE B 63 10.08 8.10 5.31
C ILE B 63 11.14 8.99 4.69
N GLN B 64 12.19 8.37 4.16
CA GLN B 64 13.28 9.12 3.53
C GLN B 64 13.11 9.15 2.02
N LYS B 65 14.00 9.88 1.35
CA LYS B 65 13.95 9.99 -0.11
C LYS B 65 13.97 8.62 -0.76
N GLU B 66 13.25 8.49 -1.88
CA GLU B 66 13.18 7.22 -2.60
C GLU B 66 12.64 6.12 -1.70
N SER B 67 11.82 6.50 -0.73
CA SER B 67 11.23 5.53 0.20
C SER B 67 10.44 4.47 -0.55
N THR B 68 10.74 3.20 -0.25
CA THR B 68 10.05 2.09 -0.90
C THR B 68 8.78 1.72 -0.14
N LEU B 69 7.70 2.42 -0.44
CA LEU B 69 6.41 2.17 0.21
C LEU B 69 5.62 1.11 -0.55
N HIS B 70 4.64 0.51 0.12
CA HIS B 70 3.81 -0.51 -0.48
C HIS B 70 2.32 -0.19 -0.32
N LEU B 71 1.62 -0.07 -1.44
CA LEU B 71 0.19 0.24 -1.41
C LEU B 71 -0.64 -1.03 -1.35
N VAL B 72 -1.25 -1.29 -0.19
CA VAL B 72 -2.07 -2.47 -0.01
C VAL B 72 -3.56 -2.10 -0.01
N LEU B 73 -4.39 -3.03 -0.48
CA LEU B 73 -5.83 -2.81 -0.53
C LEU B 73 -6.46 -3.07 0.83
N ARG B 74 -7.35 -2.17 1.25
CA ARG B 74 -8.04 -2.31 2.53
C ARG B 74 -9.39 -2.98 2.35
N LEU B 75 -9.95 -3.46 3.45
CA LEU B 75 -11.25 -4.13 3.42
C LEU B 75 -12.28 -3.30 2.67
N ARG B 76 -12.86 -3.88 1.62
CA ARG B 76 -13.86 -3.19 0.82
C ARG B 76 -15.26 -3.69 1.15
N GLY B 77 -16.14 -2.78 1.54
CA GLY B 77 -17.51 -3.15 1.87
C GLY B 77 -18.51 -2.59 0.89
N GLY B 78 -18.34 -2.92 -0.38
CA GLY B 78 -19.25 -2.45 -1.41
C GLY B 78 -19.34 -3.39 -2.60
N PRO A 62 3.13 -20.01 3.68
CA PRO A 62 1.97 -19.12 3.70
C PRO A 62 1.67 -18.52 2.33
N LEU A 63 2.72 -18.34 1.53
CA LEU A 63 2.58 -17.78 0.19
C LEU A 63 2.20 -18.85 -0.82
N CYS A 64 1.14 -19.58 -0.53
CA CYS A 64 0.67 -20.64 -1.42
C CYS A 64 -0.58 -20.21 -2.18
N SER A 65 -1.26 -19.19 -1.67
CA SER A 65 -2.47 -18.69 -2.29
C SER A 65 -2.41 -17.17 -2.47
N LEU A 66 -1.95 -16.74 -3.64
CA LEU A 66 -1.84 -15.31 -3.93
C LEU A 66 -2.88 -14.88 -4.97
N PRO A 67 -3.27 -13.60 -4.92
CA PRO A 67 -4.25 -13.04 -5.86
C PRO A 67 -3.71 -12.92 -7.27
N GLU A 68 -4.57 -12.52 -8.20
CA GLU A 68 -4.18 -12.37 -9.59
C GLU A 68 -3.21 -11.19 -9.77
N GLY A 69 -2.28 -11.34 -10.70
CA GLY A 69 -1.32 -10.28 -10.95
C GLY A 69 -0.53 -9.91 -9.70
N VAL A 70 -0.50 -10.81 -8.73
CA VAL A 70 0.21 -10.58 -7.49
C VAL A 70 1.72 -10.61 -7.71
N ASP A 71 2.44 -9.76 -6.97
CA ASP A 71 3.89 -9.69 -7.09
C ASP A 71 4.56 -10.36 -5.90
N GLN A 72 5.17 -11.52 -6.15
CA GLN A 72 5.85 -12.26 -5.10
C GLN A 72 6.81 -11.37 -4.33
N GLU A 73 7.67 -10.65 -5.05
CA GLU A 73 8.63 -9.75 -4.44
C GLU A 73 7.95 -8.80 -3.46
N VAL A 74 6.77 -8.32 -3.85
CA VAL A 74 6.01 -7.40 -3.02
C VAL A 74 5.32 -8.13 -1.86
N PHE A 75 4.93 -9.37 -2.11
CA PHE A 75 4.26 -10.18 -1.10
C PHE A 75 5.21 -10.52 0.03
N LYS A 76 6.34 -11.14 -0.31
CA LYS A 76 7.34 -11.51 0.68
C LYS A 76 7.95 -10.28 1.33
N GLN A 77 7.73 -9.12 0.72
CA GLN A 77 8.27 -7.87 1.25
C GLN A 77 7.31 -7.26 2.26
N LEU A 78 6.03 -7.57 2.12
CA LEU A 78 5.01 -7.05 3.03
C LEU A 78 4.98 -7.84 4.33
N PRO A 79 4.45 -7.21 5.39
CA PRO A 79 4.35 -7.84 6.71
C PRO A 79 3.33 -8.98 6.74
N VAL A 80 3.54 -9.94 7.65
CA VAL A 80 2.64 -11.07 7.77
C VAL A 80 1.19 -10.62 7.91
N ASP A 81 0.99 -9.44 8.48
CA ASP A 81 -0.35 -8.88 8.66
C ASP A 81 -1.04 -8.69 7.31
N ILE A 82 -0.30 -8.21 6.32
CA ILE A 82 -0.84 -7.98 5.00
C ILE A 82 -0.99 -9.29 4.24
N GLN A 83 -0.11 -10.25 4.53
CA GLN A 83 -0.14 -11.54 3.86
C GLN A 83 -1.35 -12.35 4.31
N GLU A 84 -1.64 -12.31 5.61
CA GLU A 84 -2.78 -13.04 6.17
C GLU A 84 -4.09 -12.48 5.64
N GLU A 85 -4.11 -11.17 5.38
CA GLU A 85 -5.31 -10.51 4.87
C GLU A 85 -5.54 -10.86 3.40
N ILE A 86 -4.52 -10.63 2.58
CA ILE A 86 -4.63 -10.91 1.15
C ILE A 86 -4.98 -12.38 0.91
N LEU A 87 -4.38 -13.26 1.69
CA LEU A 87 -4.64 -14.70 1.56
C LEU A 87 -6.06 -15.04 2.01
N SER A 88 -6.58 -14.26 2.95
CA SER A 88 -7.92 -14.47 3.47
C SER A 88 -8.97 -14.22 2.39
N GLY A 89 -8.60 -13.40 1.40
CA GLY A 89 -9.52 -13.09 0.32
C GLY A 89 -10.35 -11.85 0.61
N LYS A 90 -10.00 -11.14 1.67
CA LYS A 90 -10.73 -9.93 2.06
C LYS A 90 -10.08 -8.69 1.46
N SER A 91 -10.69 -7.54 1.68
CA SER A 91 -10.17 -6.28 1.17
C SER A 91 -9.78 -6.42 -0.30
N ARG A 92 -10.76 -6.74 -1.14
CA ARG A 92 -10.52 -6.90 -2.57
C ARG A 92 -11.67 -6.31 -3.39
N GLU A 93 -11.62 -4.99 -3.58
CA GLU A 93 -12.66 -4.30 -4.34
C GLU A 93 -12.08 -3.67 -5.60
N LYS A 94 -10.79 -3.36 -5.56
CA LYS A 94 -10.11 -2.75 -6.70
C LYS A 94 -10.36 -3.55 -7.97
N PHE A 95 -10.06 -4.84 -7.91
CA PHE A 95 -10.24 -5.72 -9.06
C PHE A 95 -11.21 -6.87 -8.73
N GLN A 96 -11.54 -7.66 -9.74
CA GLN A 96 -12.47 -8.78 -9.55
C GLN A 96 -11.82 -9.87 -8.69
N GLY A 97 -12.25 -9.95 -7.44
CA GLY A 97 -11.71 -10.95 -6.53
C GLY A 97 -11.77 -12.35 -7.10
N LYS A 98 -11.17 -13.30 -6.40
CA LYS A 98 -11.17 -14.69 -6.85
C LYS A 98 -12.16 -15.53 -6.04
N LEU A 99 -12.98 -16.31 -6.73
CA LEU A 99 -13.96 -17.16 -6.08
C LEU A 99 -13.51 -18.61 -6.06
N MET B 3 11.10 15.37 -1.54
CA MET B 3 11.61 14.03 -1.81
C MET B 3 10.53 13.17 -2.48
N GLN B 4 10.93 12.43 -3.50
CA GLN B 4 10.00 11.56 -4.22
C GLN B 4 10.04 10.14 -3.66
N ILE B 5 8.87 9.55 -3.44
CA ILE B 5 8.78 8.20 -2.92
C ILE B 5 8.10 7.27 -3.92
N PHE B 6 8.49 6.00 -3.89
CA PHE B 6 7.92 5.00 -4.79
C PHE B 6 6.96 4.09 -4.05
N VAL B 7 5.73 4.00 -4.54
CA VAL B 7 4.71 3.17 -3.93
C VAL B 7 4.46 1.91 -4.76
N LYS B 8 4.91 0.77 -4.25
CA LYS B 8 4.74 -0.50 -4.95
C LYS B 8 3.55 -1.26 -4.39
N THR B 9 2.51 -1.42 -5.22
CA THR B 9 1.30 -2.12 -4.80
C THR B 9 1.53 -3.64 -4.82
N LEU B 10 0.52 -4.38 -4.36
CA LEU B 10 0.61 -5.83 -4.33
C LEU B 10 0.79 -6.40 -5.72
N THR B 11 0.40 -5.63 -6.73
CA THR B 11 0.52 -6.06 -8.12
C THR B 11 1.84 -5.58 -8.73
N GLY B 12 2.78 -5.21 -7.86
CA GLY B 12 4.07 -4.74 -8.33
C GLY B 12 3.96 -3.46 -9.15
N LYS B 13 3.08 -2.56 -8.72
CA LYS B 13 2.88 -1.30 -9.42
C LYS B 13 3.54 -0.14 -8.66
N THR B 14 4.63 0.36 -9.20
CA THR B 14 5.35 1.47 -8.57
C THR B 14 4.71 2.81 -8.93
N ILE B 15 4.51 3.65 -7.92
CA ILE B 15 3.90 4.96 -8.12
C ILE B 15 4.73 6.05 -7.45
N THR B 16 5.40 6.86 -8.28
CA THR B 16 6.22 7.94 -7.78
C THR B 16 5.38 9.11 -7.29
N LEU B 17 5.66 9.59 -6.09
CA LEU B 17 4.92 10.70 -5.51
C LEU B 17 5.87 11.70 -4.86
N GLU B 18 5.62 12.99 -5.10
CA GLU B 18 6.46 14.05 -4.53
C GLU B 18 5.92 14.48 -3.16
N VAL B 19 6.56 14.00 -2.11
CA VAL B 19 6.16 14.35 -0.75
C VAL B 19 7.34 14.87 0.07
N GLU B 20 7.08 15.19 1.33
CA GLU B 20 8.12 15.70 2.22
C GLU B 20 8.06 15.01 3.58
N PRO B 21 9.17 15.08 4.32
CA PRO B 21 9.26 14.47 5.66
C PRO B 21 8.41 15.20 6.69
N SER B 22 7.92 16.38 6.31
CA SER B 22 7.09 17.18 7.21
C SER B 22 5.61 16.98 6.91
N ASP B 23 5.31 16.60 5.67
CA ASP B 23 3.94 16.37 5.26
C ASP B 23 3.32 15.20 6.03
N THR B 24 2.03 14.97 5.81
CA THR B 24 1.33 13.90 6.49
C THR B 24 0.94 12.79 5.52
N ILE B 25 0.76 11.58 6.05
CA ILE B 25 0.38 10.44 5.23
C ILE B 25 -0.81 10.76 4.34
N GLU B 26 -1.74 11.55 4.88
CA GLU B 26 -2.94 11.93 4.13
C GLU B 26 -2.56 12.55 2.79
N ASN B 27 -1.47 13.31 2.77
CA ASN B 27 -1.01 13.95 1.55
C ASN B 27 -0.38 12.94 0.60
N VAL B 28 0.26 11.93 1.16
CA VAL B 28 0.90 10.89 0.36
C VAL B 28 -0.14 10.01 -0.32
N LYS B 29 -1.14 9.58 0.45
CA LYS B 29 -2.19 8.72 -0.08
C LYS B 29 -3.02 9.47 -1.13
N ALA B 30 -3.20 10.76 -0.91
CA ALA B 30 -3.96 11.59 -1.85
C ALA B 30 -3.40 11.50 -3.26
N LYS B 31 -2.08 11.62 -3.37
CA LYS B 31 -1.41 11.55 -4.66
C LYS B 31 -1.68 10.20 -5.34
N ILE B 32 -1.59 9.13 -4.56
CA ILE B 32 -1.83 7.79 -5.09
C ILE B 32 -3.21 7.68 -5.73
N GLN B 33 -4.15 8.48 -5.24
CA GLN B 33 -5.50 8.48 -5.77
C GLN B 33 -5.53 8.97 -7.21
N ASP B 34 -4.87 10.10 -7.45
CA ASP B 34 -4.81 10.67 -8.79
C ASP B 34 -3.93 9.83 -9.71
N LYS B 35 -3.24 8.85 -9.13
CA LYS B 35 -2.35 7.98 -9.89
C LYS B 35 -3.06 6.68 -10.26
N GLU B 36 -3.57 5.97 -9.25
CA GLU B 36 -4.27 4.72 -9.47
C GLU B 36 -5.78 4.93 -9.52
N GLY B 37 -6.31 5.65 -8.53
CA GLY B 37 -7.74 5.92 -8.48
C GLY B 37 -8.41 5.24 -7.31
N ILE B 38 -7.62 4.88 -6.29
CA ILE B 38 -8.16 4.22 -5.11
C ILE B 38 -8.36 5.21 -3.97
N PRO B 39 -9.53 5.14 -3.32
CA PRO B 39 -9.88 6.02 -2.21
C PRO B 39 -9.06 5.73 -0.95
N PRO B 40 -9.10 6.65 0.02
CA PRO B 40 -8.36 6.52 1.28
C PRO B 40 -8.93 5.41 2.16
N ASP B 41 -10.07 4.87 1.76
CA ASP B 41 -10.73 3.80 2.52
C ASP B 41 -10.16 2.44 2.14
N GLN B 42 -9.58 2.36 0.95
CA GLN B 42 -9.01 1.11 0.46
C GLN B 42 -7.49 1.22 0.35
N GLN B 43 -6.97 2.43 0.52
CA GLN B 43 -5.54 2.67 0.44
C GLN B 43 -4.87 2.44 1.79
N ARG B 44 -3.84 1.61 1.79
CA ARG B 44 -3.10 1.30 3.02
C ARG B 44 -1.60 1.36 2.79
N LEU B 45 -0.94 2.28 3.51
CA LEU B 45 0.51 2.44 3.37
C LEU B 45 1.25 1.39 4.19
N ILE B 46 2.44 1.03 3.73
CA ILE B 46 3.25 0.03 4.41
C ILE B 46 4.72 0.45 4.45
N PHE B 47 5.23 0.71 5.65
CA PHE B 47 6.62 1.12 5.82
C PHE B 47 7.19 0.57 7.13
N ALA B 48 8.47 0.21 7.11
CA ALA B 48 9.13 -0.31 8.29
C ALA B 48 8.51 -1.64 8.72
N GLY B 49 7.73 -2.24 7.82
CA GLY B 49 7.08 -3.50 8.13
C GLY B 49 5.73 -3.32 8.82
N LYS B 50 5.30 -2.07 8.93
CA LYS B 50 4.03 -1.76 9.58
C LYS B 50 3.16 -0.88 8.68
N GLN B 51 1.91 -0.69 9.07
CA GLN B 51 0.99 0.14 8.30
C GLN B 51 0.95 1.56 8.84
N LEU B 52 0.90 2.54 7.94
CA LEU B 52 0.86 3.94 8.34
C LEU B 52 -0.58 4.42 8.48
N GLU B 53 -0.77 5.46 9.28
CA GLU B 53 -2.11 6.03 9.49
C GLU B 53 -2.22 7.41 8.87
N ASP B 54 -3.45 7.87 8.68
CA ASP B 54 -3.70 9.18 8.09
C ASP B 54 -3.58 10.27 9.15
N GLY B 55 -3.31 9.88 10.38
CA GLY B 55 -3.19 10.83 11.46
C GLY B 55 -1.76 10.92 11.99
N ARG B 56 -0.80 10.91 11.08
CA ARG B 56 0.61 10.98 11.47
C ARG B 56 1.44 11.59 10.34
N THR B 57 2.70 11.92 10.65
CA THR B 57 3.60 12.51 9.67
C THR B 57 4.53 11.46 9.06
N LEU B 58 4.98 11.71 7.85
CA LEU B 58 5.88 10.79 7.16
C LEU B 58 7.15 10.54 7.97
N SER B 59 7.71 11.63 8.50
CA SER B 59 8.93 11.53 9.30
C SER B 59 8.71 10.63 10.52
N ASP B 60 7.46 10.51 10.93
CA ASP B 60 7.11 9.68 12.09
C ASP B 60 7.45 8.21 11.81
N TYR B 61 7.33 7.81 10.55
CA TYR B 61 7.62 6.43 10.16
C TYR B 61 9.02 6.31 9.57
N ASN B 62 9.81 7.36 9.74
CA ASN B 62 11.18 7.38 9.23
C ASN B 62 11.18 7.32 7.71
N ILE B 63 10.18 7.92 7.08
CA ILE B 63 10.07 7.93 5.63
C ILE B 63 11.14 8.82 5.01
N GLN B 64 12.25 8.22 4.60
CA GLN B 64 13.34 8.95 3.99
C GLN B 64 13.12 9.11 2.48
N LYS B 65 13.99 9.88 1.83
CA LYS B 65 13.89 10.11 0.41
C LYS B 65 13.91 8.79 -0.37
N GLU B 66 13.19 8.75 -1.49
CA GLU B 66 13.12 7.55 -2.31
C GLU B 66 12.64 6.35 -1.49
N SER B 67 11.89 6.64 -0.42
CA SER B 67 11.36 5.60 0.44
C SER B 67 10.52 4.60 -0.36
N THR B 68 10.77 3.31 -0.13
CA THR B 68 10.03 2.26 -0.83
C THR B 68 8.72 1.95 -0.12
N LEU B 69 7.68 2.70 -0.46
CA LEU B 69 6.37 2.50 0.16
C LEU B 69 5.61 1.36 -0.54
N HIS B 70 4.66 0.77 0.17
CA HIS B 70 3.87 -0.32 -0.38
C HIS B 70 2.38 -0.07 -0.18
N LEU B 71 1.63 -0.03 -1.27
CA LEU B 71 0.19 0.20 -1.21
C LEU B 71 -0.57 -1.12 -1.14
N VAL B 72 -1.45 -1.23 -0.13
CA VAL B 72 -2.23 -2.45 0.05
C VAL B 72 -3.73 -2.12 0.11
N LEU B 73 -4.55 -3.05 -0.37
CA LEU B 73 -5.99 -2.86 -0.37
C LEU B 73 -6.56 -3.04 1.03
N ARG B 74 -7.38 -2.09 1.47
CA ARG B 74 -8.00 -2.15 2.78
C ARG B 74 -9.36 -2.82 2.71
N LEU B 75 -9.85 -3.27 3.87
CA LEU B 75 -11.14 -3.94 3.94
C LEU B 75 -12.22 -3.13 3.24
N ARG B 76 -12.94 -3.78 2.33
CA ARG B 76 -14.00 -3.10 1.58
C ARG B 76 -15.35 -3.27 2.28
N GLY B 77 -15.76 -2.22 3.00
CA GLY B 77 -17.03 -2.27 3.71
C GLY B 77 -17.73 -0.92 3.72
N GLY B 78 -17.36 -0.05 2.78
CA GLY B 78 -17.98 1.25 2.71
C GLY B 78 -16.95 2.37 2.56
N PRO A 62 3.26 -19.37 4.28
CA PRO A 62 1.85 -19.08 3.99
C PRO A 62 1.64 -18.61 2.56
N LEU A 63 2.74 -18.37 1.86
CA LEU A 63 2.68 -17.91 0.47
C LEU A 63 2.38 -19.08 -0.47
N CYS A 64 1.25 -19.74 -0.25
CA CYS A 64 0.85 -20.87 -1.07
C CYS A 64 -0.37 -20.52 -1.92
N SER A 65 -1.07 -19.46 -1.53
CA SER A 65 -2.25 -19.01 -2.26
C SER A 65 -2.25 -17.50 -2.44
N LEU A 66 -1.74 -17.05 -3.58
CA LEU A 66 -1.67 -15.62 -3.88
C LEU A 66 -2.67 -15.24 -4.96
N PRO A 67 -3.13 -13.98 -4.94
CA PRO A 67 -4.08 -13.47 -5.92
C PRO A 67 -3.48 -13.34 -7.31
N GLU A 68 -4.32 -12.99 -8.29
CA GLU A 68 -3.86 -12.83 -9.67
C GLU A 68 -2.97 -11.61 -9.81
N GLY A 69 -2.00 -11.68 -10.72
CA GLY A 69 -1.09 -10.57 -10.93
C GLY A 69 -0.37 -10.16 -9.67
N VAL A 70 -0.30 -11.07 -8.70
CA VAL A 70 0.36 -10.80 -7.44
C VAL A 70 1.88 -10.82 -7.60
N ASP A 71 2.56 -9.92 -6.90
CA ASP A 71 4.02 -9.83 -6.97
C ASP A 71 4.65 -10.49 -5.74
N GLN A 72 5.27 -11.65 -5.96
CA GLN A 72 5.92 -12.38 -4.88
C GLN A 72 6.86 -11.46 -4.09
N GLU A 73 7.74 -10.78 -4.81
CA GLU A 73 8.70 -9.88 -4.18
C GLU A 73 7.98 -8.90 -3.24
N VAL A 74 6.83 -8.42 -3.67
CA VAL A 74 6.05 -7.48 -2.87
C VAL A 74 5.32 -8.20 -1.73
N PHE A 75 4.93 -9.44 -1.98
CA PHE A 75 4.23 -10.23 -0.99
C PHE A 75 5.14 -10.57 0.19
N LYS A 76 6.27 -11.21 -0.12
CA LYS A 76 7.23 -11.60 0.90
C LYS A 76 7.83 -10.36 1.57
N GLN A 77 7.65 -9.21 0.95
CA GLN A 77 8.17 -7.96 1.49
C GLN A 77 7.17 -7.32 2.45
N LEU A 78 5.90 -7.68 2.30
CA LEU A 78 4.85 -7.14 3.15
C LEU A 78 4.78 -7.90 4.47
N PRO A 79 4.20 -7.26 5.49
CA PRO A 79 4.06 -7.85 6.83
C PRO A 79 3.04 -8.99 6.85
N VAL A 80 3.07 -9.79 7.91
CA VAL A 80 2.16 -10.91 8.05
C VAL A 80 0.70 -10.44 8.04
N ASP A 81 0.47 -9.24 8.56
CA ASP A 81 -0.86 -8.67 8.61
C ASP A 81 -1.44 -8.52 7.20
N ILE A 82 -0.60 -8.12 6.26
CA ILE A 82 -1.02 -7.94 4.88
C ILE A 82 -1.13 -9.27 4.15
N GLN A 83 -0.29 -10.22 4.54
CA GLN A 83 -0.28 -11.54 3.93
C GLN A 83 -1.56 -12.30 4.26
N GLU A 84 -1.92 -12.33 5.54
CA GLU A 84 -3.12 -13.02 5.98
C GLU A 84 -4.37 -12.37 5.41
N GLU A 85 -4.31 -11.05 5.23
CA GLU A 85 -5.43 -10.31 4.69
C GLU A 85 -5.68 -10.67 3.22
N ILE A 86 -4.60 -10.77 2.46
CA ILE A 86 -4.69 -11.12 1.04
C ILE A 86 -5.01 -12.60 0.87
N LEU A 87 -4.32 -13.44 1.63
CA LEU A 87 -4.52 -14.89 1.55
C LEU A 87 -5.93 -15.26 2.01
N SER A 88 -6.48 -14.48 2.91
CA SER A 88 -7.82 -14.72 3.43
C SER A 88 -8.87 -14.58 2.32
N GLY A 89 -8.56 -13.75 1.32
CA GLY A 89 -9.47 -13.53 0.23
C GLY A 89 -10.41 -12.37 0.47
N LYS A 90 -9.88 -11.28 1.02
CA LYS A 90 -10.68 -10.10 1.31
C LYS A 90 -10.03 -8.85 0.72
N SER A 91 -10.65 -7.70 0.97
CA SER A 91 -10.14 -6.43 0.46
C SER A 91 -9.74 -6.55 -1.01
N ARG A 92 -10.72 -6.80 -1.86
CA ARG A 92 -10.47 -6.94 -3.30
C ARG A 92 -11.58 -6.28 -4.11
N GLU A 93 -11.51 -4.96 -4.21
CA GLU A 93 -12.51 -4.19 -4.96
C GLU A 93 -11.88 -3.51 -6.16
N LYS A 94 -10.56 -3.31 -6.11
CA LYS A 94 -9.84 -2.67 -7.20
C LYS A 94 -10.07 -3.40 -8.52
N PHE A 95 -9.91 -4.72 -8.49
CA PHE A 95 -10.11 -5.53 -9.68
C PHE A 95 -11.11 -6.65 -9.43
N GLN A 96 -11.46 -7.39 -10.47
CA GLN A 96 -12.42 -8.48 -10.35
C GLN A 96 -11.71 -9.83 -10.45
N GLY A 97 -12.28 -10.84 -9.78
CA GLY A 97 -11.69 -12.16 -9.80
C GLY A 97 -11.40 -12.65 -11.21
N LYS A 98 -10.12 -12.65 -11.58
CA LYS A 98 -9.72 -13.10 -12.91
C LYS A 98 -9.49 -14.61 -12.93
N LEU A 99 -10.36 -15.33 -13.61
CA LEU A 99 -10.24 -16.78 -13.71
C LEU A 99 -10.98 -17.30 -14.94
N MET B 3 11.09 15.38 -1.63
CA MET B 3 11.56 14.02 -1.84
C MET B 3 10.48 13.16 -2.48
N GLN B 4 10.86 12.38 -3.49
CA GLN B 4 9.92 11.51 -4.18
C GLN B 4 9.95 10.09 -3.60
N ILE B 5 8.79 9.50 -3.44
CA ILE B 5 8.68 8.14 -2.90
C ILE B 5 8.00 7.20 -3.89
N PHE B 6 8.41 5.94 -3.88
CA PHE B 6 7.85 4.94 -4.77
C PHE B 6 6.91 4.00 -4.02
N VAL B 7 5.69 3.86 -4.53
CA VAL B 7 4.70 2.99 -3.89
C VAL B 7 4.44 1.75 -4.75
N LYS B 8 4.91 0.61 -4.27
CA LYS B 8 4.73 -0.65 -4.99
C LYS B 8 3.54 -1.42 -4.43
N THR B 9 2.49 -1.55 -5.24
CA THR B 9 1.29 -2.26 -4.82
C THR B 9 1.52 -3.78 -4.83
N LEU B 10 0.52 -4.52 -4.39
CA LEU B 10 0.61 -5.97 -4.35
C LEU B 10 0.86 -6.54 -5.75
N THR B 11 0.46 -5.78 -6.77
CA THR B 11 0.64 -6.21 -8.15
C THR B 11 1.98 -5.74 -8.70
N GLY B 12 2.81 -5.20 -7.82
CA GLY B 12 4.12 -4.72 -8.24
C GLY B 12 4.03 -3.41 -9.02
N LYS B 13 2.99 -2.65 -8.76
CA LYS B 13 2.79 -1.37 -9.44
C LYS B 13 3.45 -0.23 -8.67
N THR B 14 4.55 0.29 -9.22
CA THR B 14 5.28 1.37 -8.58
C THR B 14 4.65 2.72 -8.90
N ILE B 15 4.44 3.53 -7.87
CA ILE B 15 3.84 4.84 -8.03
C ILE B 15 4.69 5.93 -7.37
N THR B 16 5.23 6.83 -8.18
CA THR B 16 6.06 7.91 -7.66
C THR B 16 5.21 9.03 -7.09
N LEU B 17 5.51 9.43 -5.86
CA LEU B 17 4.77 10.51 -5.20
C LEU B 17 5.70 11.59 -4.69
N GLU B 18 5.35 12.84 -4.95
CA GLU B 18 6.16 13.98 -4.52
C GLU B 18 5.68 14.51 -3.17
N VAL B 19 6.38 14.10 -2.10
CA VAL B 19 6.02 14.54 -0.76
C VAL B 19 7.24 15.03 0.00
N GLU B 20 7.04 15.43 1.25
CA GLU B 20 8.13 15.93 2.08
C GLU B 20 8.13 15.24 3.45
N PRO B 21 9.28 15.30 4.13
CA PRO B 21 9.44 14.69 5.46
C PRO B 21 8.65 15.42 6.54
N SER B 22 8.11 16.58 6.17
CA SER B 22 7.32 17.39 7.11
C SER B 22 5.83 17.20 6.87
N ASP B 23 5.47 16.82 5.65
CA ASP B 23 4.08 16.60 5.29
C ASP B 23 3.48 15.46 6.10
N THR B 24 2.18 15.24 5.93
CA THR B 24 1.49 14.17 6.64
C THR B 24 1.04 13.06 5.70
N ILE B 25 0.82 11.87 6.24
CA ILE B 25 0.39 10.74 5.43
C ILE B 25 -0.85 11.08 4.62
N GLU B 26 -1.69 11.95 5.16
CA GLU B 26 -2.91 12.36 4.48
C GLU B 26 -2.59 12.96 3.11
N ASN B 27 -1.48 13.67 3.02
CA ASN B 27 -1.06 14.29 1.78
C ASN B 27 -0.56 13.24 0.79
N VAL B 28 0.24 12.29 1.29
CA VAL B 28 0.79 11.23 0.45
C VAL B 28 -0.33 10.36 -0.13
N LYS B 29 -1.30 10.02 0.71
CA LYS B 29 -2.42 9.20 0.29
C LYS B 29 -3.21 9.87 -0.83
N ALA B 30 -3.43 11.17 -0.68
CA ALA B 30 -4.17 11.94 -1.67
C ALA B 30 -3.55 11.79 -3.05
N LYS B 31 -2.22 11.78 -3.11
CA LYS B 31 -1.50 11.65 -4.36
C LYS B 31 -1.79 10.29 -5.00
N ILE B 32 -1.81 9.24 -4.19
CA ILE B 32 -2.08 7.90 -4.68
C ILE B 32 -3.44 7.82 -5.36
N GLN B 33 -4.37 8.66 -4.91
CA GLN B 33 -5.72 8.69 -5.46
C GLN B 33 -5.70 9.18 -6.90
N ASP B 34 -4.94 10.25 -7.15
CA ASP B 34 -4.84 10.83 -8.48
C ASP B 34 -3.92 9.99 -9.36
N LYS B 35 -3.31 8.97 -8.78
CA LYS B 35 -2.41 8.09 -9.50
C LYS B 35 -3.12 6.80 -9.91
N GLU B 36 -3.67 6.10 -8.92
CA GLU B 36 -4.38 4.85 -9.18
C GLU B 36 -5.89 5.08 -9.23
N GLY B 37 -6.41 5.78 -8.23
CA GLY B 37 -7.83 6.06 -8.17
C GLY B 37 -8.51 5.37 -7.01
N ILE B 38 -7.72 4.99 -6.01
CA ILE B 38 -8.27 4.32 -4.84
C ILE B 38 -8.39 5.28 -3.66
N PRO B 39 -9.55 5.23 -2.98
CA PRO B 39 -9.82 6.09 -1.83
C PRO B 39 -8.98 5.73 -0.61
N PRO B 40 -9.01 6.60 0.41
CA PRO B 40 -8.25 6.39 1.65
C PRO B 40 -8.81 5.23 2.48
N ASP B 41 -9.95 4.70 2.06
CA ASP B 41 -10.58 3.60 2.76
C ASP B 41 -10.09 2.25 2.23
N GLN B 42 -9.52 2.27 1.02
CA GLN B 42 -9.01 1.06 0.39
C GLN B 42 -7.50 1.12 0.27
N GLN B 43 -6.94 2.31 0.42
CA GLN B 43 -5.49 2.49 0.32
C GLN B 43 -4.82 2.24 1.67
N ARG B 44 -3.78 1.40 1.66
CA ARG B 44 -3.05 1.09 2.87
C ARG B 44 -1.54 1.18 2.65
N LEU B 45 -0.91 2.16 3.30
CA LEU B 45 0.52 2.36 3.16
C LEU B 45 1.29 1.46 4.12
N ILE B 46 2.34 0.83 3.61
CA ILE B 46 3.16 -0.08 4.42
C ILE B 46 4.61 0.38 4.44
N PHE B 47 5.09 0.75 5.63
CA PHE B 47 6.46 1.21 5.79
C PHE B 47 7.07 0.66 7.08
N ALA B 48 8.36 0.31 7.01
CA ALA B 48 9.05 -0.21 8.19
C ALA B 48 8.47 -1.56 8.61
N GLY B 49 7.68 -2.15 7.73
CA GLY B 49 7.07 -3.44 8.04
C GLY B 49 5.74 -3.29 8.77
N LYS B 50 5.22 -2.07 8.78
CA LYS B 50 3.94 -1.80 9.44
C LYS B 50 3.08 -0.87 8.60
N GLN B 51 1.85 -0.64 9.05
CA GLN B 51 0.92 0.22 8.33
C GLN B 51 0.97 1.64 8.90
N LEU B 52 0.82 2.63 8.02
CA LEU B 52 0.84 4.03 8.42
C LEU B 52 -0.57 4.58 8.59
N GLU B 53 -0.71 5.62 9.40
CA GLU B 53 -2.01 6.22 9.64
C GLU B 53 -2.08 7.62 9.04
N ASP B 54 -3.29 8.12 8.82
CA ASP B 54 -3.49 9.44 8.26
C ASP B 54 -3.33 10.52 9.32
N GLY B 55 -3.09 10.10 10.56
CA GLY B 55 -2.93 11.03 11.65
C GLY B 55 -1.50 11.12 12.14
N ARG B 56 -0.55 11.09 11.22
CA ARG B 56 0.86 11.15 11.56
C ARG B 56 1.68 11.77 10.43
N THR B 57 2.93 12.08 10.72
CA THR B 57 3.82 12.69 9.73
C THR B 57 4.75 11.63 9.12
N LEU B 58 5.17 11.88 7.88
CA LEU B 58 6.06 10.97 7.18
C LEU B 58 7.35 10.75 7.97
N SER B 59 7.94 11.84 8.44
CA SER B 59 9.19 11.77 9.21
C SER B 59 9.02 10.84 10.41
N ASP B 60 7.79 10.71 10.88
CA ASP B 60 7.50 9.85 12.03
C ASP B 60 7.70 8.38 11.68
N TYR B 61 7.54 8.05 10.40
CA TYR B 61 7.72 6.69 9.94
C TYR B 61 9.09 6.49 9.33
N ASN B 62 9.96 7.49 9.48
CA ASN B 62 11.31 7.42 8.94
C ASN B 62 11.29 7.36 7.42
N ILE B 63 10.30 8.01 6.82
CA ILE B 63 10.17 8.03 5.37
C ILE B 63 11.27 8.86 4.73
N GLN B 64 12.32 8.19 4.26
CA GLN B 64 13.44 8.87 3.63
C GLN B 64 13.22 9.01 2.13
N LYS B 65 14.04 9.83 1.49
CA LYS B 65 13.94 10.05 0.05
C LYS B 65 13.91 8.72 -0.70
N GLU B 66 13.08 8.65 -1.75
CA GLU B 66 12.97 7.44 -2.56
C GLU B 66 12.53 6.26 -1.69
N SER B 67 11.79 6.56 -0.62
CA SER B 67 11.30 5.53 0.28
C SER B 67 10.48 4.49 -0.47
N THR B 68 10.77 3.22 -0.24
CA THR B 68 10.04 2.14 -0.89
C THR B 68 8.76 1.80 -0.15
N LEU B 69 7.67 2.48 -0.50
CA LEU B 69 6.38 2.26 0.14
C LEU B 69 5.61 1.14 -0.56
N HIS B 70 4.64 0.57 0.13
CA HIS B 70 3.83 -0.50 -0.43
C HIS B 70 2.34 -0.21 -0.24
N LEU B 71 1.58 -0.28 -1.33
CA LEU B 71 0.15 -0.03 -1.29
C LEU B 71 -0.64 -1.32 -1.26
N VAL B 72 -1.39 -1.54 -0.19
CA VAL B 72 -2.19 -2.75 -0.05
C VAL B 72 -3.68 -2.42 0.00
N LEU B 73 -4.49 -3.25 -0.65
CA LEU B 73 -5.93 -3.06 -0.68
C LEU B 73 -6.55 -3.30 0.70
N ARG B 74 -7.32 -2.34 1.18
CA ARG B 74 -7.98 -2.45 2.48
C ARG B 74 -9.35 -3.09 2.34
N LEU B 75 -9.89 -3.56 3.47
CA LEU B 75 -11.20 -4.19 3.48
C LEU B 75 -12.24 -3.32 2.78
N ARG B 76 -12.99 -3.92 1.87
CA ARG B 76 -14.02 -3.21 1.13
C ARG B 76 -15.40 -3.39 1.78
N GLY B 77 -15.84 -2.38 2.52
CA GLY B 77 -17.13 -2.45 3.18
C GLY B 77 -18.05 -1.31 2.79
N GLY B 78 -17.74 -0.66 1.68
CA GLY B 78 -18.55 0.45 1.21
C GLY B 78 -19.97 0.03 0.90
N PRO A 62 2.83 -20.39 2.89
CA PRO A 62 1.87 -19.28 2.93
C PRO A 62 1.59 -18.72 1.54
N LEU A 63 2.47 -19.00 0.60
CA LEU A 63 2.31 -18.52 -0.77
C LEU A 63 1.73 -19.61 -1.67
N CYS A 64 0.63 -20.21 -1.23
CA CYS A 64 -0.02 -21.27 -1.99
C CYS A 64 -1.27 -20.74 -2.69
N SER A 65 -1.78 -19.61 -2.21
CA SER A 65 -2.97 -19.00 -2.78
C SER A 65 -2.83 -17.48 -2.87
N LEU A 66 -2.39 -17.00 -4.01
CA LEU A 66 -2.20 -15.57 -4.23
C LEU A 66 -3.22 -15.03 -5.22
N PRO A 67 -3.56 -13.74 -5.09
CA PRO A 67 -4.52 -13.07 -5.98
C PRO A 67 -3.97 -12.88 -7.39
N GLU A 68 -4.84 -12.42 -8.29
CA GLU A 68 -4.44 -12.21 -9.68
C GLU A 68 -3.47 -11.03 -9.79
N GLY A 69 -2.54 -11.12 -10.72
CA GLY A 69 -1.56 -10.06 -10.91
C GLY A 69 -0.78 -9.77 -9.65
N VAL A 70 -0.75 -10.72 -8.74
CA VAL A 70 -0.03 -10.55 -7.48
C VAL A 70 1.48 -10.57 -7.71
N ASP A 71 2.18 -9.72 -6.96
CA ASP A 71 3.64 -9.64 -7.08
C ASP A 71 4.32 -10.43 -5.97
N GLN A 72 4.98 -11.52 -6.35
CA GLN A 72 5.68 -12.37 -5.39
C GLN A 72 6.57 -11.54 -4.49
N GLU A 73 7.49 -10.77 -5.10
CA GLU A 73 8.41 -9.94 -4.34
C GLU A 73 7.66 -9.09 -3.32
N VAL A 74 6.79 -8.21 -3.82
CA VAL A 74 6.02 -7.33 -2.95
C VAL A 74 5.27 -8.14 -1.88
N PHE A 75 4.88 -9.35 -2.23
CA PHE A 75 4.15 -10.22 -1.31
C PHE A 75 5.02 -10.57 -0.10
N LYS A 76 6.18 -11.17 -0.37
CA LYS A 76 7.11 -11.56 0.68
C LYS A 76 7.79 -10.34 1.29
N GLN A 77 7.56 -9.18 0.67
CA GLN A 77 8.15 -7.94 1.16
C GLN A 77 7.25 -7.26 2.18
N LEU A 78 5.98 -7.66 2.18
CA LEU A 78 5.01 -7.08 3.11
C LEU A 78 4.97 -7.88 4.41
N PRO A 79 4.49 -7.24 5.49
CA PRO A 79 4.38 -7.86 6.80
C PRO A 79 3.30 -8.94 6.84
N VAL A 80 3.40 -9.85 7.82
CA VAL A 80 2.44 -10.92 7.97
C VAL A 80 1.01 -10.38 7.99
N ASP A 81 0.86 -9.15 8.46
CA ASP A 81 -0.45 -8.51 8.53
C ASP A 81 -1.10 -8.45 7.15
N ILE A 82 -0.29 -8.15 6.14
CA ILE A 82 -0.79 -8.06 4.77
C ILE A 82 -0.94 -9.44 4.14
N GLN A 83 0.04 -10.30 4.37
CA GLN A 83 0.01 -11.66 3.83
C GLN A 83 -1.26 -12.38 4.26
N GLU A 84 -1.55 -12.35 5.56
CA GLU A 84 -2.73 -13.01 6.09
C GLU A 84 -4.00 -12.37 5.54
N GLU A 85 -3.94 -11.05 5.32
CA GLU A 85 -5.09 -10.32 4.80
C GLU A 85 -5.40 -10.73 3.37
N ILE A 86 -4.35 -10.85 2.56
CA ILE A 86 -4.50 -11.24 1.16
C ILE A 86 -4.87 -12.71 1.04
N LEU A 87 -4.33 -13.54 1.93
CA LEU A 87 -4.60 -14.96 1.92
C LEU A 87 -6.07 -15.24 2.26
N SER A 88 -6.62 -14.42 3.14
CA SER A 88 -8.01 -14.57 3.56
C SER A 88 -8.96 -14.34 2.39
N GLY A 89 -8.50 -13.61 1.38
CA GLY A 89 -9.32 -13.33 0.22
C GLY A 89 -10.16 -12.08 0.38
N LYS A 90 -9.80 -11.26 1.37
CA LYS A 90 -10.52 -10.01 1.62
C LYS A 90 -9.83 -8.83 0.97
N SER A 91 -10.36 -7.63 1.19
CA SER A 91 -9.79 -6.42 0.62
C SER A 91 -9.49 -6.62 -0.86
N ARG A 92 -10.52 -6.87 -1.64
CA ARG A 92 -10.36 -7.08 -3.08
C ARG A 92 -11.49 -6.40 -3.85
N GLU A 93 -11.30 -5.11 -4.15
CA GLU A 93 -12.30 -4.35 -4.89
C GLU A 93 -11.73 -3.86 -6.22
N LYS A 94 -10.42 -3.68 -6.28
CA LYS A 94 -9.77 -3.23 -7.49
C LYS A 94 -10.17 -4.08 -8.69
N PHE A 95 -9.82 -5.36 -8.64
CA PHE A 95 -10.14 -6.29 -9.72
C PHE A 95 -11.23 -7.27 -9.29
N GLN A 96 -11.75 -8.02 -10.25
CA GLN A 96 -12.80 -8.99 -9.98
C GLN A 96 -12.30 -10.08 -9.03
N GLY A 97 -12.86 -10.14 -7.83
CA GLY A 97 -12.45 -11.14 -6.86
C GLY A 97 -12.67 -12.54 -7.36
N LYS A 98 -12.14 -13.52 -6.64
CA LYS A 98 -12.26 -14.92 -7.02
C LYS A 98 -12.46 -15.81 -5.79
N LEU A 99 -13.72 -16.16 -5.52
CA LEU A 99 -14.04 -17.01 -4.39
C LEU A 99 -15.07 -18.08 -4.76
N MET B 3 11.20 15.40 -1.67
CA MET B 3 11.71 14.05 -1.91
C MET B 3 10.64 13.17 -2.55
N GLN B 4 11.04 12.40 -3.54
CA GLN B 4 10.12 11.51 -4.25
C GLN B 4 10.15 10.11 -3.66
N ILE B 5 8.97 9.54 -3.43
CA ILE B 5 8.85 8.21 -2.86
C ILE B 5 8.19 7.25 -3.85
N PHE B 6 8.57 5.98 -3.78
CA PHE B 6 8.01 4.96 -4.66
C PHE B 6 7.04 4.07 -3.91
N VAL B 7 5.83 3.94 -4.44
CA VAL B 7 4.80 3.11 -3.82
C VAL B 7 4.52 1.87 -4.65
N LYS B 8 4.97 0.71 -4.15
CA LYS B 8 4.76 -0.55 -4.85
C LYS B 8 3.55 -1.29 -4.28
N THR B 9 2.50 -1.41 -5.10
CA THR B 9 1.28 -2.10 -4.68
C THR B 9 1.47 -3.61 -4.72
N LEU B 10 0.48 -4.34 -4.21
CA LEU B 10 0.53 -5.80 -4.19
C LEU B 10 0.67 -6.35 -5.61
N THR B 11 0.28 -5.55 -6.59
CA THR B 11 0.35 -5.96 -7.99
C THR B 11 1.66 -5.49 -8.63
N GLY B 12 2.67 -5.28 -7.80
CA GLY B 12 3.96 -4.82 -8.31
C GLY B 12 3.83 -3.57 -9.15
N LYS B 13 3.15 -2.56 -8.61
CA LYS B 13 2.96 -1.29 -9.33
C LYS B 13 3.60 -0.14 -8.56
N THR B 14 4.71 0.38 -9.09
CA THR B 14 5.41 1.48 -8.46
C THR B 14 4.77 2.81 -8.81
N ILE B 15 4.58 3.66 -7.80
CA ILE B 15 3.98 4.97 -8.02
C ILE B 15 4.81 6.07 -7.37
N THR B 16 5.48 6.87 -8.21
CA THR B 16 6.32 7.95 -7.72
C THR B 16 5.46 9.14 -7.26
N LEU B 17 5.75 9.63 -6.06
CA LEU B 17 5.01 10.76 -5.50
C LEU B 17 5.96 11.79 -4.91
N GLU B 18 5.74 13.06 -5.22
CA GLU B 18 6.57 14.14 -4.71
C GLU B 18 6.04 14.65 -3.37
N VAL B 19 6.67 14.20 -2.29
CA VAL B 19 6.27 14.61 -0.95
C VAL B 19 7.46 15.10 -0.14
N GLU B 20 7.20 15.49 1.10
CA GLU B 20 8.26 15.97 1.98
C GLU B 20 8.21 15.26 3.33
N PRO B 21 9.33 15.31 4.08
CA PRO B 21 9.45 14.67 5.38
C PRO B 21 8.60 15.38 6.44
N SER B 22 8.12 16.57 6.11
CA SER B 22 7.29 17.35 7.03
C SER B 22 5.81 17.15 6.74
N ASP B 23 5.50 16.78 5.50
CA ASP B 23 4.12 16.56 5.08
C ASP B 23 3.48 15.45 5.92
N THR B 24 2.19 15.23 5.70
CA THR B 24 1.46 14.20 6.43
C THR B 24 1.09 13.04 5.52
N ILE B 25 0.88 11.87 6.13
CA ILE B 25 0.52 10.68 5.37
C ILE B 25 -0.66 10.95 4.44
N GLU B 26 -1.54 11.86 4.85
CA GLU B 26 -2.71 12.21 4.06
C GLU B 26 -2.30 12.76 2.70
N ASN B 27 -1.23 13.55 2.68
CA ASN B 27 -0.73 14.14 1.44
C ASN B 27 -0.20 13.07 0.50
N VAL B 28 0.47 12.07 1.07
CA VAL B 28 1.02 10.97 0.28
C VAL B 28 -0.07 10.03 -0.22
N LYS B 29 -1.08 9.83 0.62
CA LYS B 29 -2.20 8.95 0.26
C LYS B 29 -3.07 9.60 -0.80
N ALA B 30 -3.27 10.91 -0.69
CA ALA B 30 -4.09 11.64 -1.66
C ALA B 30 -3.53 11.50 -3.06
N LYS B 31 -2.23 11.76 -3.21
CA LYS B 31 -1.57 11.65 -4.51
C LYS B 31 -1.81 10.28 -5.14
N ILE B 32 -1.66 9.24 -4.34
CA ILE B 32 -1.86 7.88 -4.82
C ILE B 32 -3.23 7.71 -5.46
N GLN B 33 -4.22 8.44 -4.95
CA GLN B 33 -5.57 8.39 -5.48
C GLN B 33 -5.61 8.88 -6.92
N ASP B 34 -4.96 10.02 -7.17
CA ASP B 34 -4.93 10.60 -8.51
C ASP B 34 -4.00 9.81 -9.42
N LYS B 35 -3.30 8.84 -8.85
CA LYS B 35 -2.38 8.00 -9.61
C LYS B 35 -3.04 6.69 -10.02
N GLU B 36 -3.60 5.98 -9.04
CA GLU B 36 -4.26 4.70 -9.31
C GLU B 36 -5.78 4.88 -9.31
N GLY B 37 -6.29 5.54 -8.27
CA GLY B 37 -7.72 5.76 -8.17
C GLY B 37 -8.35 4.99 -7.01
N ILE B 38 -7.58 4.81 -5.94
CA ILE B 38 -8.07 4.09 -4.77
C ILE B 38 -8.36 5.05 -3.63
N PRO B 39 -9.55 4.91 -3.03
CA PRO B 39 -9.99 5.75 -1.92
C PRO B 39 -9.20 5.47 -0.63
N PRO B 40 -9.28 6.40 0.32
CA PRO B 40 -8.58 6.27 1.61
C PRO B 40 -9.19 5.19 2.49
N ASP B 41 -10.33 4.65 2.06
CA ASP B 41 -11.01 3.60 2.81
C ASP B 41 -10.46 2.23 2.44
N GLN B 42 -9.97 2.10 1.21
CA GLN B 42 -9.42 0.83 0.74
C GLN B 42 -7.92 0.95 0.51
N GLN B 43 -7.38 2.15 0.71
CA GLN B 43 -5.96 2.39 0.53
C GLN B 43 -5.21 2.25 1.84
N ARG B 44 -4.14 1.45 1.83
CA ARG B 44 -3.34 1.23 3.02
C ARG B 44 -1.85 1.35 2.70
N LEU B 45 -1.11 2.01 3.58
CA LEU B 45 0.33 2.20 3.39
C LEU B 45 1.11 1.19 4.21
N ILE B 46 2.34 0.91 3.77
CA ILE B 46 3.20 -0.05 4.48
C ILE B 46 4.64 0.45 4.51
N PHE B 47 5.13 0.73 5.71
CA PHE B 47 6.51 1.20 5.89
C PHE B 47 7.10 0.68 7.19
N ALA B 48 8.39 0.37 7.17
CA ALA B 48 9.08 -0.13 8.34
C ALA B 48 8.53 -1.47 8.77
N GLY B 49 7.77 -2.12 7.88
CA GLY B 49 7.19 -3.40 8.18
C GLY B 49 5.89 -3.29 8.95
N LYS B 50 5.31 -2.09 8.96
CA LYS B 50 4.06 -1.85 9.66
C LYS B 50 3.08 -1.08 8.77
N GLN B 51 1.94 -0.72 9.34
CA GLN B 51 0.91 0.02 8.60
C GLN B 51 0.85 1.46 9.07
N LEU B 52 0.97 2.39 8.14
CA LEU B 52 0.92 3.81 8.46
C LEU B 52 -0.52 4.30 8.56
N GLU B 53 -0.71 5.43 9.23
CA GLU B 53 -2.04 6.00 9.41
C GLU B 53 -2.14 7.37 8.74
N ASP B 54 -3.37 7.81 8.50
CA ASP B 54 -3.61 9.10 7.87
C ASP B 54 -3.53 10.23 8.89
N GLY B 55 -3.26 9.87 10.15
CA GLY B 55 -3.17 10.86 11.20
C GLY B 55 -1.77 10.98 11.77
N ARG B 56 -0.78 10.99 10.88
CA ARG B 56 0.61 11.09 11.31
C ARG B 56 1.47 11.74 10.23
N THR B 57 2.71 12.08 10.58
CA THR B 57 3.62 12.71 9.64
C THR B 57 4.63 11.71 9.09
N LEU B 58 5.03 11.90 7.84
CA LEU B 58 5.99 11.01 7.20
C LEU B 58 7.24 10.85 8.06
N SER B 59 7.75 11.97 8.57
CA SER B 59 8.94 11.95 9.41
C SER B 59 8.74 11.04 10.61
N ASP B 60 7.50 10.89 11.04
CA ASP B 60 7.18 10.05 12.19
C ASP B 60 7.53 8.59 11.91
N TYR B 61 7.39 8.20 10.65
CA TYR B 61 7.69 6.82 10.24
C TYR B 61 9.11 6.72 9.67
N ASN B 62 9.87 7.80 9.79
CA ASN B 62 11.24 7.84 9.29
C ASN B 62 11.27 7.66 7.78
N ILE B 63 10.27 8.23 7.11
CA ILE B 63 10.18 8.15 5.65
C ILE B 63 11.29 8.94 4.98
N GLN B 64 12.38 8.27 4.64
CA GLN B 64 13.51 8.91 3.99
C GLN B 64 13.29 9.04 2.50
N LYS B 65 14.08 9.89 1.85
CA LYS B 65 13.97 10.10 0.41
C LYS B 65 13.99 8.77 -0.34
N GLU B 66 13.23 8.71 -1.43
CA GLU B 66 13.18 7.50 -2.24
C GLU B 66 12.68 6.31 -1.41
N SER B 67 11.90 6.62 -0.38
CA SER B 67 11.36 5.59 0.50
C SER B 67 10.55 4.56 -0.29
N THR B 68 10.77 3.29 0.00
CA THR B 68 10.06 2.21 -0.69
C THR B 68 8.75 1.88 0.01
N LEU B 69 7.71 2.63 -0.29
CA LEU B 69 6.39 2.41 0.31
C LEU B 69 5.64 1.30 -0.42
N HIS B 70 4.71 0.67 0.28
CA HIS B 70 3.91 -0.40 -0.30
C HIS B 70 2.43 -0.16 -0.08
N LEU B 71 1.67 -0.10 -1.17
CA LEU B 71 0.24 0.13 -1.09
C LEU B 71 -0.53 -1.19 -1.03
N VAL B 72 -1.38 -1.34 -0.03
CA VAL B 72 -2.17 -2.56 0.14
C VAL B 72 -3.66 -2.24 0.20
N LEU B 73 -4.47 -3.16 -0.30
CA LEU B 73 -5.92 -2.99 -0.31
C LEU B 73 -6.51 -3.26 1.07
N ARG B 74 -7.40 -2.37 1.51
CA ARG B 74 -8.04 -2.52 2.82
C ARG B 74 -9.38 -3.23 2.69
N LEU B 75 -9.93 -3.65 3.83
CA LEU B 75 -11.22 -4.33 3.84
C LEU B 75 -12.28 -3.52 3.12
N ARG B 76 -12.94 -4.15 2.14
CA ARG B 76 -13.97 -3.48 1.37
C ARG B 76 -15.35 -3.76 1.98
N GLY B 77 -15.85 -2.79 2.76
CA GLY B 77 -17.16 -2.95 3.37
C GLY B 77 -17.70 -1.63 3.90
N GLY B 78 -17.26 -0.52 3.31
CA GLY B 78 -17.71 0.78 3.74
C GLY B 78 -18.65 1.43 2.73
#